data_1SS6
#
_entry.id   1SS6
#
_entity_poly.entity_id   1
_entity_poly.type   'polypeptide(L)'
_entity_poly.pdbx_seq_one_letter_code
;GSEKRQHSSQDVHVVLKLWKSGFSLDNGELRSYQDPSNAQFLESIRRGEVPAELRRLAHGGQVNLDMEDHRDEDFVKPKG
AFKAFTGEGQKLGSTAPQVLST
;
_entity_poly.pdbx_strand_id   A
#
# COMPACT_ATOMS: atom_id res chain seq x y z
N GLY A 1 6.10 -0.19 14.50
CA GLY A 1 7.20 0.18 13.58
C GLY A 1 8.51 -0.42 14.01
N SER A 2 9.21 -1.03 13.07
CA SER A 2 10.46 -1.71 13.37
C SER A 2 11.63 -0.73 13.50
N GLU A 3 11.65 0.28 12.64
CA GLU A 3 12.68 1.32 12.65
C GLU A 3 14.05 0.77 12.26
N LYS A 4 14.68 0.05 13.18
CA LYS A 4 15.99 -0.51 12.93
C LYS A 4 16.22 -1.74 13.81
N ARG A 5 15.65 -2.85 13.36
CA ARG A 5 15.79 -4.13 14.05
C ARG A 5 16.02 -5.21 13.02
N GLN A 6 14.93 -5.54 12.35
CA GLN A 6 14.90 -6.50 11.27
C GLN A 6 13.51 -6.48 10.65
N HIS A 7 13.39 -6.93 9.43
CA HIS A 7 12.10 -6.99 8.78
C HIS A 7 11.41 -8.30 9.09
N SER A 8 10.58 -8.26 10.14
CA SER A 8 9.92 -9.43 10.71
C SER A 8 9.45 -10.42 9.64
N SER A 9 10.13 -11.56 9.58
CA SER A 9 9.83 -12.60 8.61
C SER A 9 8.65 -13.44 9.09
N GLN A 10 7.47 -12.87 9.04
CA GLN A 10 6.26 -13.58 9.44
C GLN A 10 5.30 -13.74 8.28
N ASP A 11 5.86 -13.66 7.07
CA ASP A 11 5.10 -13.83 5.82
C ASP A 11 3.93 -12.83 5.76
N VAL A 12 4.18 -11.65 5.23
CA VAL A 12 3.23 -10.56 5.38
C VAL A 12 2.72 -10.05 4.03
N HIS A 13 1.66 -9.26 4.09
CA HIS A 13 1.03 -8.72 2.90
C HIS A 13 1.41 -7.26 2.71
N VAL A 14 1.81 -6.90 1.51
CA VAL A 14 2.04 -5.52 1.16
C VAL A 14 0.86 -5.03 0.32
N VAL A 15 0.09 -4.13 0.89
CA VAL A 15 -1.14 -3.69 0.26
C VAL A 15 -0.87 -2.70 -0.85
N LEU A 16 -1.45 -2.98 -2.00
CA LEU A 16 -1.43 -2.05 -3.10
C LEU A 16 -2.82 -1.47 -3.27
N LYS A 17 -2.94 -0.18 -3.07
CA LYS A 17 -4.22 0.47 -3.23
C LYS A 17 -4.28 1.23 -4.54
N LEU A 18 -5.43 1.16 -5.19
CA LEU A 18 -5.65 1.79 -6.48
C LEU A 18 -6.42 3.08 -6.25
N TRP A 19 -5.87 4.17 -6.76
CA TRP A 19 -6.44 5.49 -6.55
C TRP A 19 -6.84 6.12 -7.88
N LYS A 20 -7.28 7.37 -7.83
CA LYS A 20 -7.66 8.06 -9.06
C LYS A 20 -6.44 8.62 -9.77
N SER A 21 -5.37 8.83 -9.02
CA SER A 21 -4.13 9.33 -9.60
C SER A 21 -3.14 8.20 -9.82
N GLY A 22 -3.00 7.33 -8.82
CA GLY A 22 -2.04 6.26 -8.93
C GLY A 22 -2.28 5.13 -7.97
N PHE A 23 -1.20 4.63 -7.41
CA PHE A 23 -1.24 3.46 -6.53
C PHE A 23 -0.26 3.64 -5.39
N SER A 24 -0.57 3.07 -4.23
CA SER A 24 0.32 3.15 -3.09
C SER A 24 0.54 1.78 -2.48
N LEU A 25 1.73 1.59 -1.95
CA LEU A 25 2.08 0.33 -1.31
C LEU A 25 2.18 0.59 0.20
N ASP A 26 2.07 -0.46 1.00
CA ASP A 26 2.06 -0.34 2.46
C ASP A 26 3.39 0.24 2.97
N ASN A 27 4.37 0.28 2.09
CA ASN A 27 5.69 0.79 2.40
C ASN A 27 5.83 2.27 2.04
N GLY A 28 5.03 2.73 1.08
CA GLY A 28 5.21 4.08 0.56
C GLY A 28 3.91 4.82 0.40
N GLU A 29 3.93 5.85 -0.44
CA GLU A 29 2.76 6.68 -0.66
C GLU A 29 2.21 6.48 -2.07
N LEU A 30 1.24 7.31 -2.43
CA LEU A 30 0.55 7.19 -3.71
C LEU A 30 1.45 7.69 -4.83
N ARG A 31 1.64 6.85 -5.82
CA ARG A 31 2.38 7.19 -7.02
C ARG A 31 1.46 7.12 -8.23
N SER A 32 1.34 8.23 -8.95
CA SER A 32 0.37 8.35 -10.03
C SER A 32 0.75 7.47 -11.24
N TYR A 33 -0.27 7.03 -11.98
CA TYR A 33 -0.09 6.09 -13.09
C TYR A 33 0.51 6.76 -14.32
N GLN A 34 1.53 7.57 -14.12
CA GLN A 34 2.14 8.32 -15.22
C GLN A 34 3.66 8.36 -15.09
N ASP A 35 4.12 8.58 -13.86
CA ASP A 35 5.54 8.79 -13.57
C ASP A 35 6.39 7.59 -13.99
N PRO A 36 7.54 7.86 -14.65
CA PRO A 36 8.45 6.81 -15.13
C PRO A 36 9.15 6.03 -14.00
N SER A 37 9.10 6.54 -12.78
CA SER A 37 9.70 5.84 -11.65
C SER A 37 8.70 4.87 -11.05
N ASN A 38 7.43 5.19 -11.22
CA ASN A 38 6.36 4.30 -10.77
C ASN A 38 6.18 3.17 -11.76
N ALA A 39 6.71 3.38 -12.96
CA ALA A 39 6.62 2.41 -14.04
C ALA A 39 7.14 1.02 -13.62
N GLN A 40 8.21 0.98 -12.83
CA GLN A 40 8.76 -0.30 -12.35
C GLN A 40 7.69 -1.11 -11.63
N PHE A 41 7.18 -0.54 -10.56
CA PHE A 41 6.06 -1.12 -9.82
C PHE A 41 4.97 -1.58 -10.77
N LEU A 42 4.45 -0.64 -11.54
CA LEU A 42 3.36 -0.93 -12.48
C LEU A 42 3.69 -2.11 -13.38
N GLU A 43 4.91 -2.13 -13.89
CA GLU A 43 5.34 -3.15 -14.84
C GLU A 43 5.52 -4.50 -14.14
N SER A 44 6.23 -4.48 -13.01
CA SER A 44 6.52 -5.69 -12.27
C SER A 44 5.25 -6.29 -11.68
N ILE A 45 4.44 -5.43 -11.09
CA ILE A 45 3.20 -5.86 -10.45
C ILE A 45 2.18 -6.28 -11.51
N ARG A 46 2.32 -5.68 -12.70
CA ARG A 46 1.55 -6.08 -13.87
C ARG A 46 1.78 -7.56 -14.13
N ARG A 47 3.05 -7.92 -14.24
CA ARG A 47 3.45 -9.31 -14.42
C ARG A 47 3.09 -10.16 -13.22
N GLY A 48 3.59 -9.77 -12.07
CA GLY A 48 3.47 -10.56 -10.87
C GLY A 48 4.78 -10.62 -10.14
N GLU A 49 5.78 -9.98 -10.74
CA GLU A 49 7.09 -9.86 -10.14
C GLU A 49 7.06 -8.88 -8.98
N VAL A 50 8.09 -8.92 -8.15
CA VAL A 50 8.08 -8.17 -6.91
C VAL A 50 8.98 -6.93 -6.97
N PRO A 51 8.36 -5.73 -6.84
CA PRO A 51 9.11 -4.50 -6.63
C PRO A 51 9.93 -4.54 -5.34
N ALA A 52 11.10 -3.93 -5.40
CA ALA A 52 12.07 -3.99 -4.32
C ALA A 52 11.52 -3.43 -3.02
N GLU A 53 10.66 -2.43 -3.11
CA GLU A 53 10.10 -1.78 -1.92
C GLU A 53 9.36 -2.78 -1.03
N LEU A 54 8.82 -3.83 -1.65
CA LEU A 54 8.04 -4.81 -0.92
C LEU A 54 8.97 -5.79 -0.21
N ARG A 55 10.01 -6.20 -0.91
CA ARG A 55 11.01 -7.09 -0.32
C ARG A 55 11.89 -6.31 0.67
N ARG A 56 11.92 -4.99 0.50
CA ARG A 56 12.55 -4.12 1.47
C ARG A 56 11.57 -3.72 2.56
N LEU A 57 10.41 -4.37 2.58
CA LEU A 57 9.41 -4.11 3.61
C LEU A 57 9.27 -5.35 4.47
N ALA A 58 8.91 -6.46 3.84
CA ALA A 58 8.93 -7.75 4.50
C ALA A 58 10.28 -8.39 4.30
N HIS A 59 10.61 -9.34 5.15
CA HIS A 59 11.78 -10.17 4.91
C HIS A 59 11.59 -10.87 3.57
N GLY A 60 12.67 -11.36 2.96
CA GLY A 60 12.59 -11.86 1.60
C GLY A 60 11.85 -13.17 1.44
N GLY A 61 10.83 -13.38 2.27
CA GLY A 61 10.02 -14.56 2.18
C GLY A 61 8.70 -14.26 1.50
N GLN A 62 7.60 -14.70 2.09
CA GLN A 62 6.29 -14.38 1.57
C GLN A 62 6.01 -12.89 1.68
N VAL A 63 6.42 -12.17 0.67
CA VAL A 63 5.97 -10.83 0.47
C VAL A 63 4.84 -10.89 -0.55
N ASN A 64 3.61 -10.81 -0.07
CA ASN A 64 2.47 -10.94 -0.96
C ASN A 64 1.80 -9.59 -1.13
N LEU A 65 1.41 -9.26 -2.35
CA LEU A 65 0.83 -7.97 -2.61
C LEU A 65 -0.68 -8.08 -2.78
N ASP A 66 -1.40 -7.43 -1.88
CA ASP A 66 -2.85 -7.47 -1.85
C ASP A 66 -3.40 -6.17 -2.39
N MET A 67 -4.31 -6.24 -3.36
CA MET A 67 -4.80 -5.05 -4.02
C MET A 67 -6.14 -4.58 -3.44
N GLU A 68 -6.25 -3.27 -3.27
CA GLU A 68 -7.49 -2.63 -2.87
C GLU A 68 -7.86 -1.56 -3.88
N ASP A 69 -9.14 -1.26 -3.95
CA ASP A 69 -9.60 -0.16 -4.80
C ASP A 69 -10.17 0.95 -3.92
N HIS A 70 -9.78 2.17 -4.20
CA HIS A 70 -10.30 3.33 -3.48
C HIS A 70 -10.58 4.46 -4.47
N ARG A 71 -9.62 4.65 -5.37
CA ARG A 71 -9.74 5.55 -6.51
C ARG A 71 -10.05 6.98 -6.12
N ASP A 72 -11.32 7.36 -6.11
CA ASP A 72 -11.72 8.75 -5.85
C ASP A 72 -11.54 9.12 -4.37
N GLU A 73 -10.90 8.23 -3.64
CA GLU A 73 -10.53 8.48 -2.26
C GLU A 73 -9.22 9.25 -2.18
N ASP A 74 -8.70 9.64 -3.34
CA ASP A 74 -7.41 10.31 -3.45
C ASP A 74 -6.30 9.42 -2.94
N PHE A 75 -5.85 9.68 -1.73
CA PHE A 75 -4.81 8.87 -1.10
C PHE A 75 -4.99 8.76 0.41
N VAL A 76 -5.14 7.52 0.87
CA VAL A 76 -5.19 7.19 2.30
C VAL A 76 -4.58 5.80 2.55
N LYS A 77 -3.32 5.77 2.96
CA LYS A 77 -2.63 4.50 3.22
C LYS A 77 -1.75 4.59 4.50
N PRO A 78 -0.70 5.41 4.49
CA PRO A 78 0.14 5.68 5.67
C PRO A 78 -0.59 6.53 6.71
N LYS A 79 -1.45 7.39 6.17
CA LYS A 79 -2.23 8.36 6.95
C LYS A 79 -2.70 7.83 8.31
N GLY A 80 -3.28 6.64 8.33
CA GLY A 80 -3.75 6.08 9.58
C GLY A 80 -4.72 4.95 9.34
N ALA A 81 -5.09 4.27 10.43
CA ALA A 81 -6.01 3.14 10.38
C ALA A 81 -5.42 2.01 9.54
N PHE A 82 -6.23 1.01 9.24
CA PHE A 82 -5.79 -0.09 8.42
C PHE A 82 -6.76 -0.30 7.27
N LYS A 83 -6.21 -0.53 6.08
CA LYS A 83 -6.97 -0.66 4.83
C LYS A 83 -7.68 0.64 4.44
N ALA A 84 -7.66 1.62 5.34
CA ALA A 84 -8.30 2.92 5.13
C ALA A 84 -9.82 2.76 4.96
N PHE A 85 -10.36 1.79 5.69
CA PHE A 85 -11.81 1.54 5.73
C PHE A 85 -12.37 1.07 4.39
N THR A 86 -12.05 -0.18 4.04
CA THR A 86 -12.62 -0.82 2.86
C THR A 86 -13.80 -1.71 3.26
N GLY A 87 -14.27 -1.55 4.49
CA GLY A 87 -15.32 -2.40 5.01
C GLY A 87 -16.70 -1.84 4.75
N GLU A 88 -17.38 -2.43 3.76
CA GLU A 88 -18.72 -1.99 3.35
C GLU A 88 -18.75 -0.49 3.07
N GLY A 89 -18.26 -0.12 1.90
CA GLY A 89 -18.14 1.28 1.56
C GLY A 89 -16.71 1.66 1.30
N GLN A 90 -16.38 2.93 1.44
CA GLN A 90 -15.03 3.39 1.20
C GLN A 90 -14.71 4.59 2.06
N LYS A 91 -13.84 4.40 3.06
CA LYS A 91 -13.37 5.45 3.98
C LYS A 91 -14.47 5.86 4.98
N LEU A 92 -15.70 5.94 4.50
CA LEU A 92 -16.87 6.17 5.35
C LEU A 92 -16.69 7.42 6.22
N GLY A 93 -16.52 8.56 5.56
CA GLY A 93 -16.48 9.83 6.26
C GLY A 93 -15.11 10.20 6.78
N SER A 94 -14.30 9.19 7.13
CA SER A 94 -12.98 9.38 7.73
C SER A 94 -13.03 10.42 8.85
N THR A 95 -13.95 10.22 9.78
CA THR A 95 -14.12 11.15 10.89
C THR A 95 -13.10 10.90 11.99
N ALA A 96 -11.83 10.97 11.62
CA ALA A 96 -10.74 10.80 12.56
C ALA A 96 -9.93 12.09 12.66
N PRO A 97 -10.28 12.99 13.59
CA PRO A 97 -9.55 14.24 13.81
C PRO A 97 -8.15 14.01 14.37
N GLN A 98 -7.88 12.78 14.77
CA GLN A 98 -6.59 12.41 15.31
C GLN A 98 -6.03 11.20 14.56
N VAL A 99 -4.76 10.92 14.75
CA VAL A 99 -4.08 9.86 14.00
C VAL A 99 -4.08 8.56 14.78
N LEU A 100 -3.93 8.67 16.09
CA LEU A 100 -3.90 7.51 16.97
C LEU A 100 -5.20 7.38 17.74
N SER A 101 -5.45 6.19 18.26
CA SER A 101 -6.65 5.91 19.08
C SER A 101 -7.94 5.96 18.26
N THR A 102 -7.80 5.93 16.94
CA THR A 102 -8.95 5.90 16.05
C THR A 102 -8.61 5.08 14.81
N GLY A 1 -19.95 -2.33 7.23
CA GLY A 1 -21.39 -2.69 7.29
C GLY A 1 -22.28 -1.56 6.83
N SER A 2 -23.50 -1.50 7.35
CA SER A 2 -24.40 -0.40 7.07
C SER A 2 -24.02 0.79 7.93
N GLU A 3 -23.10 1.60 7.44
CA GLU A 3 -22.49 2.64 8.26
C GLU A 3 -22.36 3.95 7.48
N LYS A 4 -21.87 4.97 8.17
CA LYS A 4 -21.66 6.28 7.58
C LYS A 4 -20.22 6.40 7.11
N ARG A 5 -19.42 5.39 7.47
CA ARG A 5 -18.02 5.27 7.08
C ARG A 5 -17.17 6.35 7.77
N GLN A 6 -17.09 7.52 7.15
CA GLN A 6 -16.32 8.65 7.68
C GLN A 6 -14.87 8.25 7.98
N HIS A 7 -14.57 8.08 9.27
CA HIS A 7 -13.20 7.79 9.74
C HIS A 7 -12.28 8.98 9.50
N SER A 8 -11.85 9.16 8.27
CA SER A 8 -10.95 10.24 7.92
C SER A 8 -11.72 11.42 7.36
N SER A 9 -11.74 12.52 8.08
CA SER A 9 -12.46 13.69 7.63
C SER A 9 -11.50 14.71 7.04
N GLN A 10 -10.43 14.99 7.77
CA GLN A 10 -9.47 15.98 7.34
C GLN A 10 -8.46 15.37 6.38
N ASP A 11 -7.94 14.22 6.77
CA ASP A 11 -6.89 13.57 6.00
C ASP A 11 -7.00 12.05 6.04
N VAL A 12 -6.65 11.43 4.93
CA VAL A 12 -6.47 9.99 4.90
C VAL A 12 -4.99 9.70 4.68
N HIS A 13 -4.40 9.02 5.63
CA HIS A 13 -3.02 8.59 5.52
C HIS A 13 -2.95 7.09 5.40
N VAL A 14 -2.70 6.59 4.20
CA VAL A 14 -2.65 5.16 3.97
C VAL A 14 -1.21 4.69 3.82
N VAL A 15 -0.85 3.68 4.60
CA VAL A 15 0.46 3.08 4.50
C VAL A 15 0.46 2.01 3.43
N LEU A 16 1.39 2.09 2.51
CA LEU A 16 1.49 1.13 1.43
C LEU A 16 2.73 0.27 1.62
N LYS A 17 2.51 -1.02 1.78
CA LYS A 17 3.62 -1.95 1.88
C LYS A 17 3.76 -2.71 0.55
N LEU A 18 4.99 -2.84 0.10
CA LEU A 18 5.29 -3.51 -1.15
C LEU A 18 5.76 -4.93 -0.84
N TRP A 19 5.27 -5.90 -1.60
CA TRP A 19 5.58 -7.29 -1.34
C TRP A 19 6.09 -7.98 -2.59
N LYS A 20 6.35 -9.27 -2.48
CA LYS A 20 6.81 -10.06 -3.62
C LYS A 20 5.68 -10.32 -4.61
N SER A 21 4.45 -10.34 -4.12
CA SER A 21 3.29 -10.56 -4.97
C SER A 21 2.67 -9.23 -5.40
N GLY A 22 2.50 -8.32 -4.46
CA GLY A 22 1.85 -7.06 -4.78
C GLY A 22 2.10 -5.99 -3.74
N PHE A 23 1.04 -5.28 -3.40
CA PHE A 23 1.13 -4.15 -2.50
C PHE A 23 -0.12 -4.06 -1.64
N SER A 24 0.02 -3.62 -0.40
CA SER A 24 -1.12 -3.46 0.49
C SER A 24 -1.15 -2.06 1.09
N LEU A 25 -2.34 -1.57 1.37
CA LEU A 25 -2.50 -0.24 1.90
C LEU A 25 -3.34 -0.30 3.17
N ASP A 26 -3.58 0.84 3.79
CA ASP A 26 -4.41 0.88 4.99
C ASP A 26 -5.88 0.61 4.63
N ASN A 27 -6.24 0.96 3.40
CA ASN A 27 -7.61 0.80 2.92
C ASN A 27 -7.88 -0.64 2.46
N GLY A 28 -6.83 -1.34 2.07
CA GLY A 28 -6.98 -2.69 1.54
C GLY A 28 -5.70 -3.49 1.62
N GLU A 29 -5.82 -4.79 1.80
CA GLU A 29 -4.68 -5.66 2.06
C GLU A 29 -3.88 -5.97 0.78
N LEU A 30 -2.99 -6.95 0.87
CA LEU A 30 -2.02 -7.24 -0.19
C LEU A 30 -2.72 -7.56 -1.49
N ARG A 31 -2.45 -6.73 -2.49
CA ARG A 31 -2.97 -6.92 -3.83
C ARG A 31 -1.82 -7.13 -4.81
N SER A 32 -1.77 -8.32 -5.41
CA SER A 32 -0.74 -8.65 -6.39
C SER A 32 -0.80 -7.68 -7.58
N TYR A 33 0.39 -7.35 -8.10
CA TYR A 33 0.54 -6.31 -9.13
C TYR A 33 -0.12 -6.71 -10.44
N GLN A 34 -0.48 -7.98 -10.56
CA GLN A 34 -0.95 -8.53 -11.83
C GLN A 34 -2.43 -8.25 -12.07
N ASP A 35 -3.19 -8.11 -10.98
CA ASP A 35 -4.63 -7.87 -11.08
C ASP A 35 -4.94 -6.47 -11.61
N PRO A 36 -5.85 -6.37 -12.60
CA PRO A 36 -6.19 -5.11 -13.27
C PRO A 36 -6.89 -4.07 -12.40
N SER A 37 -7.35 -4.46 -11.20
CA SER A 37 -8.02 -3.52 -10.32
C SER A 37 -6.97 -2.86 -9.45
N ASN A 38 -5.91 -3.61 -9.22
CA ASN A 38 -4.78 -3.13 -8.45
C ASN A 38 -3.91 -2.24 -9.33
N ALA A 39 -4.00 -2.48 -10.64
CA ALA A 39 -3.32 -1.65 -11.62
C ALA A 39 -3.74 -0.19 -11.50
N GLN A 40 -4.96 0.02 -10.99
CA GLN A 40 -5.45 1.37 -10.71
C GLN A 40 -4.50 2.08 -9.76
N PHE A 41 -4.16 1.41 -8.67
CA PHE A 41 -3.23 1.96 -7.69
C PHE A 41 -1.88 2.16 -8.34
N LEU A 42 -1.37 1.09 -8.95
CA LEU A 42 -0.04 1.12 -9.58
C LEU A 42 0.09 2.28 -10.56
N GLU A 43 -0.96 2.56 -11.32
CA GLU A 43 -0.93 3.61 -12.31
C GLU A 43 -0.91 4.98 -11.64
N SER A 44 -1.85 5.23 -10.75
CA SER A 44 -1.95 6.50 -10.05
C SER A 44 -0.68 6.77 -9.26
N ILE A 45 -0.21 5.77 -8.53
CA ILE A 45 0.95 5.93 -7.66
C ILE A 45 2.22 6.07 -8.51
N ARG A 46 2.20 5.46 -9.68
CA ARG A 46 3.27 5.59 -10.66
C ARG A 46 3.44 7.04 -11.07
N ARG A 47 2.33 7.69 -11.38
CA ARG A 47 2.33 9.08 -11.80
C ARG A 47 2.56 10.00 -10.60
N GLY A 48 2.10 9.55 -9.44
CA GLY A 48 2.19 10.37 -8.24
C GLY A 48 0.83 10.93 -7.86
N GLU A 49 -0.18 10.48 -8.58
CA GLU A 49 -1.55 10.93 -8.33
C GLU A 49 -2.19 10.10 -7.23
N VAL A 50 -3.34 10.54 -6.77
CA VAL A 50 -4.03 9.87 -5.70
C VAL A 50 -4.96 8.78 -6.21
N PRO A 51 -4.73 7.52 -5.78
CA PRO A 51 -5.66 6.43 -6.02
C PRO A 51 -7.04 6.72 -5.42
N ALA A 52 -8.09 6.52 -6.22
CA ALA A 52 -9.44 6.87 -5.85
C ALA A 52 -9.90 6.15 -4.58
N GLU A 53 -9.36 4.96 -4.35
CA GLU A 53 -9.74 4.18 -3.17
C GLU A 53 -9.34 4.90 -1.88
N LEU A 54 -8.35 5.77 -1.95
CA LEU A 54 -7.89 6.50 -0.77
C LEU A 54 -8.72 7.75 -0.62
N ARG A 55 -8.98 8.38 -1.76
CA ARG A 55 -9.79 9.58 -1.82
C ARG A 55 -11.22 9.24 -1.42
N ARG A 56 -11.75 8.13 -1.94
CA ARG A 56 -13.11 7.70 -1.59
C ARG A 56 -13.07 6.93 -0.27
N LEU A 57 -12.35 7.48 0.69
CA LEU A 57 -12.29 6.95 2.04
C LEU A 57 -12.36 8.13 3.00
N ALA A 58 -11.42 9.06 2.86
CA ALA A 58 -11.49 10.32 3.58
C ALA A 58 -12.51 11.23 2.92
N HIS A 59 -13.27 11.95 3.74
CA HIS A 59 -14.39 12.76 3.25
C HIS A 59 -14.03 13.57 2.00
N GLY A 60 -12.91 14.27 2.06
CA GLY A 60 -12.43 14.95 0.88
C GLY A 60 -11.44 16.06 1.16
N GLY A 61 -10.25 15.68 1.57
CA GLY A 61 -9.16 16.63 1.62
C GLY A 61 -7.82 15.96 1.53
N GLN A 62 -6.96 16.25 2.49
CA GLN A 62 -5.61 15.73 2.49
C GLN A 62 -5.60 14.22 2.35
N VAL A 63 -5.02 13.75 1.26
CA VAL A 63 -4.99 12.33 0.97
C VAL A 63 -3.58 11.93 0.54
N ASN A 64 -2.85 11.28 1.43
CA ASN A 64 -1.48 10.90 1.14
C ASN A 64 -1.24 9.43 1.42
N LEU A 65 -0.15 8.92 0.87
CA LEU A 65 0.17 7.51 0.94
C LEU A 65 1.65 7.33 1.28
N ASP A 66 1.91 6.47 2.25
CA ASP A 66 3.27 6.20 2.70
C ASP A 66 3.70 4.87 2.13
N MET A 67 4.98 4.54 2.15
CA MET A 67 5.44 3.32 1.48
C MET A 67 6.49 2.56 2.29
N GLU A 68 6.40 1.25 2.20
CA GLU A 68 7.35 0.33 2.80
C GLU A 68 7.73 -0.70 1.76
N ASP A 69 8.92 -1.24 1.87
CA ASP A 69 9.40 -2.18 0.87
C ASP A 69 9.75 -3.53 1.50
N HIS A 70 8.88 -4.50 1.29
CA HIS A 70 9.07 -5.84 1.85
C HIS A 70 8.84 -6.88 0.76
N ARG A 71 9.41 -6.62 -0.40
CA ARG A 71 9.14 -7.42 -1.59
C ARG A 71 10.03 -8.65 -1.60
N ASP A 72 9.82 -9.48 -0.60
CA ASP A 72 10.64 -10.65 -0.34
C ASP A 72 10.14 -11.32 0.94
N GLU A 73 9.59 -10.49 1.81
CA GLU A 73 9.18 -10.92 3.14
C GLU A 73 7.79 -11.52 3.17
N ASP A 74 7.02 -11.31 2.10
CA ASP A 74 5.62 -11.74 2.04
C ASP A 74 4.76 -10.99 3.05
N PHE A 75 3.46 -11.05 2.87
CA PHE A 75 2.50 -10.23 3.62
C PHE A 75 2.60 -10.46 5.12
N VAL A 76 3.02 -9.42 5.83
CA VAL A 76 3.00 -9.41 7.29
C VAL A 76 1.86 -8.49 7.76
N LYS A 77 1.07 -8.03 6.77
CA LYS A 77 -0.11 -7.19 6.97
C LYS A 77 0.26 -5.72 7.17
N PRO A 78 -0.57 -4.79 6.67
CA PRO A 78 -0.33 -3.35 6.80
C PRO A 78 -0.49 -2.92 8.25
N LYS A 79 -1.74 -2.80 8.69
CA LYS A 79 -2.07 -2.59 10.09
C LYS A 79 -1.58 -1.22 10.58
N GLY A 80 -0.29 -1.09 10.83
CA GLY A 80 0.26 0.18 11.24
C GLY A 80 0.67 0.19 12.69
N ALA A 81 1.96 -0.09 12.94
CA ALA A 81 2.56 -0.07 14.27
C ALA A 81 2.11 -1.25 15.13
N PHE A 82 0.86 -1.67 14.95
CA PHE A 82 0.35 -2.85 15.65
C PHE A 82 1.28 -4.04 15.44
N LYS A 83 1.78 -4.17 14.22
CA LYS A 83 2.77 -5.17 13.91
C LYS A 83 3.57 -4.77 12.68
N ALA A 84 4.89 -4.87 12.81
CA ALA A 84 5.80 -4.76 11.67
C ALA A 84 5.67 -3.44 10.94
N PHE A 85 5.77 -2.35 11.69
CA PHE A 85 5.82 -1.04 11.07
C PHE A 85 7.28 -0.68 10.83
N THR A 86 7.95 -1.52 10.05
CA THR A 86 9.38 -1.42 9.86
C THR A 86 9.70 -1.05 8.41
N GLY A 87 9.47 0.21 8.06
CA GLY A 87 9.83 0.68 6.73
C GLY A 87 11.27 1.11 6.67
N GLU A 88 11.68 1.87 7.67
CA GLU A 88 13.06 2.30 7.77
C GLU A 88 13.87 1.26 8.52
N GLY A 89 14.41 0.31 7.78
CA GLY A 89 15.15 -0.79 8.38
C GLY A 89 14.83 -2.10 7.69
N GLN A 90 15.33 -2.27 6.47
CA GLN A 90 15.09 -3.47 5.69
C GLN A 90 16.29 -4.41 5.76
N LYS A 91 16.07 -5.63 5.29
CA LYS A 91 17.10 -6.66 5.32
C LYS A 91 18.17 -6.40 4.28
N LEU A 92 19.32 -5.94 4.72
CA LEU A 92 20.45 -5.75 3.83
C LEU A 92 21.26 -7.05 3.79
N GLY A 93 20.63 -8.09 3.30
CA GLY A 93 21.26 -9.39 3.22
C GLY A 93 20.86 -10.09 1.95
N SER A 94 21.60 -11.13 1.59
CA SER A 94 21.37 -11.86 0.35
C SER A 94 21.52 -10.91 -0.84
N THR A 95 22.64 -10.19 -0.86
CA THR A 95 22.88 -9.18 -1.87
C THR A 95 23.27 -9.80 -3.21
N ALA A 96 22.27 -10.31 -3.91
CA ALA A 96 22.48 -10.89 -5.23
C ALA A 96 21.52 -10.25 -6.23
N PRO A 97 22.02 -9.28 -7.01
CA PRO A 97 21.22 -8.59 -8.04
C PRO A 97 20.61 -9.58 -9.03
N GLN A 98 21.45 -10.45 -9.58
CA GLN A 98 21.01 -11.53 -10.46
C GLN A 98 20.27 -11.02 -11.70
N VAL A 99 19.87 -11.97 -12.54
CA VAL A 99 19.09 -11.65 -13.73
C VAL A 99 17.59 -11.69 -13.40
N LEU A 100 17.24 -12.49 -12.40
CA LEU A 100 15.86 -12.63 -11.97
C LEU A 100 15.78 -12.91 -10.48
N SER A 101 14.86 -12.22 -9.81
CA SER A 101 14.57 -12.47 -8.40
C SER A 101 15.78 -12.20 -7.52
N THR A 102 15.74 -12.74 -6.31
CA THR A 102 16.79 -12.55 -5.32
C THR A 102 16.80 -13.72 -4.34
N GLY A 1 12.73 -16.06 -12.55
CA GLY A 1 13.04 -17.38 -11.95
C GLY A 1 14.32 -17.37 -11.16
N SER A 2 14.83 -18.55 -10.84
CA SER A 2 16.05 -18.70 -10.04
C SER A 2 15.86 -18.17 -8.62
N GLU A 3 16.94 -18.15 -7.85
CA GLU A 3 16.87 -17.72 -6.45
C GLU A 3 18.07 -16.84 -6.11
N LYS A 4 17.86 -15.89 -5.20
CA LYS A 4 18.92 -15.01 -4.71
C LYS A 4 19.54 -14.22 -5.86
N ARG A 5 18.68 -13.54 -6.60
CA ARG A 5 19.13 -12.70 -7.69
C ARG A 5 18.48 -11.32 -7.61
N GLN A 6 18.86 -10.44 -8.55
CA GLN A 6 18.38 -9.06 -8.58
C GLN A 6 18.87 -8.27 -7.37
N HIS A 7 18.60 -6.98 -7.34
CA HIS A 7 18.96 -6.16 -6.18
C HIS A 7 18.21 -6.63 -4.96
N SER A 8 16.88 -6.52 -5.05
CA SER A 8 15.98 -6.83 -3.95
C SER A 8 16.10 -5.80 -2.83
N SER A 9 17.33 -5.53 -2.39
CA SER A 9 17.60 -4.56 -1.35
C SER A 9 17.45 -3.13 -1.87
N GLN A 10 16.38 -2.89 -2.62
CA GLN A 10 16.06 -1.56 -3.11
C GLN A 10 15.06 -0.90 -2.16
N ASP A 11 14.50 -1.73 -1.29
CA ASP A 11 13.44 -1.34 -0.37
C ASP A 11 12.20 -0.88 -1.13
N VAL A 12 11.07 -0.78 -0.43
CA VAL A 12 9.84 -0.41 -1.10
C VAL A 12 9.18 0.79 -0.47
N HIS A 13 8.89 1.78 -1.30
CA HIS A 13 8.03 2.87 -0.90
C HIS A 13 6.68 2.65 -1.54
N VAL A 14 5.73 2.18 -0.75
CA VAL A 14 4.47 1.69 -1.27
C VAL A 14 3.36 2.71 -1.08
N VAL A 15 2.83 3.17 -2.18
CA VAL A 15 1.72 4.09 -2.17
C VAL A 15 0.42 3.32 -1.99
N LEU A 16 -0.33 3.65 -0.96
CA LEU A 16 -1.61 3.01 -0.74
C LEU A 16 -2.71 3.98 -1.13
N LYS A 17 -3.41 3.63 -2.18
CA LYS A 17 -4.52 4.41 -2.65
C LYS A 17 -5.82 3.71 -2.28
N LEU A 18 -6.56 4.32 -1.36
CA LEU A 18 -7.74 3.69 -0.76
C LEU A 18 -8.98 4.24 -1.44
N TRP A 19 -9.68 3.41 -2.20
CA TRP A 19 -10.80 3.86 -3.02
C TRP A 19 -12.13 3.36 -2.49
N LYS A 20 -13.18 3.51 -3.30
CA LYS A 20 -14.53 3.12 -2.89
C LYS A 20 -14.70 1.60 -2.88
N SER A 21 -14.10 0.92 -3.84
CA SER A 21 -14.24 -0.53 -3.94
C SER A 21 -13.19 -1.23 -3.07
N GLY A 22 -11.98 -0.70 -3.08
CA GLY A 22 -10.89 -1.31 -2.34
C GLY A 22 -9.72 -0.36 -2.21
N PHE A 23 -8.54 -0.86 -2.49
CA PHE A 23 -7.34 -0.06 -2.40
C PHE A 23 -6.27 -0.60 -3.36
N SER A 24 -5.39 0.29 -3.80
CA SER A 24 -4.31 -0.07 -4.71
C SER A 24 -2.97 0.35 -4.15
N LEU A 25 -1.91 -0.28 -4.65
CA LEU A 25 -0.57 -0.03 -4.15
C LEU A 25 0.38 0.07 -5.34
N ASP A 26 1.67 -0.06 -5.09
CA ASP A 26 2.62 -0.17 -6.19
C ASP A 26 2.69 -1.63 -6.65
N ASN A 27 2.64 -2.51 -5.66
CA ASN A 27 2.75 -3.96 -5.85
C ASN A 27 1.44 -4.58 -6.36
N GLY A 28 0.44 -3.74 -6.60
CA GLY A 28 -0.86 -4.24 -7.02
C GLY A 28 -1.83 -3.12 -7.23
N GLU A 29 -2.84 -3.36 -8.05
CA GLU A 29 -3.80 -2.33 -8.40
C GLU A 29 -5.00 -2.34 -7.45
N LEU A 30 -6.09 -1.69 -7.85
CA LEU A 30 -7.27 -1.56 -7.00
C LEU A 30 -7.88 -2.95 -6.75
N ARG A 31 -7.59 -3.48 -5.58
CA ARG A 31 -8.20 -4.71 -5.11
C ARG A 31 -9.34 -4.36 -4.16
N SER A 32 -10.54 -4.78 -4.50
CA SER A 32 -11.73 -4.41 -3.73
C SER A 32 -11.79 -5.19 -2.43
N TYR A 33 -12.13 -4.48 -1.34
CA TYR A 33 -12.00 -4.99 0.04
C TYR A 33 -12.53 -6.42 0.19
N GLN A 34 -13.62 -6.72 -0.50
CA GLN A 34 -14.28 -8.03 -0.40
C GLN A 34 -13.37 -9.18 -0.89
N ASP A 35 -12.49 -8.87 -1.83
CA ASP A 35 -11.55 -9.86 -2.35
C ASP A 35 -10.65 -10.41 -1.24
N PRO A 36 -10.52 -11.74 -1.15
CA PRO A 36 -9.78 -12.40 -0.07
C PRO A 36 -8.27 -12.23 -0.17
N SER A 37 -7.78 -11.68 -1.28
CA SER A 37 -6.35 -11.54 -1.47
C SER A 37 -5.85 -10.22 -0.88
N ASN A 38 -6.62 -9.15 -1.06
CA ASN A 38 -6.24 -7.86 -0.51
C ASN A 38 -6.61 -7.76 0.96
N ALA A 39 -7.49 -8.66 1.37
CA ALA A 39 -7.84 -8.83 2.78
C ALA A 39 -6.57 -8.93 3.64
N GLN A 40 -5.54 -9.57 3.07
CA GLN A 40 -4.23 -9.65 3.70
C GLN A 40 -3.75 -8.26 4.11
N PHE A 41 -3.69 -7.36 3.14
CA PHE A 41 -3.23 -6.00 3.37
C PHE A 41 -4.11 -5.33 4.41
N LEU A 42 -5.41 -5.36 4.18
CA LEU A 42 -6.37 -4.72 5.07
C LEU A 42 -6.06 -5.01 6.53
N GLU A 43 -5.88 -6.28 6.89
CA GLU A 43 -5.62 -6.64 8.27
C GLU A 43 -4.20 -6.26 8.68
N SER A 44 -3.22 -6.54 7.82
CA SER A 44 -1.83 -6.19 8.10
C SER A 44 -1.70 -4.70 8.38
N ILE A 45 -2.34 -3.90 7.55
CA ILE A 45 -2.21 -2.46 7.61
C ILE A 45 -2.95 -1.88 8.83
N ARG A 46 -4.08 -2.47 9.19
CA ARG A 46 -4.83 -2.03 10.37
C ARG A 46 -4.02 -2.27 11.64
N ARG A 47 -3.29 -3.38 11.68
CA ARG A 47 -2.46 -3.70 12.83
C ARG A 47 -1.08 -3.05 12.73
N GLY A 48 -0.88 -2.23 11.70
CA GLY A 48 0.38 -1.54 11.52
C GLY A 48 1.52 -2.48 11.16
N GLU A 49 1.19 -3.57 10.49
CA GLU A 49 2.19 -4.54 10.06
C GLU A 49 2.41 -4.45 8.57
N VAL A 50 3.46 -5.10 8.11
CA VAL A 50 3.78 -5.11 6.70
C VAL A 50 3.15 -6.30 5.98
N PRO A 51 2.32 -6.01 4.96
CA PRO A 51 1.85 -7.02 4.01
C PRO A 51 3.00 -7.80 3.38
N ALA A 52 2.83 -9.11 3.28
CA ALA A 52 3.87 -9.98 2.74
C ALA A 52 4.17 -9.63 1.28
N GLU A 53 3.21 -8.99 0.63
CA GLU A 53 3.37 -8.54 -0.75
C GLU A 53 4.45 -7.47 -0.85
N LEU A 54 4.59 -6.65 0.20
CA LEU A 54 5.56 -5.57 0.18
C LEU A 54 6.91 -6.08 0.63
N ARG A 55 6.88 -6.94 1.64
CA ARG A 55 8.11 -7.51 2.19
C ARG A 55 8.77 -8.38 1.14
N ARG A 56 7.97 -9.22 0.48
CA ARG A 56 8.46 -10.01 -0.64
C ARG A 56 8.34 -9.26 -1.95
N LEU A 57 8.57 -7.96 -1.90
CA LEU A 57 8.72 -7.14 -3.10
C LEU A 57 10.10 -6.52 -3.02
N ALA A 58 10.33 -5.82 -1.94
CA ALA A 58 11.67 -5.42 -1.54
C ALA A 58 12.38 -6.60 -0.92
N HIS A 59 13.62 -6.39 -0.53
CA HIS A 59 14.34 -7.35 0.27
C HIS A 59 13.58 -7.66 1.56
N GLY A 60 12.78 -6.69 2.00
CA GLY A 60 12.06 -6.82 3.24
C GLY A 60 12.60 -5.89 4.28
N GLY A 61 13.53 -5.03 3.87
CA GLY A 61 14.14 -4.11 4.79
C GLY A 61 13.26 -2.94 5.11
N GLN A 62 13.46 -1.87 4.37
CA GLN A 62 12.67 -0.68 4.55
C GLN A 62 11.38 -0.81 3.76
N VAL A 63 10.41 -1.47 4.37
CA VAL A 63 9.10 -1.59 3.78
C VAL A 63 8.21 -0.47 4.29
N ASN A 64 8.01 0.54 3.47
CA ASN A 64 7.26 1.71 3.89
C ASN A 64 5.99 1.86 3.08
N LEU A 65 4.88 2.05 3.77
CA LEU A 65 3.58 2.20 3.12
C LEU A 65 2.93 3.52 3.53
N ASP A 66 2.51 4.30 2.54
CA ASP A 66 1.87 5.59 2.78
C ASP A 66 0.41 5.54 2.35
N MET A 67 -0.48 5.96 3.24
CA MET A 67 -1.91 5.82 2.98
C MET A 67 -2.53 7.12 2.46
N GLU A 68 -3.18 7.04 1.31
CA GLU A 68 -3.98 8.13 0.80
C GLU A 68 -5.43 7.70 0.74
N ASP A 69 -6.35 8.62 0.99
CA ASP A 69 -7.77 8.31 0.90
C ASP A 69 -8.35 8.88 -0.38
N HIS A 70 -8.82 8.00 -1.23
CA HIS A 70 -9.40 8.36 -2.51
C HIS A 70 -10.68 7.55 -2.72
N ARG A 71 -11.39 7.31 -1.63
CA ARG A 71 -12.64 6.59 -1.70
C ARG A 71 -13.70 7.51 -2.30
N ASP A 72 -14.49 6.95 -3.22
CA ASP A 72 -15.44 7.71 -4.04
C ASP A 72 -14.72 8.53 -5.12
N GLU A 73 -13.42 8.74 -4.94
CA GLU A 73 -12.58 9.30 -5.99
C GLU A 73 -12.48 8.32 -7.14
N ASP A 74 -12.50 7.04 -6.76
CA ASP A 74 -12.38 5.92 -7.68
C ASP A 74 -10.99 5.82 -8.26
N PHE A 75 -10.69 4.68 -8.85
CA PHE A 75 -9.33 4.27 -9.17
C PHE A 75 -8.70 5.15 -10.24
N VAL A 76 -8.05 6.22 -9.79
CA VAL A 76 -7.33 7.12 -10.68
C VAL A 76 -5.88 6.66 -10.84
N LYS A 77 -5.52 5.69 -10.01
CA LYS A 77 -4.27 4.93 -10.14
C LYS A 77 -3.05 5.68 -9.66
N PRO A 78 -2.09 4.95 -9.05
CA PRO A 78 -0.73 5.42 -8.84
C PRO A 78 0.06 5.32 -10.13
N LYS A 79 0.18 4.10 -10.60
CA LYS A 79 0.73 3.80 -11.91
C LYS A 79 -0.25 4.25 -12.99
N GLY A 80 -0.01 5.43 -13.53
CA GLY A 80 -0.92 6.02 -14.49
C GLY A 80 -1.26 7.45 -14.13
N ALA A 81 -0.70 7.91 -13.03
CA ALA A 81 -0.86 9.27 -12.59
C ALA A 81 0.40 10.07 -12.94
N PHE A 82 0.47 11.30 -12.47
CA PHE A 82 1.61 12.15 -12.77
C PHE A 82 2.44 12.39 -11.52
N LYS A 83 1.81 12.87 -10.47
CA LYS A 83 2.51 13.09 -9.21
C LYS A 83 2.48 11.82 -8.36
N ALA A 84 1.44 11.01 -8.58
CA ALA A 84 1.26 9.71 -7.93
C ALA A 84 1.03 9.84 -6.42
N PHE A 85 2.05 10.29 -5.71
CA PHE A 85 1.97 10.45 -4.27
C PHE A 85 1.89 11.93 -3.94
N THR A 86 0.89 12.29 -3.13
CA THR A 86 0.61 13.68 -2.82
C THR A 86 1.66 14.25 -1.86
N GLY A 87 2.13 13.42 -0.95
CA GLY A 87 3.08 13.87 0.05
C GLY A 87 2.57 13.61 1.44
N GLU A 88 3.34 12.83 2.22
CA GLU A 88 2.95 12.38 3.58
C GLU A 88 1.50 11.95 3.64
N GLY A 89 1.01 11.35 2.55
CA GLY A 89 -0.37 10.99 2.42
C GLY A 89 -1.26 12.22 2.46
N GLN A 90 -1.76 12.52 3.64
CA GLN A 90 -2.58 13.71 3.90
C GLN A 90 -2.89 13.78 5.37
N LYS A 91 -1.86 13.51 6.19
CA LYS A 91 -2.02 13.40 7.63
C LYS A 91 -2.92 12.21 7.95
N LEU A 92 -3.78 12.36 8.97
CA LEU A 92 -4.75 11.33 9.35
C LEU A 92 -4.06 10.15 10.03
N GLY A 93 -3.34 9.35 9.25
CA GLY A 93 -2.71 8.16 9.78
C GLY A 93 -1.23 8.37 10.05
N SER A 94 -0.79 9.61 9.93
CA SER A 94 0.62 9.94 10.14
C SER A 94 1.00 9.82 11.62
N THR A 95 0.01 9.97 12.49
CA THR A 95 0.21 9.86 13.92
C THR A 95 -1.10 9.45 14.60
N ALA A 96 -1.01 8.50 15.52
CA ALA A 96 -2.17 8.00 16.25
C ALA A 96 -3.14 7.25 15.33
N PRO A 97 -2.87 5.96 15.08
CA PRO A 97 -3.71 5.12 14.21
C PRO A 97 -5.11 4.91 14.78
N GLN A 98 -6.12 5.38 14.02
CA GLN A 98 -7.54 5.30 14.36
C GLN A 98 -7.86 5.73 15.80
N VAL A 99 -7.69 4.84 16.78
CA VAL A 99 -8.07 5.12 18.16
C VAL A 99 -6.86 4.98 19.09
N LEU A 100 -5.72 4.64 18.53
CA LEU A 100 -4.52 4.43 19.33
C LEU A 100 -3.67 5.68 19.38
N SER A 101 -3.48 6.22 20.58
CA SER A 101 -2.69 7.42 20.75
C SER A 101 -1.23 7.06 20.99
N THR A 102 -0.97 5.79 21.30
CA THR A 102 0.36 5.32 21.55
C THR A 102 1.19 5.25 20.26
N GLY A 1 18.78 -5.88 -0.84
CA GLY A 1 19.37 -7.20 -0.48
C GLY A 1 18.71 -7.80 0.74
N SER A 2 19.39 -8.77 1.35
CA SER A 2 18.89 -9.40 2.56
C SER A 2 20.02 -9.58 3.57
N GLU A 3 19.71 -9.39 4.84
CA GLU A 3 20.69 -9.55 5.90
C GLU A 3 20.21 -10.55 6.95
N LYS A 4 18.98 -10.35 7.44
CA LYS A 4 18.45 -11.16 8.52
C LYS A 4 19.41 -11.12 9.71
N ARG A 5 19.92 -9.92 9.97
CA ARG A 5 20.90 -9.70 11.01
C ARG A 5 20.25 -8.96 12.17
N GLN A 6 19.73 -7.78 11.86
CA GLN A 6 19.07 -6.93 12.84
C GLN A 6 17.74 -6.43 12.29
N HIS A 7 17.69 -6.21 10.99
CA HIS A 7 16.47 -5.71 10.36
C HIS A 7 15.63 -6.89 9.88
N SER A 8 15.57 -7.92 10.71
CA SER A 8 14.76 -9.09 10.42
C SER A 8 13.30 -8.73 10.66
N SER A 9 12.60 -8.51 9.57
CA SER A 9 11.24 -7.99 9.60
C SER A 9 10.31 -8.91 10.38
N GLN A 10 10.32 -10.19 10.01
CA GLN A 10 9.47 -11.23 10.59
C GLN A 10 8.02 -11.03 10.19
N ASP A 11 7.71 -9.80 9.85
CA ASP A 11 6.40 -9.39 9.39
C ASP A 11 6.44 -7.94 8.97
N VAL A 12 5.92 -7.66 7.79
CA VAL A 12 5.73 -6.30 7.33
C VAL A 12 4.40 -6.15 6.64
N HIS A 13 3.79 -5.00 6.83
CA HIS A 13 2.62 -4.62 6.07
C HIS A 13 3.04 -3.63 5.00
N VAL A 14 2.62 -3.91 3.78
CA VAL A 14 3.00 -3.08 2.65
C VAL A 14 1.84 -2.17 2.31
N VAL A 15 2.00 -0.92 2.68
CA VAL A 15 0.97 0.08 2.47
C VAL A 15 0.79 0.39 0.99
N LEU A 16 -0.27 -0.14 0.43
CA LEU A 16 -0.57 0.08 -0.96
C LEU A 16 -1.77 1.01 -1.07
N LYS A 17 -1.53 2.19 -1.60
CA LYS A 17 -2.60 3.14 -1.79
C LYS A 17 -2.99 3.21 -3.26
N LEU A 18 -4.29 3.23 -3.51
CA LEU A 18 -4.84 3.23 -4.85
C LEU A 18 -5.22 4.65 -5.23
N TRP A 19 -4.48 5.20 -6.18
CA TRP A 19 -4.66 6.59 -6.55
C TRP A 19 -5.47 6.68 -7.83
N LYS A 20 -5.60 7.88 -8.37
CA LYS A 20 -6.33 8.07 -9.61
C LYS A 20 -5.45 7.73 -10.81
N SER A 21 -4.14 7.81 -10.62
CA SER A 21 -3.20 7.56 -11.69
C SER A 21 -2.63 6.17 -11.57
N GLY A 22 -2.19 5.81 -10.38
CA GLY A 22 -1.57 4.52 -10.16
C GLY A 22 -1.66 4.07 -8.73
N PHE A 23 -0.72 3.27 -8.30
CA PHE A 23 -0.71 2.75 -6.95
C PHE A 23 0.68 2.95 -6.33
N SER A 24 0.70 3.15 -5.03
CA SER A 24 1.96 3.31 -4.32
C SER A 24 2.06 2.34 -3.16
N LEU A 25 3.26 1.85 -2.94
CA LEU A 25 3.50 0.88 -1.88
C LEU A 25 4.57 1.44 -0.96
N ASP A 26 5.10 0.61 -0.07
CA ASP A 26 6.27 1.02 0.72
C ASP A 26 7.52 0.83 -0.12
N ASN A 27 7.49 -0.22 -0.93
CA ASN A 27 8.59 -0.57 -1.85
C ASN A 27 8.60 0.36 -3.07
N GLY A 28 8.45 1.65 -2.83
CA GLY A 28 8.40 2.61 -3.92
C GLY A 28 7.31 3.62 -3.73
N GLU A 29 6.95 4.31 -4.80
CA GLU A 29 5.92 5.32 -4.75
C GLU A 29 4.89 5.12 -5.87
N LEU A 30 4.05 6.14 -6.11
CA LEU A 30 2.93 6.03 -7.04
C LEU A 30 3.42 5.64 -8.43
N ARG A 31 2.88 4.54 -8.94
CA ARG A 31 3.17 4.07 -10.29
C ARG A 31 1.85 3.98 -11.07
N SER A 32 1.75 4.76 -12.13
CA SER A 32 0.49 4.90 -12.87
C SER A 32 0.07 3.59 -13.53
N TYR A 33 -1.24 3.33 -13.56
CA TYR A 33 -1.80 2.06 -14.04
C TYR A 33 -1.64 1.86 -15.54
N GLN A 34 -0.71 2.56 -16.15
CA GLN A 34 -0.42 2.42 -17.57
C GLN A 34 1.00 1.89 -17.76
N ASP A 35 1.88 2.25 -16.83
CA ASP A 35 3.29 1.84 -16.88
C ASP A 35 3.44 0.33 -16.80
N PRO A 36 4.14 -0.27 -17.78
CA PRO A 36 4.34 -1.72 -17.84
C PRO A 36 5.26 -2.24 -16.74
N SER A 37 5.91 -1.34 -16.02
CA SER A 37 6.80 -1.73 -14.93
C SER A 37 6.00 -2.14 -13.71
N ASN A 38 5.05 -1.29 -13.31
CA ASN A 38 4.21 -1.60 -12.17
C ASN A 38 3.16 -2.64 -12.52
N ALA A 39 2.98 -2.84 -13.81
CA ALA A 39 2.11 -3.91 -14.31
C ALA A 39 2.50 -5.25 -13.71
N GLN A 40 3.78 -5.40 -13.33
CA GLN A 40 4.25 -6.58 -12.62
C GLN A 40 3.46 -6.75 -11.32
N PHE A 41 3.38 -5.66 -10.56
CA PHE A 41 2.61 -5.65 -9.31
C PHE A 41 1.15 -5.95 -9.60
N LEU A 42 0.58 -5.18 -10.53
CA LEU A 42 -0.83 -5.33 -10.89
C LEU A 42 -1.19 -6.78 -11.18
N GLU A 43 -0.32 -7.47 -11.92
CA GLU A 43 -0.59 -8.86 -12.27
C GLU A 43 -0.42 -9.76 -11.05
N SER A 44 0.71 -9.65 -10.36
CA SER A 44 0.97 -10.48 -9.20
C SER A 44 -0.13 -10.33 -8.15
N ILE A 45 -0.52 -9.09 -7.90
CA ILE A 45 -1.51 -8.80 -6.87
C ILE A 45 -2.89 -9.26 -7.32
N ARG A 46 -3.11 -9.20 -8.64
CA ARG A 46 -4.33 -9.69 -9.25
C ARG A 46 -4.44 -11.21 -9.10
N ARG A 47 -3.34 -11.92 -9.38
CA ARG A 47 -3.31 -13.38 -9.30
C ARG A 47 -3.54 -13.84 -7.87
N GLY A 48 -2.96 -13.09 -6.93
CA GLY A 48 -3.01 -13.49 -5.54
C GLY A 48 -1.62 -13.79 -5.02
N GLU A 49 -0.62 -13.47 -5.82
CA GLU A 49 0.77 -13.67 -5.45
C GLU A 49 1.32 -12.41 -4.80
N VAL A 50 2.47 -12.56 -4.17
CA VAL A 50 3.16 -11.43 -3.59
C VAL A 50 4.29 -10.96 -4.50
N PRO A 51 4.19 -9.72 -5.00
CA PRO A 51 5.22 -9.12 -5.84
C PRO A 51 6.60 -9.20 -5.19
N ALA A 52 7.59 -9.56 -5.98
CA ALA A 52 8.94 -9.80 -5.50
C ALA A 52 9.54 -8.56 -4.84
N GLU A 53 9.10 -7.38 -5.25
CA GLU A 53 9.59 -6.14 -4.66
C GLU A 53 9.28 -6.07 -3.17
N LEU A 54 8.09 -6.52 -2.79
CA LEU A 54 7.68 -6.47 -1.39
C LEU A 54 8.16 -7.73 -0.68
N ARG A 55 8.10 -8.85 -1.38
CA ARG A 55 8.54 -10.12 -0.83
C ARG A 55 10.04 -10.05 -0.53
N ARG A 56 10.80 -9.49 -1.47
CA ARG A 56 12.23 -9.31 -1.28
C ARG A 56 12.51 -8.00 -0.56
N LEU A 57 11.52 -7.51 0.17
CA LEU A 57 11.70 -6.37 1.05
C LEU A 57 11.57 -6.86 2.48
N ALA A 58 10.50 -7.61 2.74
CA ALA A 58 10.36 -8.31 4.02
C ALA A 58 11.51 -9.28 4.21
N HIS A 59 12.21 -9.14 5.31
CA HIS A 59 13.39 -9.94 5.59
C HIS A 59 13.07 -11.10 6.52
N GLY A 60 11.90 -11.06 7.13
CA GLY A 60 11.51 -12.10 8.06
C GLY A 60 10.73 -13.19 7.38
N GLY A 61 9.70 -12.78 6.67
CA GLY A 61 8.87 -13.74 5.97
C GLY A 61 7.51 -13.21 5.67
N GLN A 62 6.77 -12.92 6.71
CA GLN A 62 5.44 -12.39 6.58
C GLN A 62 5.45 -11.04 5.88
N VAL A 63 4.96 -11.03 4.66
CA VAL A 63 4.82 -9.80 3.89
C VAL A 63 3.37 -9.66 3.45
N ASN A 64 2.63 -8.80 4.12
CA ASN A 64 1.22 -8.62 3.84
C ASN A 64 0.98 -7.27 3.21
N LEU A 65 0.19 -7.24 2.15
CA LEU A 65 -0.09 -6.02 1.43
C LEU A 65 -1.50 -5.52 1.77
N ASP A 66 -1.60 -4.25 2.14
CA ASP A 66 -2.88 -3.64 2.47
C ASP A 66 -3.24 -2.59 1.43
N MET A 67 -4.50 -2.58 1.02
CA MET A 67 -4.94 -1.63 0.00
C MET A 67 -5.76 -0.49 0.59
N GLU A 68 -5.42 0.72 0.17
CA GLU A 68 -6.19 1.90 0.51
C GLU A 68 -6.74 2.53 -0.75
N ASP A 69 -7.78 3.34 -0.63
CA ASP A 69 -8.34 4.04 -1.79
C ASP A 69 -8.17 5.54 -1.64
N HIS A 70 -7.30 6.11 -2.46
CA HIS A 70 -7.02 7.55 -2.43
C HIS A 70 -6.93 8.10 -3.84
N ARG A 71 -8.00 7.95 -4.59
CA ARG A 71 -8.00 8.32 -5.99
C ARG A 71 -8.15 9.82 -6.14
N ASP A 72 -9.16 10.39 -5.51
CA ASP A 72 -9.40 11.82 -5.56
C ASP A 72 -8.33 12.55 -4.73
N GLU A 73 -7.70 11.80 -3.84
CA GLU A 73 -6.64 12.33 -2.99
C GLU A 73 -5.37 12.63 -3.77
N ASP A 74 -5.07 11.76 -4.74
CA ASP A 74 -3.79 11.73 -5.46
C ASP A 74 -2.59 11.55 -4.50
N PHE A 75 -1.41 11.39 -5.08
CA PHE A 75 -0.22 10.93 -4.35
C PHE A 75 0.11 11.77 -3.12
N VAL A 76 0.39 11.09 -2.02
CA VAL A 76 0.84 11.70 -0.79
C VAL A 76 1.78 10.74 -0.06
N LYS A 77 1.33 9.50 0.05
CA LYS A 77 2.11 8.42 0.66
C LYS A 77 2.38 8.63 2.14
N PRO A 78 2.80 7.55 2.82
CA PRO A 78 3.31 7.59 4.18
C PRO A 78 4.70 8.24 4.20
N LYS A 79 5.67 7.58 3.58
CA LYS A 79 7.04 8.08 3.46
C LYS A 79 7.62 8.54 4.80
N GLY A 80 7.68 9.84 5.04
CA GLY A 80 8.21 10.35 6.29
C GLY A 80 7.17 11.16 7.03
N ALA A 81 5.96 11.16 6.50
CA ALA A 81 4.86 11.91 7.10
C ALA A 81 3.90 10.97 7.79
N PHE A 82 3.62 9.82 7.17
CA PHE A 82 2.69 8.84 7.70
C PHE A 82 1.36 9.51 8.03
N LYS A 83 0.80 10.21 7.04
CA LYS A 83 -0.38 11.02 7.26
C LYS A 83 -1.60 10.17 7.61
N ALA A 84 -1.74 9.02 6.95
CA ALA A 84 -2.87 8.15 7.19
C ALA A 84 -2.68 6.80 6.51
N PHE A 85 -3.42 5.82 7.01
CA PHE A 85 -3.43 4.48 6.43
C PHE A 85 -4.86 3.95 6.40
N THR A 86 -5.77 4.78 5.94
CA THR A 86 -7.18 4.44 5.89
C THR A 86 -7.58 3.94 4.51
N GLY A 87 -8.21 2.78 4.46
CA GLY A 87 -8.73 2.25 3.22
C GLY A 87 -10.18 1.84 3.38
N GLU A 88 -10.95 1.98 2.29
CA GLU A 88 -12.39 1.63 2.27
C GLU A 88 -13.22 2.72 2.95
N GLY A 89 -12.70 3.24 4.06
CA GLY A 89 -13.39 4.30 4.76
C GLY A 89 -12.51 5.50 4.97
N GLN A 90 -12.59 6.46 4.05
CA GLN A 90 -11.84 7.71 4.18
C GLN A 90 -12.62 8.65 5.07
N LYS A 91 -13.94 8.50 5.04
CA LYS A 91 -14.83 9.22 5.93
C LYS A 91 -15.42 8.23 6.93
N LEU A 92 -14.68 7.95 7.99
CA LEU A 92 -15.07 6.90 8.93
C LEU A 92 -15.68 7.48 10.20
N GLY A 93 -16.15 8.72 10.13
CA GLY A 93 -16.77 9.35 11.27
C GLY A 93 -18.15 9.88 10.98
N SER A 94 -19.07 8.99 10.68
CA SER A 94 -20.44 9.36 10.40
C SER A 94 -21.41 8.62 11.33
N THR A 95 -22.71 8.92 11.19
CA THR A 95 -23.76 8.36 12.03
C THR A 95 -23.43 8.47 13.52
N ALA A 96 -23.72 9.63 14.07
CA ALA A 96 -23.41 9.95 15.46
C ALA A 96 -24.17 11.19 15.88
N PRO A 97 -25.33 11.01 16.55
CA PRO A 97 -26.20 12.12 16.97
C PRO A 97 -25.54 13.03 18.01
N GLN A 98 -24.81 14.02 17.51
CA GLN A 98 -24.14 15.00 18.35
C GLN A 98 -24.37 16.39 17.77
N VAL A 99 -23.47 17.32 18.05
CA VAL A 99 -23.54 18.64 17.46
C VAL A 99 -23.29 18.55 15.95
N LEU A 100 -22.28 17.78 15.59
CA LEU A 100 -21.97 17.56 14.18
C LEU A 100 -22.40 16.16 13.74
N SER A 101 -22.53 15.98 12.43
CA SER A 101 -22.84 14.69 11.81
C SER A 101 -24.30 14.30 12.03
N THR A 102 -24.59 13.70 13.17
CA THR A 102 -25.87 13.03 13.40
C THR A 102 -26.11 12.00 12.29
N GLY A 1 22.99 -4.00 -1.68
CA GLY A 1 22.91 -4.53 -3.06
C GLY A 1 21.82 -5.56 -3.21
N SER A 2 22.09 -6.60 -3.98
CA SER A 2 21.15 -7.67 -4.16
C SER A 2 21.85 -9.02 -4.11
N GLU A 3 21.39 -9.89 -3.22
CA GLU A 3 21.93 -11.23 -3.11
C GLU A 3 20.81 -12.20 -2.82
N LYS A 4 20.83 -13.34 -3.48
CA LYS A 4 19.77 -14.32 -3.32
C LYS A 4 20.05 -15.21 -2.12
N ARG A 5 19.04 -15.33 -1.27
CA ARG A 5 19.15 -16.16 -0.09
C ARG A 5 18.79 -17.60 -0.44
N GLN A 6 18.28 -18.36 0.53
CA GLN A 6 17.99 -19.77 0.32
C GLN A 6 16.90 -19.90 -0.73
N HIS A 7 15.86 -19.09 -0.61
CA HIS A 7 14.83 -19.00 -1.62
C HIS A 7 14.47 -17.53 -1.82
N SER A 8 14.05 -17.18 -3.02
CA SER A 8 13.68 -15.82 -3.32
C SER A 8 12.25 -15.74 -3.83
N SER A 9 11.37 -16.56 -3.26
CA SER A 9 10.00 -16.64 -3.73
C SER A 9 9.00 -16.60 -2.57
N GLN A 10 9.36 -15.93 -1.47
CA GLN A 10 8.48 -15.83 -0.31
C GLN A 10 7.69 -14.52 -0.35
N ASP A 11 7.47 -14.04 -1.58
CA ASP A 11 6.77 -12.78 -1.90
C ASP A 11 6.71 -11.78 -0.72
N VAL A 12 7.54 -10.74 -0.78
CA VAL A 12 7.55 -9.72 0.28
C VAL A 12 6.17 -9.07 0.42
N HIS A 13 5.96 -8.38 1.53
CA HIS A 13 4.66 -7.83 1.83
C HIS A 13 4.77 -6.34 2.07
N VAL A 14 4.27 -5.58 1.12
CA VAL A 14 4.28 -4.14 1.19
C VAL A 14 2.88 -3.65 1.53
N VAL A 15 2.74 -3.05 2.71
CA VAL A 15 1.42 -2.63 3.17
C VAL A 15 1.05 -1.26 2.64
N LEU A 16 -0.14 -1.19 2.07
CA LEU A 16 -0.69 0.02 1.53
C LEU A 16 -1.75 0.54 2.49
N LYS A 17 -1.58 1.76 2.95
CA LYS A 17 -2.56 2.37 3.82
C LYS A 17 -3.37 3.36 3.02
N LEU A 18 -4.67 3.30 3.20
CA LEU A 18 -5.63 4.08 2.44
C LEU A 18 -6.04 5.28 3.27
N TRP A 19 -5.65 6.48 2.83
CA TRP A 19 -5.83 7.69 3.62
C TRP A 19 -6.98 8.53 3.09
N LYS A 20 -7.07 9.76 3.59
CA LYS A 20 -8.12 10.68 3.19
C LYS A 20 -7.94 11.18 1.76
N SER A 21 -6.74 11.61 1.42
CA SER A 21 -6.51 12.24 0.13
C SER A 21 -5.53 11.46 -0.72
N GLY A 22 -5.05 10.35 -0.18
CA GLY A 22 -4.06 9.58 -0.89
C GLY A 22 -3.80 8.25 -0.24
N PHE A 23 -2.72 7.60 -0.63
CA PHE A 23 -2.40 6.29 -0.13
C PHE A 23 -0.89 6.14 0.00
N SER A 24 -0.46 5.34 0.96
CA SER A 24 0.95 5.09 1.19
C SER A 24 1.21 3.62 1.33
N LEU A 25 2.13 3.12 0.55
CA LEU A 25 2.55 1.76 0.61
C LEU A 25 3.98 1.74 1.10
N ASP A 26 4.41 0.62 1.68
CA ASP A 26 5.66 0.55 2.45
C ASP A 26 6.89 1.09 1.71
N ASN A 27 6.77 1.26 0.40
CA ASN A 27 7.86 1.76 -0.44
C ASN A 27 7.88 3.29 -0.53
N GLY A 28 6.89 3.94 0.08
CA GLY A 28 6.83 5.39 0.00
C GLY A 28 5.89 6.01 1.02
N GLU A 29 5.46 7.23 0.74
CA GLU A 29 4.64 8.00 1.66
C GLU A 29 3.22 8.16 1.11
N LEU A 30 2.41 8.95 1.81
CA LEU A 30 1.04 9.26 1.38
C LEU A 30 1.10 10.05 0.08
N ARG A 31 0.89 9.35 -1.02
CA ARG A 31 0.78 9.99 -2.32
C ARG A 31 -0.71 10.20 -2.64
N SER A 32 -1.06 11.42 -2.99
CA SER A 32 -2.47 11.78 -3.16
C SER A 32 -3.07 11.17 -4.44
N TYR A 33 -4.27 10.60 -4.32
CA TYR A 33 -4.90 9.80 -5.39
C TYR A 33 -4.80 10.46 -6.76
N GLN A 34 -5.10 11.76 -6.79
CA GLN A 34 -5.23 12.52 -8.05
C GLN A 34 -3.97 12.50 -8.90
N ASP A 35 -2.81 12.46 -8.24
CA ASP A 35 -1.53 12.55 -8.94
C ASP A 35 -1.32 11.36 -9.89
N PRO A 36 -0.90 11.65 -11.13
CA PRO A 36 -0.74 10.64 -12.20
C PRO A 36 0.24 9.51 -11.86
N SER A 37 1.11 9.72 -10.86
CA SER A 37 2.07 8.70 -10.48
C SER A 37 1.36 7.67 -9.63
N ASN A 38 0.32 8.13 -8.97
CA ASN A 38 -0.39 7.36 -7.98
C ASN A 38 -1.59 6.66 -8.60
N ALA A 39 -2.09 7.23 -9.68
CA ALA A 39 -3.14 6.60 -10.48
C ALA A 39 -2.68 5.21 -10.92
N GLN A 40 -1.37 5.06 -11.12
CA GLN A 40 -0.76 3.78 -11.44
C GLN A 40 -1.16 2.74 -10.40
N PHE A 41 -0.82 3.00 -9.14
CA PHE A 41 -1.12 2.07 -8.05
C PHE A 41 -2.61 1.85 -7.94
N LEU A 42 -3.37 2.93 -7.94
CA LEU A 42 -4.81 2.84 -7.80
C LEU A 42 -5.41 1.86 -8.78
N GLU A 43 -5.08 2.01 -10.06
CA GLU A 43 -5.60 1.14 -11.10
C GLU A 43 -4.99 -0.25 -10.97
N SER A 44 -3.67 -0.28 -10.80
CA SER A 44 -2.92 -1.54 -10.66
C SER A 44 -3.50 -2.40 -9.54
N ILE A 45 -3.71 -1.79 -8.40
CA ILE A 45 -4.10 -2.52 -7.21
C ILE A 45 -5.61 -2.73 -7.18
N ARG A 46 -6.32 -1.93 -7.96
CA ARG A 46 -7.77 -2.08 -8.13
C ARG A 46 -8.07 -3.29 -9.00
N ARG A 47 -7.33 -3.42 -10.11
CA ARG A 47 -7.52 -4.54 -11.03
C ARG A 47 -7.00 -5.82 -10.41
N GLY A 48 -5.96 -5.69 -9.59
CA GLY A 48 -5.38 -6.84 -8.94
C GLY A 48 -4.03 -7.21 -9.53
N GLU A 49 -3.20 -6.20 -9.76
CA GLU A 49 -1.88 -6.43 -10.32
C GLU A 49 -0.80 -5.89 -9.39
N VAL A 50 0.44 -6.23 -9.69
CA VAL A 50 1.57 -5.83 -8.86
C VAL A 50 2.22 -4.56 -9.41
N PRO A 51 2.32 -3.51 -8.58
CA PRO A 51 2.93 -2.24 -8.99
C PRO A 51 4.44 -2.35 -9.18
N ALA A 52 4.94 -1.64 -10.20
CA ALA A 52 6.35 -1.71 -10.60
C ALA A 52 7.27 -1.25 -9.47
N GLU A 53 6.76 -0.38 -8.61
CA GLU A 53 7.51 0.08 -7.44
C GLU A 53 8.01 -1.11 -6.62
N LEU A 54 7.15 -2.11 -6.45
CA LEU A 54 7.49 -3.28 -5.67
C LEU A 54 8.15 -4.34 -6.54
N ARG A 55 7.58 -4.55 -7.73
CA ARG A 55 8.07 -5.59 -8.61
C ARG A 55 9.50 -5.29 -9.07
N ARG A 56 9.79 -4.04 -9.36
CA ARG A 56 11.15 -3.64 -9.70
C ARG A 56 11.95 -3.37 -8.43
N LEU A 57 11.77 -4.25 -7.45
CA LEU A 57 12.49 -4.23 -6.20
C LEU A 57 12.56 -5.65 -5.64
N ALA A 58 11.40 -6.29 -5.61
CA ALA A 58 11.29 -7.69 -5.21
C ALA A 58 11.94 -8.60 -6.25
N HIS A 59 12.49 -9.70 -5.79
CA HIS A 59 13.23 -10.61 -6.66
C HIS A 59 12.38 -11.80 -7.06
N GLY A 60 12.28 -12.04 -8.36
CA GLY A 60 11.61 -13.23 -8.87
C GLY A 60 10.12 -13.22 -8.68
N GLY A 61 9.56 -12.06 -8.38
CA GLY A 61 8.13 -11.95 -8.17
C GLY A 61 7.75 -12.12 -6.72
N GLN A 62 8.77 -12.15 -5.86
CA GLN A 62 8.61 -12.15 -4.42
C GLN A 62 8.00 -10.83 -3.97
N VAL A 63 6.80 -10.55 -4.42
CA VAL A 63 6.16 -9.27 -4.15
C VAL A 63 4.64 -9.42 -3.98
N ASN A 64 4.15 -8.97 -2.84
CA ASN A 64 2.73 -8.88 -2.59
C ASN A 64 2.42 -7.58 -1.84
N LEU A 65 1.15 -7.20 -1.80
CA LEU A 65 0.74 -5.98 -1.14
C LEU A 65 -0.46 -6.23 -0.25
N ASP A 66 -0.43 -5.67 0.95
CA ASP A 66 -1.56 -5.70 1.87
C ASP A 66 -2.18 -4.32 1.91
N MET A 67 -3.42 -4.19 2.32
CA MET A 67 -4.08 -2.88 2.29
C MET A 67 -4.82 -2.61 3.59
N GLU A 68 -4.60 -1.42 4.13
CA GLU A 68 -5.25 -0.96 5.35
C GLU A 68 -6.20 0.19 5.04
N ASP A 69 -7.10 0.49 5.97
CA ASP A 69 -7.93 1.68 5.87
C ASP A 69 -7.65 2.61 7.04
N HIS A 70 -7.14 3.79 6.73
CA HIS A 70 -6.83 4.79 7.76
C HIS A 70 -7.18 6.17 7.23
N ARG A 71 -8.27 6.23 6.47
CA ARG A 71 -8.66 7.43 5.77
C ARG A 71 -8.88 8.62 6.69
N ASP A 72 -9.39 8.39 7.88
CA ASP A 72 -9.61 9.49 8.82
C ASP A 72 -8.49 9.59 9.85
N GLU A 73 -7.36 8.95 9.55
CA GLU A 73 -6.18 9.02 10.40
C GLU A 73 -5.16 10.00 9.86
N ASP A 74 -5.16 10.16 8.54
CA ASP A 74 -4.10 10.87 7.80
C ASP A 74 -2.80 10.08 7.90
N PHE A 75 -1.76 10.54 7.24
CA PHE A 75 -0.58 9.72 7.00
C PHE A 75 0.23 9.54 8.28
N VAL A 76 0.43 8.29 8.68
CA VAL A 76 1.09 8.01 9.94
C VAL A 76 1.31 6.49 10.14
N LYS A 77 1.95 5.84 9.17
CA LYS A 77 2.13 4.40 9.31
C LYS A 77 3.56 3.94 8.98
N PRO A 78 4.07 4.25 7.77
CA PRO A 78 5.46 3.95 7.40
C PRO A 78 6.45 4.76 8.22
N LYS A 79 6.12 6.02 8.43
CA LYS A 79 6.94 6.93 9.22
C LYS A 79 6.07 7.69 10.20
N GLY A 80 6.66 8.08 11.33
CA GLY A 80 5.92 8.80 12.35
C GLY A 80 5.35 7.86 13.38
N ALA A 81 4.90 6.72 12.90
CA ALA A 81 4.43 5.64 13.73
C ALA A 81 4.98 4.34 13.18
N PHE A 82 4.74 3.24 13.87
CA PHE A 82 5.27 1.96 13.43
C PHE A 82 4.14 1.04 12.99
N LYS A 83 4.13 0.72 11.71
CA LYS A 83 3.13 -0.18 11.13
C LYS A 83 3.34 -1.62 11.62
N ALA A 84 2.60 -1.99 12.65
CA ALA A 84 2.70 -3.34 13.20
C ALA A 84 1.69 -4.27 12.55
N PHE A 85 1.00 -3.75 11.52
CA PHE A 85 -0.03 -4.47 10.79
C PHE A 85 -1.21 -4.79 11.71
N THR A 86 -2.28 -4.02 11.58
CA THR A 86 -3.44 -4.17 12.43
C THR A 86 -4.72 -3.99 11.63
N GLY A 87 -5.64 -4.93 11.75
CA GLY A 87 -6.90 -4.84 11.04
C GLY A 87 -7.98 -4.19 11.87
N GLU A 88 -8.05 -4.57 13.15
CA GLU A 88 -9.02 -4.00 14.06
C GLU A 88 -8.42 -2.81 14.79
N GLY A 89 -9.20 -1.75 14.92
CA GLY A 89 -8.72 -0.55 15.56
C GLY A 89 -8.59 0.60 14.58
N GLN A 90 -8.64 0.27 13.29
CA GLN A 90 -8.58 1.27 12.25
C GLN A 90 -9.88 2.07 12.22
N LYS A 91 -10.92 1.44 11.70
CA LYS A 91 -12.25 2.06 11.59
C LYS A 91 -13.20 1.09 10.91
N LEU A 92 -12.87 0.72 9.67
CA LEU A 92 -13.68 -0.20 8.88
C LEU A 92 -15.09 0.36 8.68
N GLY A 93 -15.22 1.22 7.69
CA GLY A 93 -16.49 1.87 7.44
C GLY A 93 -16.41 3.37 7.64
N SER A 94 -15.32 3.95 7.17
CA SER A 94 -15.09 5.38 7.33
C SER A 94 -15.39 6.10 6.02
N THR A 95 -16.32 7.05 6.06
CA THR A 95 -16.67 7.83 4.88
C THR A 95 -17.20 6.95 3.75
N ALA A 96 -18.51 6.72 3.75
CA ALA A 96 -19.15 5.90 2.74
C ALA A 96 -18.87 6.45 1.33
N PRO A 97 -18.17 5.66 0.50
CA PRO A 97 -17.78 6.07 -0.86
C PRO A 97 -18.98 6.13 -1.81
N GLN A 98 -19.71 7.25 -1.73
CA GLN A 98 -20.85 7.58 -2.61
C GLN A 98 -21.81 6.40 -2.83
N VAL A 99 -21.55 5.57 -3.84
CA VAL A 99 -22.45 4.47 -4.18
C VAL A 99 -22.35 3.36 -3.13
N LEU A 100 -21.21 3.28 -2.47
CA LEU A 100 -20.97 2.23 -1.49
C LEU A 100 -21.04 2.79 -0.08
N SER A 101 -20.90 1.90 0.90
CA SER A 101 -20.94 2.30 2.30
C SER A 101 -19.86 1.56 3.08
N THR A 102 -18.79 1.20 2.39
CA THR A 102 -17.70 0.45 2.98
C THR A 102 -16.38 1.15 2.71
N GLY A 1 -15.83 16.50 10.14
CA GLY A 1 -16.67 15.31 9.86
C GLY A 1 -17.34 15.37 8.51
N SER A 2 -18.65 15.19 8.50
CA SER A 2 -19.41 15.18 7.27
C SER A 2 -20.05 16.54 6.99
N GLU A 3 -19.23 17.59 6.99
CA GLU A 3 -19.69 18.95 6.72
C GLU A 3 -20.35 19.02 5.35
N LYS A 4 -19.55 18.89 4.30
CA LYS A 4 -20.07 18.82 2.94
C LYS A 4 -19.46 17.62 2.22
N ARG A 5 -19.42 17.70 0.89
CA ARG A 5 -18.97 16.60 0.02
C ARG A 5 -20.08 15.56 -0.11
N GLN A 6 -20.63 15.19 1.06
CA GLN A 6 -21.84 14.36 1.14
C GLN A 6 -21.63 13.00 0.52
N HIS A 7 -20.37 12.56 0.47
CA HIS A 7 -20.05 11.29 -0.14
C HIS A 7 -19.31 10.38 0.83
N SER A 8 -19.98 9.34 1.27
CA SER A 8 -19.31 8.27 1.97
C SER A 8 -18.75 7.30 0.94
N SER A 9 -19.36 7.33 -0.25
CA SER A 9 -18.93 6.50 -1.35
C SER A 9 -17.81 7.19 -2.11
N GLN A 10 -16.68 7.28 -1.45
CA GLN A 10 -15.46 7.78 -2.05
C GLN A 10 -14.66 6.59 -2.52
N ASP A 11 -15.39 5.64 -3.08
CA ASP A 11 -14.85 4.35 -3.50
C ASP A 11 -13.55 4.52 -4.29
N VAL A 12 -12.47 4.09 -3.68
CA VAL A 12 -11.14 4.18 -4.29
C VAL A 12 -10.30 2.98 -3.91
N HIS A 13 -9.22 2.80 -4.63
CA HIS A 13 -8.28 1.73 -4.37
C HIS A 13 -6.93 2.32 -3.98
N VAL A 14 -6.43 1.90 -2.83
CA VAL A 14 -5.16 2.40 -2.33
C VAL A 14 -4.08 1.36 -2.57
N VAL A 15 -3.18 1.66 -3.47
CA VAL A 15 -2.15 0.72 -3.85
C VAL A 15 -1.05 0.68 -2.83
N LEU A 16 -0.89 -0.48 -2.23
CA LEU A 16 0.14 -0.70 -1.27
C LEU A 16 1.24 -1.53 -1.90
N LYS A 17 2.44 -0.98 -1.89
CA LYS A 17 3.58 -1.61 -2.47
C LYS A 17 4.45 -2.18 -1.37
N LEU A 18 4.93 -3.38 -1.58
CA LEU A 18 5.74 -4.06 -0.59
C LEU A 18 7.19 -3.90 -0.96
N TRP A 19 8.02 -3.65 0.03
CA TRP A 19 9.43 -3.46 -0.23
C TRP A 19 10.26 -4.35 0.69
N LYS A 20 11.57 -4.30 0.53
CA LYS A 20 12.47 -5.17 1.28
C LYS A 20 12.46 -4.89 2.79
N SER A 21 12.14 -3.68 3.19
CA SER A 21 12.15 -3.33 4.60
C SER A 21 10.83 -2.71 5.05
N GLY A 22 9.91 -2.51 4.12
CA GLY A 22 8.68 -1.84 4.46
C GLY A 22 7.64 -1.89 3.37
N PHE A 23 6.74 -0.93 3.38
CA PHE A 23 5.62 -0.89 2.47
C PHE A 23 5.26 0.58 2.18
N SER A 24 4.69 0.85 1.01
CA SER A 24 4.26 2.21 0.68
C SER A 24 2.92 2.17 -0.03
N LEU A 25 2.06 3.08 0.34
CA LEU A 25 0.67 3.03 -0.05
C LEU A 25 0.21 4.43 -0.40
N ASP A 26 -0.84 4.53 -1.21
CA ASP A 26 -1.30 5.81 -1.74
C ASP A 26 -1.86 6.72 -0.64
N ASN A 27 -0.95 7.26 0.15
CA ASN A 27 -1.23 8.21 1.22
C ASN A 27 0.09 8.56 1.91
N GLY A 28 1.04 7.62 1.85
CA GLY A 28 2.33 7.81 2.49
C GLY A 28 3.43 6.97 1.84
N GLU A 29 4.64 7.47 1.91
CA GLU A 29 5.80 6.80 1.32
C GLU A 29 6.12 5.48 2.02
N LEU A 30 7.27 4.89 1.69
CA LEU A 30 7.66 3.61 2.25
C LEU A 30 7.90 3.73 3.76
N ARG A 31 7.06 3.04 4.49
CA ARG A 31 7.19 2.92 5.93
C ARG A 31 7.64 1.51 6.25
N SER A 32 8.61 1.36 7.14
CA SER A 32 9.21 0.05 7.39
C SER A 32 8.33 -0.79 8.32
N TYR A 33 8.34 -2.11 8.09
CA TYR A 33 7.35 -3.03 8.67
C TYR A 33 7.23 -2.97 10.21
N GLN A 34 8.32 -2.66 10.90
CA GLN A 34 8.38 -2.84 12.35
C GLN A 34 8.01 -1.57 13.11
N ASP A 35 8.17 -0.42 12.46
CA ASP A 35 7.82 0.88 13.05
C ASP A 35 6.41 0.87 13.67
N PRO A 36 6.28 1.49 14.86
CA PRO A 36 5.05 1.47 15.67
C PRO A 36 3.79 1.95 14.94
N SER A 37 3.93 2.84 13.96
CA SER A 37 2.76 3.36 13.27
C SER A 37 2.38 2.40 12.16
N ASN A 38 3.38 1.70 11.67
CA ASN A 38 3.21 0.81 10.55
C ASN A 38 2.67 -0.53 11.01
N ALA A 39 2.90 -0.83 12.28
CA ALA A 39 2.32 -2.01 12.91
C ALA A 39 0.80 -2.02 12.74
N GLN A 40 0.22 -0.82 12.66
CA GLN A 40 -1.22 -0.66 12.43
C GLN A 40 -1.61 -1.25 11.09
N PHE A 41 -0.84 -0.90 10.05
CA PHE A 41 -1.12 -1.39 8.71
C PHE A 41 -1.02 -2.90 8.65
N LEU A 42 0.15 -3.42 8.98
CA LEU A 42 0.41 -4.85 8.86
C LEU A 42 -0.65 -5.64 9.60
N GLU A 43 -0.96 -5.20 10.81
CA GLU A 43 -1.99 -5.81 11.62
C GLU A 43 -3.33 -5.84 10.88
N SER A 44 -3.90 -4.66 10.63
CA SER A 44 -5.19 -4.54 9.97
C SER A 44 -5.23 -5.30 8.64
N ILE A 45 -4.13 -5.20 7.90
CA ILE A 45 -4.05 -5.79 6.58
C ILE A 45 -3.97 -7.32 6.67
N ARG A 46 -3.49 -7.82 7.80
CA ARG A 46 -3.49 -9.26 8.06
C ARG A 46 -4.83 -9.72 8.63
N ARG A 47 -5.51 -8.83 9.33
CA ARG A 47 -6.82 -9.13 9.91
C ARG A 47 -7.88 -9.15 8.81
N GLY A 48 -7.71 -8.27 7.84
CA GLY A 48 -8.70 -8.12 6.80
C GLY A 48 -9.45 -6.82 6.95
N GLU A 49 -9.03 -6.04 7.95
CA GLU A 49 -9.66 -4.77 8.26
C GLU A 49 -9.00 -3.64 7.47
N VAL A 50 -9.61 -2.47 7.49
CA VAL A 50 -9.14 -1.35 6.70
C VAL A 50 -8.25 -0.43 7.52
N PRO A 51 -6.99 -0.26 7.09
CA PRO A 51 -6.07 0.71 7.70
C PRO A 51 -6.61 2.14 7.61
N ALA A 52 -6.52 2.86 8.72
CA ALA A 52 -7.12 4.19 8.85
C ALA A 52 -6.57 5.16 7.81
N GLU A 53 -5.31 4.98 7.42
CA GLU A 53 -4.66 5.85 6.44
C GLU A 53 -5.35 5.79 5.08
N LEU A 54 -6.01 4.69 4.78
CA LEU A 54 -6.69 4.54 3.51
C LEU A 54 -8.07 5.14 3.64
N ARG A 55 -8.60 5.01 4.84
CA ARG A 55 -9.88 5.57 5.20
C ARG A 55 -9.72 7.10 5.40
N ARG A 56 -8.48 7.55 5.50
CA ARG A 56 -8.16 8.97 5.44
C ARG A 56 -8.05 9.42 3.99
N LEU A 57 -8.37 8.53 3.07
CA LEU A 57 -8.46 8.86 1.65
C LEU A 57 -9.91 8.75 1.20
N ALA A 58 -10.50 7.59 1.41
CA ALA A 58 -11.92 7.39 1.15
C ALA A 58 -12.73 7.70 2.40
N HIS A 59 -13.84 8.42 2.23
CA HIS A 59 -14.64 8.88 3.37
C HIS A 59 -15.46 7.75 4.00
N GLY A 60 -14.77 6.71 4.43
CA GLY A 60 -15.42 5.61 5.12
C GLY A 60 -16.38 4.85 4.25
N GLY A 61 -15.96 4.51 3.05
CA GLY A 61 -16.81 3.76 2.17
C GLY A 61 -16.07 2.60 1.57
N GLN A 62 -16.14 2.47 0.28
CA GLN A 62 -15.39 1.46 -0.42
C GLN A 62 -13.94 1.88 -0.55
N VAL A 63 -13.23 1.78 0.56
CA VAL A 63 -11.80 1.98 0.55
C VAL A 63 -11.10 0.64 0.56
N ASN A 64 -10.60 0.25 -0.60
CA ASN A 64 -9.98 -1.04 -0.77
C ASN A 64 -8.52 -0.85 -1.14
N LEU A 65 -7.66 -1.72 -0.65
CA LEU A 65 -6.25 -1.61 -0.93
C LEU A 65 -5.80 -2.74 -1.85
N ASP A 66 -4.83 -2.46 -2.70
CA ASP A 66 -4.29 -3.48 -3.58
C ASP A 66 -2.81 -3.68 -3.28
N MET A 67 -2.38 -4.93 -3.29
CA MET A 67 -1.00 -5.25 -2.94
C MET A 67 -0.14 -5.38 -4.19
N GLU A 68 0.90 -4.55 -4.27
CA GLU A 68 1.96 -4.72 -5.24
C GLU A 68 3.20 -5.22 -4.52
N ASP A 69 3.89 -6.17 -5.13
CA ASP A 69 5.11 -6.70 -4.55
C ASP A 69 6.32 -6.15 -5.26
N HIS A 70 7.12 -5.39 -4.52
CA HIS A 70 8.35 -4.81 -5.03
C HIS A 70 9.43 -4.97 -3.99
N ARG A 71 9.36 -6.06 -3.28
CA ARG A 71 10.32 -6.35 -2.24
C ARG A 71 11.67 -6.62 -2.87
N ASP A 72 12.72 -6.07 -2.26
CA ASP A 72 14.09 -6.13 -2.77
C ASP A 72 14.27 -5.22 -3.99
N GLU A 73 13.18 -4.58 -4.43
CA GLU A 73 13.25 -3.57 -5.49
C GLU A 73 13.66 -2.23 -4.89
N ASP A 74 13.32 -2.06 -3.60
CA ASP A 74 13.61 -0.85 -2.84
C ASP A 74 12.74 0.31 -3.28
N PHE A 75 12.55 1.27 -2.35
CA PHE A 75 11.60 2.36 -2.53
C PHE A 75 11.89 3.19 -3.77
N VAL A 76 10.93 3.25 -4.69
CA VAL A 76 11.11 4.04 -5.89
C VAL A 76 9.87 4.87 -6.25
N LYS A 77 8.71 4.24 -6.19
CA LYS A 77 7.56 4.74 -6.95
C LYS A 77 6.95 6.05 -6.43
N PRO A 78 6.41 6.08 -5.21
CA PRO A 78 5.75 7.27 -4.65
C PRO A 78 6.65 8.51 -4.58
N LYS A 79 7.94 8.33 -4.85
CA LYS A 79 8.88 9.44 -4.87
C LYS A 79 8.67 10.29 -6.11
N GLY A 80 8.63 9.64 -7.26
CA GLY A 80 8.56 10.35 -8.53
C GLY A 80 8.65 9.39 -9.69
N ALA A 81 8.24 8.17 -9.44
CA ALA A 81 8.23 7.13 -10.45
C ALA A 81 6.84 6.57 -10.55
N PHE A 82 6.64 5.59 -11.41
CA PHE A 82 5.34 5.01 -11.57
C PHE A 82 5.34 3.55 -11.16
N LYS A 83 4.16 3.00 -11.02
CA LYS A 83 3.97 1.71 -10.39
C LYS A 83 4.22 0.57 -11.36
N ALA A 84 4.02 0.84 -12.65
CA ALA A 84 4.10 -0.17 -13.70
C ALA A 84 2.95 -1.17 -13.58
N PHE A 85 2.91 -1.86 -12.44
CA PHE A 85 1.83 -2.79 -12.10
C PHE A 85 1.88 -4.04 -12.98
N THR A 86 2.19 -5.17 -12.34
CA THR A 86 2.21 -6.49 -12.97
C THR A 86 3.10 -6.53 -14.21
N GLY A 87 4.40 -6.78 -14.00
CA GLY A 87 5.29 -6.94 -15.12
C GLY A 87 6.76 -6.81 -14.76
N GLU A 88 7.50 -6.19 -15.66
CA GLU A 88 8.96 -6.04 -15.54
C GLU A 88 9.39 -5.50 -14.18
N GLY A 89 10.29 -6.21 -13.52
CA GLY A 89 10.82 -5.76 -12.26
C GLY A 89 10.34 -6.58 -11.08
N GLN A 90 9.16 -7.18 -11.24
CA GLN A 90 8.56 -7.95 -10.16
C GLN A 90 8.85 -9.43 -10.32
N LYS A 91 8.89 -10.14 -9.20
CA LYS A 91 9.05 -11.59 -9.20
C LYS A 91 7.77 -12.27 -9.66
N LEU A 92 6.65 -11.79 -9.09
CA LEU A 92 5.30 -12.24 -9.47
C LEU A 92 5.07 -13.69 -9.06
N GLY A 93 6.05 -14.27 -8.36
CA GLY A 93 5.98 -15.67 -7.99
C GLY A 93 6.49 -16.58 -9.08
N SER A 94 6.63 -16.03 -10.28
CA SER A 94 7.06 -16.80 -11.43
C SER A 94 8.58 -16.89 -11.50
N THR A 95 9.25 -15.76 -11.41
CA THR A 95 10.69 -15.70 -11.57
C THR A 95 11.40 -15.63 -10.21
N ALA A 96 11.89 -16.76 -9.76
CA ALA A 96 12.61 -16.85 -8.50
C ALA A 96 14.10 -16.62 -8.75
N PRO A 97 14.65 -15.52 -8.22
CA PRO A 97 16.06 -15.18 -8.41
C PRO A 97 16.98 -15.99 -7.49
N GLN A 98 16.81 -17.30 -7.51
CA GLN A 98 17.54 -18.22 -6.64
C GLN A 98 17.33 -17.87 -5.17
N VAL A 99 18.22 -17.04 -4.63
CA VAL A 99 18.14 -16.61 -3.23
C VAL A 99 18.46 -15.12 -3.12
N LEU A 100 18.42 -14.42 -4.26
CA LEU A 100 18.71 -12.99 -4.30
C LEU A 100 17.65 -12.19 -3.56
N SER A 101 16.46 -12.15 -4.13
CA SER A 101 15.31 -11.57 -3.45
C SER A 101 14.73 -12.63 -2.51
N THR A 102 13.57 -13.16 -2.86
CA THR A 102 12.99 -14.30 -2.15
C THR A 102 11.90 -14.93 -3.01
N GLY A 1 29.19 -14.50 -1.03
CA GLY A 1 29.35 -13.45 -2.05
C GLY A 1 28.02 -13.03 -2.64
N SER A 2 27.86 -11.74 -2.91
CA SER A 2 26.60 -11.20 -3.41
C SER A 2 26.41 -11.52 -4.89
N GLU A 3 26.27 -12.81 -5.21
CA GLU A 3 25.94 -13.21 -6.57
C GLU A 3 24.42 -13.41 -6.69
N LYS A 4 23.79 -13.57 -5.54
CA LYS A 4 22.35 -13.79 -5.48
C LYS A 4 21.64 -12.50 -5.08
N ARG A 5 21.30 -11.69 -6.06
CA ARG A 5 20.64 -10.41 -5.80
C ARG A 5 19.54 -10.17 -6.82
N GLN A 6 19.95 -9.87 -8.05
CA GLN A 6 19.04 -9.65 -9.18
C GLN A 6 18.14 -8.43 -8.96
N HIS A 7 18.30 -7.41 -9.77
CA HIS A 7 17.50 -6.20 -9.67
C HIS A 7 16.09 -6.42 -10.24
N SER A 8 15.70 -7.68 -10.37
CA SER A 8 14.34 -8.02 -10.70
C SER A 8 13.59 -8.32 -9.39
N SER A 9 14.36 -8.63 -8.35
CA SER A 9 13.80 -8.97 -7.06
C SER A 9 13.66 -7.71 -6.21
N GLN A 10 12.99 -6.72 -6.77
CA GLN A 10 12.82 -5.45 -6.11
C GLN A 10 11.37 -5.34 -5.68
N ASP A 11 10.92 -6.38 -5.00
CA ASP A 11 9.59 -6.44 -4.43
C ASP A 11 9.27 -5.18 -3.63
N VAL A 12 8.03 -4.74 -3.71
CA VAL A 12 7.59 -3.62 -2.92
C VAL A 12 6.39 -4.01 -2.10
N HIS A 13 6.44 -3.65 -0.85
CA HIS A 13 5.31 -3.79 0.02
C HIS A 13 4.71 -2.41 0.21
N VAL A 14 3.64 -2.13 -0.50
CA VAL A 14 3.06 -0.80 -0.49
C VAL A 14 1.81 -0.77 0.36
N VAL A 15 1.82 0.09 1.36
CA VAL A 15 0.74 0.18 2.29
C VAL A 15 -0.40 0.99 1.71
N LEU A 16 -1.58 0.43 1.77
CA LEU A 16 -2.77 1.15 1.43
C LEU A 16 -3.61 1.28 2.68
N LYS A 17 -3.84 2.50 3.10
CA LYS A 17 -4.64 2.73 4.27
C LYS A 17 -6.02 3.19 3.86
N LEU A 18 -7.00 2.63 4.51
CA LEU A 18 -8.40 2.84 4.19
C LEU A 18 -8.96 3.86 5.18
N TRP A 19 -9.25 5.04 4.69
CA TRP A 19 -9.65 6.15 5.54
C TRP A 19 -11.16 6.36 5.51
N LYS A 20 -11.63 7.47 6.06
CA LYS A 20 -13.05 7.77 6.02
C LYS A 20 -13.47 8.37 4.68
N SER A 21 -12.64 9.23 4.12
CA SER A 21 -12.96 9.90 2.86
C SER A 21 -12.36 9.15 1.68
N GLY A 22 -11.19 8.54 1.87
CA GLY A 22 -10.52 7.91 0.76
C GLY A 22 -9.53 6.84 1.19
N PHE A 23 -8.52 6.65 0.35
CA PHE A 23 -7.52 5.62 0.57
C PHE A 23 -6.15 6.13 0.11
N SER A 24 -5.10 5.76 0.83
CA SER A 24 -3.75 6.18 0.45
C SER A 24 -2.81 4.99 0.37
N LEU A 25 -2.02 4.96 -0.68
CA LEU A 25 -1.06 3.90 -0.90
C LEU A 25 0.31 4.52 -1.09
N ASP A 26 1.36 3.75 -0.83
CA ASP A 26 2.71 4.30 -0.65
C ASP A 26 3.26 5.07 -1.88
N ASN A 27 2.52 5.06 -2.98
CA ASN A 27 2.94 5.80 -4.17
C ASN A 27 2.32 7.20 -4.18
N GLY A 28 1.40 7.46 -3.24
CA GLY A 28 0.72 8.75 -3.18
C GLY A 28 0.07 8.99 -1.83
N GLU A 29 -0.87 9.92 -1.77
CA GLU A 29 -1.55 10.23 -0.51
C GLU A 29 -3.03 9.86 -0.56
N LEU A 30 -3.76 10.26 0.49
CA LEU A 30 -5.18 9.94 0.67
C LEU A 30 -6.00 10.45 -0.51
N ARG A 31 -6.59 9.51 -1.24
CA ARG A 31 -7.45 9.81 -2.36
C ARG A 31 -8.88 9.35 -2.08
N SER A 32 -9.82 10.28 -2.08
CA SER A 32 -11.22 9.96 -1.82
C SER A 32 -11.80 9.05 -2.90
N TYR A 33 -12.70 8.15 -2.49
CA TYR A 33 -13.23 7.11 -3.36
C TYR A 33 -14.08 7.71 -4.48
N GLN A 34 -14.51 8.95 -4.26
CA GLN A 34 -15.41 9.64 -5.18
C GLN A 34 -14.70 10.02 -6.49
N ASP A 35 -13.42 10.33 -6.40
CA ASP A 35 -12.67 10.86 -7.53
C ASP A 35 -12.42 9.78 -8.58
N PRO A 36 -12.75 10.07 -9.86
CA PRO A 36 -12.62 9.12 -10.96
C PRO A 36 -11.17 8.74 -11.27
N SER A 37 -10.21 9.48 -10.74
CA SER A 37 -8.80 9.15 -10.96
C SER A 37 -8.41 8.04 -10.00
N ASN A 38 -9.08 8.03 -8.87
CA ASN A 38 -8.83 7.07 -7.82
C ASN A 38 -9.63 5.81 -8.08
N ALA A 39 -10.66 5.95 -8.90
CA ALA A 39 -11.46 4.82 -9.34
C ALA A 39 -10.59 3.77 -10.05
N GLN A 40 -9.49 4.24 -10.64
CA GLN A 40 -8.51 3.35 -11.26
C GLN A 40 -8.00 2.33 -10.24
N PHE A 41 -7.60 2.84 -9.08
CA PHE A 41 -7.15 2.00 -7.98
C PHE A 41 -8.29 1.10 -7.53
N LEU A 42 -9.37 1.72 -7.10
CA LEU A 42 -10.52 1.01 -6.56
C LEU A 42 -10.96 -0.10 -7.51
N GLU A 43 -11.00 0.17 -8.81
CA GLU A 43 -11.44 -0.83 -9.77
C GLU A 43 -10.47 -2.00 -9.79
N SER A 44 -9.19 -1.73 -10.07
CA SER A 44 -8.19 -2.78 -10.14
C SER A 44 -8.13 -3.58 -8.83
N ILE A 45 -8.21 -2.87 -7.72
CA ILE A 45 -8.13 -3.48 -6.41
C ILE A 45 -9.36 -4.35 -6.14
N ARG A 46 -10.52 -3.93 -6.64
CA ARG A 46 -11.75 -4.72 -6.50
C ARG A 46 -11.74 -5.92 -7.46
N ARG A 47 -11.03 -5.78 -8.59
CA ARG A 47 -10.92 -6.88 -9.54
C ARG A 47 -9.97 -7.94 -9.02
N GLY A 48 -9.09 -7.55 -8.11
CA GLY A 48 -8.08 -8.47 -7.61
C GLY A 48 -6.77 -8.30 -8.35
N GLU A 49 -6.63 -7.16 -9.01
CA GLU A 49 -5.44 -6.85 -9.77
C GLU A 49 -4.61 -5.81 -9.06
N VAL A 50 -3.39 -5.62 -9.53
CA VAL A 50 -2.49 -4.65 -8.94
C VAL A 50 -2.51 -3.34 -9.74
N PRO A 51 -2.79 -2.22 -9.06
CA PRO A 51 -2.75 -0.89 -9.67
C PRO A 51 -1.39 -0.61 -10.31
N ALA A 52 -1.44 -0.11 -11.55
CA ALA A 52 -0.25 0.14 -12.34
C ALA A 52 0.71 1.08 -11.61
N GLU A 53 0.18 1.94 -10.77
CA GLU A 53 1.01 2.87 -10.00
C GLU A 53 2.04 2.13 -9.14
N LEU A 54 1.72 0.91 -8.75
CA LEU A 54 2.60 0.12 -7.90
C LEU A 54 3.56 -0.67 -8.77
N ARG A 55 2.99 -1.25 -9.83
CA ARG A 55 3.75 -2.04 -10.77
C ARG A 55 4.74 -1.16 -11.54
N ARG A 56 4.33 0.08 -11.80
CA ARG A 56 5.21 1.07 -12.41
C ARG A 56 6.04 1.77 -11.33
N LEU A 57 6.38 1.03 -10.29
CA LEU A 57 7.25 1.49 -9.24
C LEU A 57 8.17 0.34 -8.87
N ALA A 58 7.54 -0.75 -8.44
CA ALA A 58 8.23 -2.03 -8.33
C ALA A 58 8.69 -2.50 -9.69
N HIS A 59 9.58 -3.48 -9.69
CA HIS A 59 10.09 -4.05 -10.94
C HIS A 59 9.12 -5.08 -11.52
N GLY A 60 7.83 -4.90 -11.23
CA GLY A 60 6.81 -5.77 -11.77
C GLY A 60 6.89 -7.20 -11.27
N GLY A 61 7.55 -7.39 -10.14
CA GLY A 61 7.57 -8.70 -9.52
C GLY A 61 6.54 -8.80 -8.42
N GLN A 62 7.00 -9.08 -7.21
CA GLN A 62 6.14 -9.04 -6.06
C GLN A 62 5.66 -7.61 -5.78
N VAL A 63 4.60 -7.24 -6.47
CA VAL A 63 3.93 -5.98 -6.21
C VAL A 63 2.80 -6.25 -5.21
N ASN A 64 3.03 -5.92 -3.96
CA ASN A 64 2.08 -6.26 -2.92
C ASN A 64 1.56 -5.02 -2.22
N LEU A 65 0.26 -4.84 -2.28
CA LEU A 65 -0.40 -3.73 -1.62
C LEU A 65 -1.12 -4.22 -0.37
N ASP A 66 -0.79 -3.63 0.76
CA ASP A 66 -1.29 -4.09 2.05
C ASP A 66 -2.33 -3.11 2.57
N MET A 67 -3.56 -3.57 2.66
CA MET A 67 -4.65 -2.71 3.10
C MET A 67 -4.73 -2.64 4.62
N GLU A 68 -4.53 -1.46 5.15
CA GLU A 68 -4.65 -1.21 6.58
C GLU A 68 -5.86 -0.31 6.80
N ASP A 69 -6.61 -0.54 7.87
CA ASP A 69 -7.86 0.18 8.09
C ASP A 69 -7.69 1.28 9.13
N HIS A 70 -8.05 2.49 8.76
CA HIS A 70 -7.95 3.66 9.63
C HIS A 70 -9.03 4.66 9.28
N ARG A 71 -10.21 4.16 9.01
CA ARG A 71 -11.28 4.99 8.51
C ARG A 71 -11.62 6.10 9.50
N ASP A 72 -11.76 5.75 10.77
CA ASP A 72 -12.11 6.76 11.77
C ASP A 72 -10.86 7.40 12.36
N GLU A 73 -9.69 7.11 11.77
CA GLU A 73 -8.43 7.69 12.22
C GLU A 73 -8.12 8.99 11.51
N ASP A 74 -8.64 9.12 10.29
CA ASP A 74 -8.25 10.19 9.35
C ASP A 74 -6.82 9.93 8.87
N PHE A 75 -6.32 10.78 8.00
CA PHE A 75 -5.13 10.49 7.18
C PHE A 75 -3.81 10.52 7.98
N VAL A 76 -3.58 9.47 8.74
CA VAL A 76 -2.28 9.26 9.38
C VAL A 76 -1.36 8.45 8.46
N LYS A 77 -0.69 9.15 7.58
CA LYS A 77 0.13 8.52 6.57
C LYS A 77 1.51 8.18 7.12
N PRO A 78 2.18 7.18 6.53
CA PRO A 78 3.57 6.85 6.85
C PRO A 78 4.51 7.97 6.43
N LYS A 79 4.20 8.53 5.27
CA LYS A 79 5.01 9.56 4.61
C LYS A 79 5.33 10.74 5.53
N GLY A 80 4.32 11.56 5.80
CA GLY A 80 4.55 12.80 6.51
C GLY A 80 4.19 12.74 7.99
N ALA A 81 3.30 11.81 8.35
CA ALA A 81 2.90 11.69 9.75
C ALA A 81 3.85 10.76 10.49
N PHE A 82 4.11 9.60 9.88
CA PHE A 82 5.17 8.69 10.32
C PHE A 82 4.90 8.11 11.71
N LYS A 83 3.66 8.22 12.15
CA LYS A 83 3.29 7.77 13.48
C LYS A 83 1.93 7.06 13.45
N ALA A 84 1.90 5.86 12.91
CA ALA A 84 0.71 5.04 12.95
C ALA A 84 0.65 4.30 14.29
N PHE A 85 0.39 5.05 15.35
CA PHE A 85 0.54 4.54 16.70
C PHE A 85 -0.74 3.88 17.23
N THR A 86 -1.55 3.33 16.35
CA THR A 86 -2.80 2.73 16.77
C THR A 86 -3.28 1.68 15.77
N GLY A 87 -4.02 0.69 16.28
CA GLY A 87 -4.58 -0.33 15.42
C GLY A 87 -3.87 -1.66 15.53
N GLU A 88 -4.35 -2.50 16.43
CA GLU A 88 -3.72 -3.80 16.68
C GLU A 88 -3.97 -4.77 15.52
N GLY A 89 -5.23 -5.06 15.26
CA GLY A 89 -5.58 -6.05 14.24
C GLY A 89 -5.48 -5.51 12.83
N GLN A 90 -4.43 -4.75 12.56
CA GLN A 90 -4.21 -4.18 11.24
C GLN A 90 -2.86 -4.61 10.69
N LYS A 91 -2.00 -5.10 11.57
CA LYS A 91 -0.65 -5.48 11.20
C LYS A 91 -0.65 -6.84 10.49
N LEU A 92 -0.73 -7.92 11.28
CA LEU A 92 -0.72 -9.29 10.75
C LEU A 92 0.55 -9.56 9.93
N GLY A 93 0.46 -9.32 8.62
CA GLY A 93 1.60 -9.57 7.75
C GLY A 93 2.24 -8.29 7.26
N SER A 94 1.61 -7.17 7.58
CA SER A 94 2.10 -5.85 7.15
C SER A 94 3.45 -5.54 7.81
N THR A 95 3.67 -6.13 8.97
CA THR A 95 4.90 -5.91 9.72
C THR A 95 5.83 -7.12 9.63
N ALA A 96 5.63 -7.96 8.62
CA ALA A 96 6.45 -9.15 8.43
C ALA A 96 7.45 -8.92 7.30
N PRO A 97 8.73 -8.71 7.64
CA PRO A 97 9.78 -8.42 6.66
C PRO A 97 10.19 -9.64 5.83
N GLN A 98 9.85 -10.83 6.33
CA GLN A 98 10.20 -12.07 5.64
C GLN A 98 9.07 -13.08 5.72
N VAL A 99 8.60 -13.49 4.54
CA VAL A 99 7.61 -14.56 4.44
C VAL A 99 8.33 -15.91 4.47
N LEU A 100 9.62 -15.90 4.17
CA LEU A 100 10.43 -17.11 4.20
C LEU A 100 10.67 -17.54 5.64
N SER A 101 11.11 -16.60 6.45
CA SER A 101 11.33 -16.84 7.87
C SER A 101 10.37 -16.00 8.69
N THR A 102 9.36 -16.64 9.26
CA THR A 102 8.37 -15.96 10.08
C THR A 102 8.77 -16.00 11.56
N GLY A 1 29.90 -16.00 -8.18
CA GLY A 1 29.62 -16.27 -6.75
C GLY A 1 29.36 -14.99 -5.99
N SER A 2 28.97 -15.12 -4.72
CA SER A 2 28.64 -13.98 -3.85
C SER A 2 27.73 -12.97 -4.55
N GLU A 3 26.80 -13.48 -5.35
CA GLU A 3 25.89 -12.66 -6.12
C GLU A 3 25.00 -11.85 -5.17
N LYS A 4 24.75 -10.60 -5.54
CA LYS A 4 24.02 -9.69 -4.66
C LYS A 4 22.54 -10.05 -4.58
N ARG A 5 22.23 -10.83 -3.57
CA ARG A 5 20.88 -11.27 -3.30
C ARG A 5 20.61 -11.09 -1.82
N GLN A 6 21.41 -11.79 -1.02
CA GLN A 6 21.51 -11.59 0.44
C GLN A 6 20.15 -11.48 1.14
N HIS A 7 19.63 -10.27 1.26
CA HIS A 7 18.45 -10.03 2.05
C HIS A 7 17.18 -9.99 1.22
N SER A 8 17.27 -10.45 -0.03
CA SER A 8 16.08 -10.64 -0.83
C SER A 8 15.40 -11.94 -0.43
N SER A 9 15.00 -12.01 0.82
CA SER A 9 14.45 -13.23 1.39
C SER A 9 12.94 -13.15 1.45
N GLN A 10 12.40 -11.93 1.34
CA GLN A 10 10.96 -11.67 1.12
C GLN A 10 10.11 -11.64 2.39
N ASP A 11 10.55 -10.96 3.47
CA ASP A 11 9.68 -10.74 4.64
C ASP A 11 9.28 -9.28 4.75
N VAL A 12 7.99 -9.01 4.63
CA VAL A 12 7.45 -7.66 4.79
C VAL A 12 5.99 -7.72 5.22
N HIS A 13 5.61 -6.78 6.06
CA HIS A 13 4.19 -6.57 6.33
C HIS A 13 3.78 -5.34 5.56
N VAL A 14 3.16 -5.54 4.42
CA VAL A 14 2.88 -4.44 3.53
C VAL A 14 1.40 -4.10 3.56
N VAL A 15 1.08 -3.03 4.25
CA VAL A 15 -0.28 -2.54 4.26
C VAL A 15 -0.49 -1.55 3.13
N LEU A 16 -1.37 -1.92 2.22
CA LEU A 16 -1.65 -1.10 1.05
C LEU A 16 -2.95 -0.37 1.26
N LYS A 17 -2.88 0.95 1.29
CA LYS A 17 -4.07 1.75 1.51
C LYS A 17 -4.46 2.46 0.22
N LEU A 18 -5.77 2.54 -0.01
CA LEU A 18 -6.33 3.12 -1.23
C LEU A 18 -6.79 4.53 -0.91
N TRP A 19 -6.28 5.49 -1.66
CA TRP A 19 -6.61 6.88 -1.43
C TRP A 19 -7.35 7.45 -2.62
N LYS A 20 -7.48 8.76 -2.66
CA LYS A 20 -8.15 9.38 -3.79
C LYS A 20 -7.21 9.53 -4.98
N SER A 21 -5.92 9.72 -4.72
CA SER A 21 -4.95 9.84 -5.79
C SER A 21 -4.43 8.48 -6.21
N GLY A 22 -4.17 7.63 -5.24
CA GLY A 22 -3.56 6.36 -5.54
C GLY A 22 -3.55 5.42 -4.35
N PHE A 23 -2.44 4.73 -4.20
CA PHE A 23 -2.32 3.67 -3.23
C PHE A 23 -0.94 3.71 -2.56
N SER A 24 -0.91 3.55 -1.25
CA SER A 24 0.35 3.56 -0.53
C SER A 24 0.61 2.22 0.10
N LEU A 25 1.81 1.73 -0.07
CA LEU A 25 2.20 0.46 0.50
C LEU A 25 3.08 0.74 1.71
N ASP A 26 3.44 -0.27 2.47
CA ASP A 26 4.40 -0.08 3.56
C ASP A 26 5.71 0.46 2.99
N ASN A 27 6.04 -0.02 1.81
CA ASN A 27 7.26 0.35 1.10
C ASN A 27 7.13 1.68 0.35
N GLY A 28 6.75 2.73 1.05
CA GLY A 28 6.72 4.04 0.43
C GLY A 28 5.44 4.81 0.70
N GLU A 29 5.20 5.82 -0.12
CA GLU A 29 4.07 6.71 0.08
C GLU A 29 2.93 6.44 -0.89
N LEU A 30 1.98 7.37 -0.92
CA LEU A 30 0.81 7.30 -1.79
C LEU A 30 1.27 7.36 -3.25
N ARG A 31 1.14 6.22 -3.93
CA ARG A 31 1.42 6.12 -5.35
C ARG A 31 0.16 6.43 -6.15
N SER A 32 0.10 7.60 -6.77
CA SER A 32 -1.07 8.01 -7.54
C SER A 32 -1.32 7.05 -8.72
N TYR A 33 -2.60 6.79 -9.00
CA TYR A 33 -3.01 5.74 -9.93
C TYR A 33 -2.65 6.04 -11.39
N GLN A 34 -2.38 7.31 -11.70
CA GLN A 34 -2.10 7.71 -13.08
C GLN A 34 -0.65 7.47 -13.47
N ASP A 35 0.24 7.55 -12.50
CA ASP A 35 1.69 7.41 -12.74
C ASP A 35 2.04 6.05 -13.33
N PRO A 36 2.82 6.06 -14.43
CA PRO A 36 3.20 4.84 -15.17
C PRO A 36 4.06 3.86 -14.36
N SER A 37 4.69 4.32 -13.29
CA SER A 37 5.54 3.46 -12.50
C SER A 37 4.71 2.74 -11.46
N ASN A 38 3.64 3.39 -11.05
CA ASN A 38 2.73 2.83 -10.07
C ASN A 38 1.80 1.82 -10.73
N ALA A 39 1.68 1.94 -12.04
CA ALA A 39 0.93 0.99 -12.85
C ALA A 39 1.50 -0.42 -12.68
N GLN A 40 2.80 -0.49 -12.39
CA GLN A 40 3.47 -1.75 -12.09
C GLN A 40 2.77 -2.45 -10.94
N PHE A 41 2.59 -1.72 -9.84
CA PHE A 41 1.93 -2.25 -8.67
C PHE A 41 0.52 -2.68 -9.03
N LEU A 42 -0.24 -1.73 -9.57
CA LEU A 42 -1.64 -1.94 -9.90
C LEU A 42 -1.87 -3.24 -10.65
N GLU A 43 -1.12 -3.47 -11.72
CA GLU A 43 -1.33 -4.64 -12.54
C GLU A 43 -0.86 -5.91 -11.83
N SER A 44 0.33 -5.89 -11.23
CA SER A 44 0.86 -7.07 -10.57
C SER A 44 -0.06 -7.51 -9.44
N ILE A 45 -0.61 -6.54 -8.73
CA ILE A 45 -1.45 -6.82 -7.58
C ILE A 45 -2.84 -7.25 -8.05
N ARG A 46 -3.20 -6.74 -9.22
CA ARG A 46 -4.45 -7.06 -9.87
C ARG A 46 -4.45 -8.51 -10.37
N ARG A 47 -3.32 -8.93 -10.94
CA ARG A 47 -3.18 -10.30 -11.43
C ARG A 47 -3.07 -11.27 -10.26
N GLY A 48 -2.17 -10.96 -9.33
CA GLY A 48 -1.93 -11.84 -8.21
C GLY A 48 -0.45 -12.08 -7.98
N GLU A 49 0.38 -11.21 -8.56
CA GLU A 49 1.83 -11.32 -8.45
C GLU A 49 2.34 -10.37 -7.38
N VAL A 50 3.61 -10.49 -7.04
CA VAL A 50 4.19 -9.67 -5.99
C VAL A 50 5.09 -8.58 -6.57
N PRO A 51 4.74 -7.31 -6.32
CA PRO A 51 5.54 -6.16 -6.75
C PRO A 51 6.96 -6.19 -6.19
N ALA A 52 7.91 -5.75 -7.02
CA ALA A 52 9.32 -5.81 -6.70
C ALA A 52 9.69 -4.93 -5.51
N GLU A 53 8.96 -3.83 -5.33
CA GLU A 53 9.24 -2.91 -4.23
C GLU A 53 9.22 -3.60 -2.87
N LEU A 54 8.30 -4.53 -2.69
CA LEU A 54 8.18 -5.23 -1.42
C LEU A 54 9.09 -6.45 -1.41
N ARG A 55 8.96 -7.27 -2.44
CA ARG A 55 9.69 -8.54 -2.51
C ARG A 55 11.21 -8.31 -2.64
N ARG A 56 11.62 -7.32 -3.42
CA ARG A 56 13.05 -7.03 -3.60
C ARG A 56 13.57 -6.12 -2.49
N LEU A 57 12.90 -6.13 -1.35
CA LEU A 57 13.31 -5.34 -0.19
C LEU A 57 13.13 -6.19 1.06
N ALA A 58 12.00 -6.88 1.10
CA ALA A 58 11.65 -7.79 2.17
C ALA A 58 12.74 -8.83 2.46
N HIS A 59 12.92 -9.14 3.75
CA HIS A 59 13.96 -10.09 4.17
C HIS A 59 13.48 -11.00 5.31
N GLY A 60 13.21 -12.25 4.97
CA GLY A 60 12.72 -13.22 5.94
C GLY A 60 11.87 -14.29 5.26
N GLY A 61 11.04 -13.83 4.33
CA GLY A 61 10.25 -14.74 3.52
C GLY A 61 8.77 -14.77 3.86
N GLN A 62 8.32 -13.75 4.56
CA GLN A 62 6.91 -13.52 4.77
C GLN A 62 6.49 -12.25 4.04
N VAL A 63 6.37 -12.32 2.73
CA VAL A 63 6.02 -11.15 1.94
C VAL A 63 4.51 -11.07 1.76
N ASN A 64 3.87 -10.19 2.52
CA ASN A 64 2.41 -10.11 2.54
C ASN A 64 1.92 -8.70 2.21
N LEU A 65 0.77 -8.63 1.55
CA LEU A 65 0.18 -7.36 1.17
C LEU A 65 -1.30 -7.30 1.57
N ASP A 66 -1.64 -6.30 2.39
CA ASP A 66 -3.02 -6.07 2.82
C ASP A 66 -3.57 -4.87 2.07
N MET A 67 -4.88 -4.68 2.09
CA MET A 67 -5.49 -3.56 1.38
C MET A 67 -6.60 -2.88 2.19
N GLU A 68 -6.54 -1.55 2.22
CA GLU A 68 -7.49 -0.72 2.96
C GLU A 68 -8.07 0.37 2.06
N ASP A 69 -9.12 1.02 2.52
CA ASP A 69 -9.75 2.11 1.78
C ASP A 69 -9.79 3.38 2.63
N HIS A 70 -9.10 4.43 2.16
CA HIS A 70 -9.10 5.73 2.83
C HIS A 70 -9.08 6.83 1.78
N ARG A 71 -9.89 6.66 0.75
CA ARG A 71 -9.92 7.59 -0.39
C ARG A 71 -10.09 9.04 0.04
N ASP A 72 -11.15 9.31 0.78
CA ASP A 72 -11.50 10.67 1.16
C ASP A 72 -10.76 11.13 2.42
N GLU A 73 -9.83 10.29 2.88
CA GLU A 73 -8.95 10.67 3.96
C GLU A 73 -7.64 11.21 3.43
N ASP A 74 -7.28 10.75 2.22
CA ASP A 74 -6.02 11.08 1.57
C ASP A 74 -4.84 10.47 2.34
N PHE A 75 -3.66 10.53 1.75
CA PHE A 75 -2.50 9.78 2.26
C PHE A 75 -2.21 10.08 3.74
N VAL A 76 -2.00 9.02 4.51
CA VAL A 76 -1.74 9.17 5.93
C VAL A 76 -1.18 7.87 6.55
N LYS A 77 0.12 7.64 6.37
CA LYS A 77 0.80 6.58 7.11
C LYS A 77 2.27 6.93 7.46
N PRO A 78 3.24 6.80 6.53
CA PRO A 78 4.65 7.11 6.81
C PRO A 78 4.86 8.54 7.29
N LYS A 79 4.05 9.44 6.74
CA LYS A 79 4.06 10.87 7.07
C LYS A 79 4.38 11.12 8.55
N GLY A 80 3.58 10.52 9.42
CA GLY A 80 3.81 10.62 10.84
C GLY A 80 2.79 9.84 11.62
N ALA A 81 2.43 8.68 11.06
CA ALA A 81 1.37 7.83 11.59
C ALA A 81 0.00 8.52 11.45
N PHE A 82 -0.26 9.46 12.35
CA PHE A 82 -1.55 10.16 12.41
C PHE A 82 -2.68 9.16 12.58
N LYS A 83 -3.26 8.74 11.47
CA LYS A 83 -4.25 7.68 11.46
C LYS A 83 -3.60 6.35 11.12
N ALA A 84 -3.27 6.18 9.84
CA ALA A 84 -2.85 4.90 9.28
C ALA A 84 -3.99 3.89 9.42
N PHE A 85 -4.11 3.32 10.61
CA PHE A 85 -5.25 2.52 11.00
C PHE A 85 -5.23 2.32 12.51
N THR A 86 -6.24 2.83 13.17
CA THR A 86 -6.28 2.84 14.62
C THR A 86 -7.20 1.76 15.16
N GLY A 87 -8.06 1.25 14.30
CA GLY A 87 -9.04 0.27 14.71
C GLY A 87 -10.42 0.60 14.19
N GLU A 88 -10.45 1.32 13.08
CA GLU A 88 -11.68 1.69 12.43
C GLU A 88 -12.02 0.67 11.35
N GLY A 89 -13.21 0.09 11.47
CA GLY A 89 -13.65 -0.93 10.54
C GLY A 89 -13.67 -0.45 9.10
N GLN A 90 -12.84 -1.07 8.28
CA GLN A 90 -12.76 -0.71 6.87
C GLN A 90 -14.04 -1.11 6.15
N LYS A 91 -14.71 -0.13 5.57
CA LYS A 91 -15.96 -0.35 4.84
C LYS A 91 -17.08 -0.76 5.81
N LEU A 92 -16.90 -0.43 7.08
CA LEU A 92 -17.93 -0.69 8.09
C LEU A 92 -18.90 0.49 8.15
N GLY A 93 -19.60 0.71 7.05
CA GLY A 93 -20.52 1.83 6.98
C GLY A 93 -19.83 3.08 6.46
N SER A 94 -20.46 3.71 5.48
CA SER A 94 -19.93 4.94 4.91
C SER A 94 -20.01 6.08 5.92
N THR A 95 -18.84 6.57 6.32
CA THR A 95 -18.74 7.67 7.27
C THR A 95 -18.97 9.01 6.55
N ALA A 96 -20.21 9.29 6.21
CA ALA A 96 -20.53 10.51 5.48
C ALA A 96 -21.55 11.36 6.24
N PRO A 97 -21.07 12.28 7.09
CA PRO A 97 -21.92 13.24 7.77
C PRO A 97 -22.40 14.34 6.82
N GLN A 98 -23.55 14.10 6.20
CA GLN A 98 -24.18 15.05 5.28
C GLN A 98 -23.38 15.17 3.97
N VAL A 99 -22.31 15.95 4.00
CA VAL A 99 -21.50 16.18 2.81
C VAL A 99 -20.00 16.10 3.12
N LEU A 100 -19.68 15.48 4.24
CA LEU A 100 -18.30 15.38 4.67
C LEU A 100 -17.90 13.91 4.84
N SER A 101 -16.68 13.67 5.30
CA SER A 101 -16.20 12.32 5.56
C SER A 101 -15.59 12.23 6.95
N THR A 102 -16.33 11.62 7.88
CA THR A 102 -15.88 11.43 9.24
C THR A 102 -17.03 10.82 10.06
N GLY A 1 14.40 -15.72 7.31
CA GLY A 1 15.51 -15.48 6.37
C GLY A 1 16.64 -14.73 7.02
N SER A 2 17.33 -13.89 6.25
CA SER A 2 18.42 -13.06 6.75
C SER A 2 19.60 -13.95 7.17
N GLU A 3 19.81 -15.00 6.40
CA GLU A 3 20.93 -15.92 6.64
C GLU A 3 22.21 -15.39 5.98
N LYS A 4 23.19 -16.25 5.83
CA LYS A 4 24.46 -15.84 5.23
C LYS A 4 24.97 -16.90 4.26
N ARG A 5 24.09 -17.42 3.46
CA ARG A 5 24.43 -18.47 2.51
C ARG A 5 23.92 -18.14 1.13
N GLN A 6 22.59 -18.16 1.00
CA GLN A 6 21.92 -17.91 -0.28
C GLN A 6 20.63 -17.16 -0.03
N HIS A 7 20.59 -15.90 -0.42
CA HIS A 7 19.45 -15.04 -0.10
C HIS A 7 18.34 -15.20 -1.13
N SER A 8 18.22 -16.40 -1.69
CA SER A 8 17.24 -16.66 -2.74
C SER A 8 15.90 -17.08 -2.13
N SER A 9 15.52 -16.47 -1.02
CA SER A 9 14.28 -16.81 -0.35
C SER A 9 13.73 -15.63 0.44
N GLN A 10 13.79 -14.44 -0.15
CA GLN A 10 13.20 -13.26 0.48
C GLN A 10 11.69 -13.28 0.29
N ASP A 11 11.27 -13.63 -0.93
CA ASP A 11 9.86 -13.82 -1.27
C ASP A 11 9.01 -12.61 -0.87
N VAL A 12 8.88 -11.63 -1.77
CA VAL A 12 8.18 -10.41 -1.41
C VAL A 12 6.70 -10.66 -1.16
N HIS A 13 6.32 -10.51 0.08
CA HIS A 13 4.91 -10.33 0.42
C HIS A 13 4.72 -8.85 0.66
N VAL A 14 4.16 -8.19 -0.32
CA VAL A 14 4.18 -6.73 -0.35
C VAL A 14 2.85 -6.18 0.06
N VAL A 15 2.81 -5.59 1.24
CA VAL A 15 1.61 -4.95 1.71
C VAL A 15 1.48 -3.57 1.09
N LEU A 16 0.46 -3.43 0.28
CA LEU A 16 0.15 -2.18 -0.36
C LEU A 16 -1.04 -1.58 0.36
N LYS A 17 -0.82 -0.44 0.99
CA LYS A 17 -1.89 0.22 1.69
C LYS A 17 -2.37 1.42 0.88
N LEU A 18 -3.67 1.56 0.85
CA LEU A 18 -4.36 2.53 0.01
C LEU A 18 -4.74 3.73 0.86
N TRP A 19 -4.02 4.83 0.70
CA TRP A 19 -4.22 6.01 1.53
C TRP A 19 -5.19 6.98 0.85
N LYS A 20 -5.28 8.20 1.36
CA LYS A 20 -6.20 9.18 0.79
C LYS A 20 -5.59 9.90 -0.41
N SER A 21 -4.29 10.12 -0.36
CA SER A 21 -3.60 10.84 -1.42
C SER A 21 -2.99 9.87 -2.43
N GLY A 22 -2.59 8.70 -1.97
CA GLY A 22 -1.95 7.74 -2.84
C GLY A 22 -1.87 6.35 -2.23
N PHE A 23 -0.80 5.64 -2.51
CA PHE A 23 -0.64 4.27 -2.06
C PHE A 23 0.79 4.02 -1.62
N SER A 24 0.98 3.04 -0.75
CA SER A 24 2.30 2.70 -0.25
C SER A 24 2.50 1.21 -0.28
N LEU A 25 3.68 0.80 -0.69
CA LEU A 25 4.02 -0.60 -0.71
C LEU A 25 4.95 -0.88 0.45
N ASP A 26 5.29 -2.12 0.71
CA ASP A 26 6.26 -2.41 1.73
C ASP A 26 7.63 -1.86 1.33
N ASN A 27 7.80 -1.71 0.03
CA ASN A 27 9.04 -1.25 -0.58
C ASN A 27 9.08 0.26 -0.76
N GLY A 28 7.94 0.94 -0.66
CA GLY A 28 7.89 2.36 -0.99
C GLY A 28 6.84 3.10 -0.20
N GLU A 29 7.08 4.38 0.03
CA GLU A 29 6.22 5.19 0.89
C GLU A 29 4.93 5.61 0.15
N LEU A 30 4.11 6.44 0.81
CA LEU A 30 2.89 6.96 0.20
C LEU A 30 3.21 7.84 -1.00
N ARG A 31 2.85 7.33 -2.16
CA ARG A 31 2.97 8.08 -3.40
C ARG A 31 1.57 8.40 -3.92
N SER A 32 1.27 9.69 -4.06
CA SER A 32 -0.05 10.14 -4.48
C SER A 32 -0.33 9.74 -5.93
N TYR A 33 -1.48 9.10 -6.16
CA TYR A 33 -1.81 8.43 -7.43
C TYR A 33 -1.48 9.27 -8.67
N GLN A 34 -1.56 10.58 -8.52
CA GLN A 34 -1.36 11.54 -9.61
C GLN A 34 0.04 11.45 -10.23
N ASP A 35 1.03 11.13 -9.39
CA ASP A 35 2.44 11.11 -9.82
C ASP A 35 2.68 10.06 -10.90
N PRO A 36 3.43 10.43 -11.96
CA PRO A 36 3.68 9.57 -13.12
C PRO A 36 4.45 8.29 -12.77
N SER A 37 5.09 8.25 -11.60
CA SER A 37 5.82 7.06 -11.19
C SER A 37 4.84 6.04 -10.65
N ASN A 38 3.75 6.57 -10.14
CA ASN A 38 2.71 5.76 -9.52
C ASN A 38 1.79 5.20 -10.57
N ALA A 39 1.69 5.92 -11.68
CA ALA A 39 0.97 5.43 -12.85
C ALA A 39 1.49 4.04 -13.26
N GLN A 40 2.80 3.84 -13.07
CA GLN A 40 3.41 2.53 -13.31
C GLN A 40 2.73 1.46 -12.47
N PHE A 41 2.78 1.66 -11.15
CA PHE A 41 2.19 0.72 -10.22
C PHE A 41 0.71 0.54 -10.52
N LEU A 42 -0.02 1.64 -10.47
CA LEU A 42 -1.47 1.62 -10.60
C LEU A 42 -1.93 0.80 -11.80
N GLU A 43 -1.34 1.03 -12.96
CA GLU A 43 -1.76 0.32 -14.16
C GLU A 43 -1.38 -1.16 -14.09
N SER A 44 -0.16 -1.45 -13.65
CA SER A 44 0.28 -2.83 -13.51
C SER A 44 -0.60 -3.55 -12.49
N ILE A 45 -0.89 -2.89 -11.39
CA ILE A 45 -1.69 -3.47 -10.32
C ILE A 45 -3.15 -3.67 -10.77
N ARG A 46 -3.59 -2.84 -11.72
CA ARG A 46 -4.91 -3.02 -12.32
C ARG A 46 -4.94 -4.26 -13.20
N ARG A 47 -3.92 -4.41 -14.04
CA ARG A 47 -3.87 -5.49 -15.03
C ARG A 47 -3.46 -6.81 -14.40
N GLY A 48 -3.07 -6.79 -13.14
CA GLY A 48 -2.62 -7.99 -12.48
C GLY A 48 -1.16 -8.26 -12.78
N GLU A 49 -0.44 -7.21 -13.14
CA GLU A 49 0.98 -7.29 -13.42
C GLU A 49 1.77 -7.06 -12.14
N VAL A 50 3.07 -7.25 -12.20
CA VAL A 50 3.91 -7.07 -11.03
C VAL A 50 4.91 -5.93 -11.22
N PRO A 51 4.78 -4.88 -10.41
CA PRO A 51 5.77 -3.80 -10.34
C PRO A 51 7.17 -4.35 -10.03
N ALA A 52 8.17 -3.79 -10.71
CA ALA A 52 9.55 -4.22 -10.55
C ALA A 52 10.04 -3.93 -9.15
N GLU A 53 9.36 -3.02 -8.48
CA GLU A 53 9.68 -2.67 -7.09
C GLU A 53 9.57 -3.88 -6.19
N LEU A 54 8.72 -4.83 -6.55
CA LEU A 54 8.51 -6.02 -5.76
C LEU A 54 9.53 -7.08 -6.15
N ARG A 55 9.53 -7.40 -7.44
CA ARG A 55 10.33 -8.51 -7.95
C ARG A 55 11.81 -8.15 -7.96
N ARG A 56 12.13 -6.95 -8.42
CA ARG A 56 13.51 -6.51 -8.49
C ARG A 56 13.94 -5.90 -7.16
N LEU A 57 13.46 -6.52 -6.09
CA LEU A 57 13.83 -6.15 -4.74
C LEU A 57 14.11 -7.44 -3.97
N ALA A 58 13.10 -8.30 -3.88
CA ALA A 58 13.26 -9.62 -3.27
C ALA A 58 14.01 -10.56 -4.19
N HIS A 59 14.89 -11.35 -3.60
CA HIS A 59 15.55 -12.41 -4.33
C HIS A 59 14.83 -13.73 -4.05
N GLY A 60 14.51 -14.45 -5.10
CA GLY A 60 13.78 -15.70 -4.95
C GLY A 60 12.73 -15.87 -6.03
N GLY A 61 12.02 -14.79 -6.33
CA GLY A 61 11.05 -14.80 -7.41
C GLY A 61 9.63 -14.62 -6.93
N GLN A 62 9.34 -15.05 -5.71
CA GLN A 62 8.00 -14.92 -5.13
C GLN A 62 7.61 -13.45 -5.06
N VAL A 63 6.55 -13.09 -5.77
CA VAL A 63 6.05 -11.73 -5.76
C VAL A 63 4.54 -11.70 -5.50
N ASN A 64 4.16 -11.34 -4.29
CA ASN A 64 2.75 -11.23 -3.94
C ASN A 64 2.46 -9.85 -3.39
N LEU A 65 1.51 -9.17 -4.01
CA LEU A 65 1.12 -7.84 -3.58
C LEU A 65 -0.27 -7.85 -2.98
N ASP A 66 -0.35 -7.50 -1.71
CA ASP A 66 -1.61 -7.48 -0.99
C ASP A 66 -2.07 -6.04 -0.84
N MET A 67 -3.37 -5.81 -0.75
CA MET A 67 -3.89 -4.46 -0.75
C MET A 67 -4.86 -4.21 0.41
N GLU A 68 -4.44 -3.34 1.32
CA GLU A 68 -5.30 -2.92 2.42
C GLU A 68 -5.79 -1.50 2.16
N ASP A 69 -6.96 -1.17 2.66
CA ASP A 69 -7.46 0.19 2.51
C ASP A 69 -7.32 0.94 3.83
N HIS A 70 -6.70 2.10 3.76
CA HIS A 70 -6.47 2.95 4.92
C HIS A 70 -6.46 4.41 4.48
N ARG A 71 -7.45 4.79 3.69
CA ARG A 71 -7.45 6.10 3.05
C ARG A 71 -7.58 7.23 4.07
N ASP A 72 -8.59 7.17 4.92
CA ASP A 72 -8.77 8.20 5.94
C ASP A 72 -7.93 7.85 7.17
N GLU A 73 -7.12 6.81 7.02
CA GLU A 73 -6.18 6.37 8.03
C GLU A 73 -4.92 7.22 7.98
N ASP A 74 -4.64 7.69 6.76
CA ASP A 74 -3.41 8.42 6.42
C ASP A 74 -2.23 7.48 6.39
N PHE A 75 -1.09 7.98 5.97
CA PHE A 75 0.06 7.15 5.61
C PHE A 75 0.72 6.53 6.84
N VAL A 76 0.46 5.25 7.06
CA VAL A 76 1.07 4.52 8.17
C VAL A 76 1.33 3.05 7.82
N LYS A 77 2.48 2.79 7.21
CA LYS A 77 2.97 1.42 7.03
C LYS A 77 4.43 1.35 7.48
N PRO A 78 5.29 2.20 6.92
CA PRO A 78 6.67 2.39 7.37
C PRO A 78 6.70 3.36 8.56
N LYS A 79 7.54 4.40 8.47
CA LYS A 79 7.62 5.45 9.49
C LYS A 79 8.11 4.90 10.83
N GLY A 80 7.20 4.30 11.58
CA GLY A 80 7.52 3.78 12.89
C GLY A 80 6.29 3.72 13.76
N ALA A 81 5.96 4.83 14.40
CA ALA A 81 4.79 4.91 15.24
C ALA A 81 3.54 4.91 14.37
N PHE A 82 2.45 4.50 14.97
CA PHE A 82 1.21 4.32 14.26
C PHE A 82 0.37 5.59 14.26
N LYS A 83 0.39 6.30 13.14
CA LYS A 83 -0.42 7.51 12.99
C LYS A 83 -1.78 7.15 12.38
N ALA A 84 -2.14 5.88 12.49
CA ALA A 84 -3.38 5.36 11.94
C ALA A 84 -4.59 6.13 12.47
N PHE A 85 -5.24 6.87 11.60
CA PHE A 85 -6.35 7.71 12.01
C PHE A 85 -7.71 7.02 11.83
N THR A 86 -8.27 7.09 10.61
CA THR A 86 -9.62 6.59 10.32
C THR A 86 -10.68 7.48 10.99
N GLY A 87 -11.75 7.76 10.24
CA GLY A 87 -12.84 8.54 10.79
C GLY A 87 -13.21 9.72 9.91
N GLU A 88 -12.62 9.77 8.73
CA GLU A 88 -12.89 10.86 7.79
C GLU A 88 -13.46 10.34 6.48
N GLY A 89 -13.65 9.04 6.38
CA GLY A 89 -14.21 8.46 5.18
C GLY A 89 -14.82 7.09 5.40
N GLN A 90 -14.08 6.23 6.08
CA GLN A 90 -14.47 4.84 6.25
C GLN A 90 -15.48 4.69 7.36
N LYS A 91 -15.81 5.80 8.00
CA LYS A 91 -16.93 5.83 8.94
C LYS A 91 -18.21 5.73 8.13
N LEU A 92 -18.18 6.33 6.93
CA LEU A 92 -19.21 6.15 5.90
C LEU A 92 -20.61 6.61 6.34
N GLY A 93 -21.26 5.82 7.17
CA GLY A 93 -22.61 6.14 7.61
C GLY A 93 -22.63 7.19 8.71
N SER A 94 -23.65 7.12 9.57
CA SER A 94 -23.83 8.08 10.66
C SER A 94 -23.76 9.53 10.14
N THR A 95 -24.70 9.86 9.28
CA THR A 95 -24.75 11.18 8.66
C THR A 95 -26.15 11.79 8.78
N ALA A 96 -26.29 13.03 8.38
CA ALA A 96 -27.57 13.71 8.45
C ALA A 96 -28.22 13.81 7.08
N PRO A 97 -29.24 12.98 6.82
CA PRO A 97 -29.92 12.95 5.52
C PRO A 97 -30.87 14.13 5.33
N GLN A 98 -31.27 14.75 6.44
CA GLN A 98 -32.18 15.88 6.40
C GLN A 98 -31.83 16.84 7.53
N VAL A 99 -32.78 17.70 7.90
CA VAL A 99 -32.59 18.60 9.03
C VAL A 99 -32.37 17.83 10.34
N LEU A 100 -32.85 16.59 10.37
CA LEU A 100 -32.58 15.70 11.48
C LEU A 100 -31.36 14.85 11.17
N SER A 101 -30.47 14.71 12.13
CA SER A 101 -29.17 14.11 11.91
C SER A 101 -29.19 12.59 12.02
N THR A 102 -30.35 11.98 11.81
CA THR A 102 -30.46 10.54 11.87
C THR A 102 -31.78 10.09 11.23
N GLY A 1 -27.45 9.88 2.90
CA GLY A 1 -25.98 9.93 2.75
C GLY A 1 -25.31 10.74 3.83
N SER A 2 -25.80 11.96 4.04
CA SER A 2 -25.27 12.86 5.06
C SER A 2 -23.81 13.19 4.76
N GLU A 3 -23.50 13.28 3.47
CA GLU A 3 -22.15 13.58 3.01
C GLU A 3 -22.23 14.45 1.76
N LYS A 4 -21.57 15.60 1.80
CA LYS A 4 -21.55 16.50 0.64
C LYS A 4 -20.61 15.92 -0.41
N ARG A 5 -21.16 15.09 -1.28
CA ARG A 5 -20.36 14.33 -2.23
C ARG A 5 -19.88 15.20 -3.39
N GLN A 6 -18.88 14.67 -4.07
CA GLN A 6 -18.25 15.33 -5.19
C GLN A 6 -17.73 14.27 -6.13
N HIS A 7 -16.90 14.65 -7.10
CA HIS A 7 -16.37 13.69 -8.05
C HIS A 7 -15.09 13.06 -7.50
N SER A 8 -15.17 12.62 -6.25
CA SER A 8 -14.05 11.94 -5.61
C SER A 8 -14.22 10.43 -5.72
N SER A 9 -15.27 10.03 -6.43
CA SER A 9 -15.53 8.62 -6.67
C SER A 9 -14.69 8.11 -7.82
N GLN A 10 -13.38 8.32 -7.72
CA GLN A 10 -12.44 7.85 -8.72
C GLN A 10 -11.89 6.49 -8.33
N ASP A 11 -12.65 5.81 -7.48
CA ASP A 11 -12.28 4.52 -6.92
C ASP A 11 -11.02 4.63 -6.07
N VAL A 12 -10.67 3.54 -5.43
CA VAL A 12 -9.52 3.53 -4.55
C VAL A 12 -8.52 2.47 -4.98
N HIS A 13 -7.47 2.90 -5.64
CA HIS A 13 -6.37 2.00 -5.95
C HIS A 13 -5.16 2.43 -5.16
N VAL A 14 -4.88 1.68 -4.11
CA VAL A 14 -3.83 2.05 -3.19
C VAL A 14 -2.71 1.02 -3.19
N VAL A 15 -1.55 1.46 -3.65
CA VAL A 15 -0.38 0.62 -3.67
C VAL A 15 0.27 0.60 -2.29
N LEU A 16 0.51 -0.59 -1.80
CA LEU A 16 1.19 -0.76 -0.55
C LEU A 16 2.47 -1.54 -0.77
N LYS A 17 3.59 -0.89 -0.53
CA LYS A 17 4.87 -1.50 -0.76
C LYS A 17 5.49 -1.90 0.57
N LEU A 18 6.14 -3.06 0.57
CA LEU A 18 6.72 -3.63 1.78
C LEU A 18 8.20 -3.31 1.80
N TRP A 19 8.64 -2.74 2.91
CA TRP A 19 9.99 -2.26 3.04
C TRP A 19 10.73 -3.02 4.14
N LYS A 20 11.94 -2.59 4.43
CA LYS A 20 12.71 -3.19 5.50
C LYS A 20 12.23 -2.73 6.86
N SER A 21 11.66 -1.55 6.91
CA SER A 21 11.22 -0.97 8.17
C SER A 21 9.71 -1.01 8.28
N GLY A 22 9.02 -0.69 7.19
CA GLY A 22 7.57 -0.63 7.23
C GLY A 22 6.93 -0.76 5.88
N PHE A 23 5.83 -0.05 5.69
CA PHE A 23 5.06 -0.13 4.46
C PHE A 23 4.58 1.26 4.04
N SER A 24 4.53 1.49 2.74
CA SER A 24 4.05 2.76 2.20
C SER A 24 2.83 2.53 1.36
N LEU A 25 1.83 3.37 1.55
CA LEU A 25 0.59 3.26 0.82
C LEU A 25 0.48 4.43 -0.13
N ASP A 26 -0.52 4.44 -1.00
CA ASP A 26 -0.70 5.54 -1.94
C ASP A 26 -0.85 6.88 -1.19
N ASN A 27 -1.37 6.79 0.03
CA ASN A 27 -1.67 7.98 0.82
C ASN A 27 -0.44 8.54 1.54
N GLY A 28 0.45 7.66 1.97
CA GLY A 28 1.53 8.11 2.82
C GLY A 28 2.87 7.54 2.43
N GLU A 29 3.79 7.55 3.38
CA GLU A 29 5.15 7.10 3.14
C GLU A 29 5.40 5.79 3.89
N LEU A 30 6.67 5.37 3.93
CA LEU A 30 7.07 4.17 4.64
C LEU A 30 6.75 4.34 6.13
N ARG A 31 5.71 3.65 6.56
CA ARG A 31 5.36 3.57 7.96
C ARG A 31 5.85 2.26 8.55
N SER A 32 6.78 2.36 9.50
CA SER A 32 7.50 1.19 10.03
C SER A 32 6.56 0.21 10.74
N TYR A 33 6.92 -1.08 10.68
CA TYR A 33 6.13 -2.15 11.28
C TYR A 33 6.28 -2.16 12.81
N GLN A 34 6.13 -0.99 13.41
CA GLN A 34 6.35 -0.83 14.85
C GLN A 34 5.33 0.12 15.45
N ASP A 35 5.23 1.31 14.87
CA ASP A 35 4.31 2.36 15.34
C ASP A 35 2.87 1.84 15.38
N PRO A 36 2.16 2.13 16.49
CA PRO A 36 0.78 1.66 16.73
C PRO A 36 -0.22 2.09 15.66
N SER A 37 0.10 3.17 14.94
CA SER A 37 -0.79 3.67 13.90
C SER A 37 -0.66 2.79 12.67
N ASN A 38 0.51 2.20 12.53
CA ASN A 38 0.79 1.31 11.40
C ASN A 38 0.29 -0.09 11.72
N ALA A 39 0.22 -0.38 13.01
CA ALA A 39 -0.40 -1.62 13.49
C ALA A 39 -1.85 -1.71 13.01
N GLN A 40 -2.48 -0.53 12.90
CA GLN A 40 -3.82 -0.43 12.34
C GLN A 40 -3.92 -1.18 11.03
N PHE A 41 -3.08 -0.77 10.08
CA PHE A 41 -3.09 -1.34 8.75
C PHE A 41 -2.74 -2.81 8.79
N LEU A 42 -1.59 -3.11 9.41
CA LEU A 42 -1.09 -4.48 9.45
C LEU A 42 -2.18 -5.48 9.83
N GLU A 43 -2.84 -5.23 10.96
CA GLU A 43 -3.88 -6.13 11.42
C GLU A 43 -5.10 -6.05 10.53
N SER A 44 -5.55 -4.84 10.23
CA SER A 44 -6.71 -4.62 9.37
C SER A 44 -6.56 -5.35 8.04
N ILE A 45 -5.39 -5.22 7.44
CA ILE A 45 -5.14 -5.80 6.12
C ILE A 45 -4.97 -7.31 6.22
N ARG A 46 -4.47 -7.78 7.36
CA ARG A 46 -4.43 -9.21 7.64
C ARG A 46 -5.86 -9.76 7.77
N ARG A 47 -6.68 -9.04 8.52
CA ARG A 47 -8.07 -9.43 8.76
C ARG A 47 -8.89 -9.38 7.48
N GLY A 48 -8.54 -8.44 6.62
CA GLY A 48 -9.27 -8.25 5.39
C GLY A 48 -10.16 -7.03 5.43
N GLU A 49 -9.98 -6.22 6.47
CA GLU A 49 -10.78 -5.04 6.68
C GLU A 49 -10.14 -3.83 6.01
N VAL A 50 -10.93 -2.79 5.84
CA VAL A 50 -10.48 -1.60 5.13
C VAL A 50 -9.94 -0.53 6.09
N PRO A 51 -8.66 -0.16 5.92
CA PRO A 51 -8.05 0.93 6.67
C PRO A 51 -8.58 2.29 6.22
N ALA A 52 -8.85 3.16 7.20
CA ALA A 52 -9.47 4.47 6.95
C ALA A 52 -8.57 5.37 6.10
N GLU A 53 -7.28 5.11 6.11
CA GLU A 53 -6.32 5.89 5.34
C GLU A 53 -6.55 5.71 3.85
N LEU A 54 -7.10 4.56 3.47
CA LEU A 54 -7.41 4.29 2.08
C LEU A 54 -8.82 4.76 1.78
N ARG A 55 -9.72 4.34 2.66
CA ARG A 55 -11.14 4.58 2.50
C ARG A 55 -11.47 6.06 2.63
N ARG A 56 -11.08 6.67 3.74
CA ARG A 56 -11.27 8.10 3.93
C ARG A 56 -10.11 8.88 3.33
N LEU A 57 -9.64 8.42 2.19
CA LEU A 57 -8.72 9.19 1.36
C LEU A 57 -9.44 9.41 0.04
N ALA A 58 -9.90 8.31 -0.52
CA ALA A 58 -10.84 8.34 -1.62
C ALA A 58 -12.24 8.49 -1.09
N HIS A 59 -13.19 8.41 -1.98
CA HIS A 59 -14.58 8.36 -1.60
C HIS A 59 -14.88 7.11 -0.77
N GLY A 60 -14.05 6.08 -0.94
CA GLY A 60 -14.24 4.86 -0.20
C GLY A 60 -15.14 3.88 -0.92
N GLY A 61 -15.15 3.98 -2.24
CA GLY A 61 -15.93 3.04 -3.04
C GLY A 61 -15.21 1.75 -3.24
N GLN A 62 -14.64 1.59 -4.41
CA GLN A 62 -13.84 0.43 -4.74
C GLN A 62 -12.46 0.56 -4.08
N VAL A 63 -12.34 0.10 -2.84
CA VAL A 63 -11.06 0.19 -2.16
C VAL A 63 -10.24 -1.07 -2.43
N ASN A 64 -9.28 -0.94 -3.31
CA ASN A 64 -8.43 -2.05 -3.70
C ASN A 64 -6.98 -1.71 -3.42
N LEU A 65 -6.32 -2.54 -2.62
CA LEU A 65 -4.91 -2.33 -2.34
C LEU A 65 -4.09 -3.48 -2.90
N ASP A 66 -2.86 -3.20 -3.25
CA ASP A 66 -1.93 -4.23 -3.69
C ASP A 66 -0.66 -4.16 -2.86
N MET A 67 -0.21 -5.31 -2.37
CA MET A 67 0.98 -5.36 -1.54
C MET A 67 2.17 -5.88 -2.32
N GLU A 68 3.23 -5.08 -2.37
CA GLU A 68 4.46 -5.45 -3.06
C GLU A 68 5.57 -5.75 -2.07
N ASP A 69 6.62 -6.37 -2.57
CA ASP A 69 7.80 -6.67 -1.80
C ASP A 69 8.99 -5.92 -2.39
N HIS A 70 9.52 -4.96 -1.64
CA HIS A 70 10.66 -4.18 -2.09
C HIS A 70 11.81 -4.32 -1.09
N ARG A 71 11.52 -3.92 0.15
CA ARG A 71 12.42 -4.13 1.30
C ARG A 71 13.78 -3.46 1.15
N ASP A 72 14.66 -4.02 0.32
CA ASP A 72 16.02 -3.50 0.17
C ASP A 72 16.01 -2.18 -0.60
N GLU A 73 14.84 -1.78 -1.06
CA GLU A 73 14.66 -0.48 -1.68
C GLU A 73 14.44 0.61 -0.62
N ASP A 74 14.55 0.22 0.65
CA ASP A 74 14.36 1.12 1.79
C ASP A 74 12.98 1.75 1.77
N PHE A 75 12.91 2.95 1.25
CA PHE A 75 11.65 3.63 0.99
C PHE A 75 11.68 4.34 -0.36
N VAL A 76 10.61 4.17 -1.14
CA VAL A 76 10.49 4.86 -2.41
C VAL A 76 9.11 4.64 -3.05
N LYS A 77 8.21 5.60 -2.86
CA LYS A 77 6.96 5.61 -3.60
C LYS A 77 6.57 7.04 -3.99
N PRO A 78 6.33 7.95 -3.03
CA PRO A 78 6.02 9.36 -3.32
C PRO A 78 7.23 10.08 -3.94
N LYS A 79 8.40 9.80 -3.38
CA LYS A 79 9.67 10.30 -3.90
C LYS A 79 9.99 9.72 -5.28
N GLY A 80 9.15 8.79 -5.74
CA GLY A 80 9.33 8.20 -7.05
C GLY A 80 8.01 8.14 -7.79
N ALA A 81 7.23 9.21 -7.65
CA ALA A 81 5.88 9.30 -8.22
C ALA A 81 4.94 8.28 -7.59
N PHE A 82 5.03 7.03 -8.04
CA PHE A 82 4.25 5.95 -7.46
C PHE A 82 4.95 4.61 -7.68
N LYS A 83 6.05 4.63 -8.42
CA LYS A 83 6.75 3.43 -8.86
C LYS A 83 5.79 2.43 -9.51
N ALA A 84 5.69 2.51 -10.84
CA ALA A 84 4.96 1.49 -11.59
C ALA A 84 5.46 0.13 -11.17
N PHE A 85 4.53 -0.79 -10.92
CA PHE A 85 4.85 -2.05 -10.25
C PHE A 85 5.62 -3.01 -11.17
N THR A 86 6.82 -2.61 -11.52
CA THR A 86 7.73 -3.44 -12.31
C THR A 86 9.16 -3.09 -11.94
N GLY A 87 9.58 -3.57 -10.78
CA GLY A 87 10.90 -3.27 -10.29
C GLY A 87 11.97 -4.13 -10.92
N GLU A 88 12.67 -3.55 -11.88
CA GLU A 88 13.83 -4.21 -12.49
C GLU A 88 14.85 -4.55 -11.41
N GLY A 89 15.05 -3.62 -10.48
CA GLY A 89 15.90 -3.88 -9.33
C GLY A 89 15.10 -4.21 -8.10
N GLN A 90 14.13 -5.11 -8.26
CA GLN A 90 13.25 -5.51 -7.18
C GLN A 90 13.21 -7.04 -7.07
N LYS A 91 12.49 -7.67 -7.99
CA LYS A 91 12.40 -9.13 -8.02
C LYS A 91 13.19 -9.69 -9.20
N LEU A 92 13.57 -8.80 -10.12
CA LEU A 92 14.39 -9.14 -11.28
C LEU A 92 13.64 -10.10 -12.21
N GLY A 93 12.32 -10.01 -12.21
CA GLY A 93 11.50 -10.84 -13.06
C GLY A 93 10.03 -10.52 -12.90
N SER A 94 9.35 -10.35 -14.02
CA SER A 94 7.93 -10.03 -14.01
C SER A 94 7.09 -11.30 -13.93
N THR A 95 7.70 -12.42 -14.31
CA THR A 95 7.01 -13.70 -14.28
C THR A 95 7.58 -14.57 -13.16
N ALA A 96 7.05 -14.37 -11.95
CA ALA A 96 7.49 -15.11 -10.79
C ALA A 96 6.44 -14.99 -9.68
N PRO A 97 5.44 -15.87 -9.68
CA PRO A 97 4.36 -15.85 -8.70
C PRO A 97 4.85 -16.08 -7.28
N GLN A 98 5.23 -17.31 -6.98
CA GLN A 98 5.71 -17.68 -5.65
C GLN A 98 6.15 -19.14 -5.66
N VAL A 99 5.21 -20.04 -5.38
CA VAL A 99 5.43 -21.49 -5.40
C VAL A 99 6.69 -21.89 -4.61
N LEU A 100 7.79 -22.05 -5.31
CA LEU A 100 9.05 -22.47 -4.71
C LEU A 100 10.16 -22.28 -5.73
N SER A 101 10.10 -23.09 -6.77
CA SER A 101 10.99 -22.96 -7.89
C SER A 101 10.29 -22.20 -9.01
N THR A 102 10.97 -22.02 -10.13
CA THR A 102 10.39 -21.30 -11.25
C THR A 102 10.38 -22.19 -12.50
N GLY A 1 -29.49 25.17 -3.40
CA GLY A 1 -29.25 23.70 -3.33
C GLY A 1 -27.81 23.35 -3.64
N SER A 2 -27.26 22.44 -2.86
CA SER A 2 -25.86 22.07 -3.01
C SER A 2 -25.68 20.57 -2.78
N GLU A 3 -24.70 20.01 -3.45
CA GLU A 3 -24.36 18.61 -3.30
C GLU A 3 -23.16 18.45 -2.37
N LYS A 4 -22.49 19.58 -2.12
CA LYS A 4 -21.32 19.62 -1.26
C LYS A 4 -20.25 18.63 -1.74
N ARG A 5 -19.61 18.98 -2.85
CA ARG A 5 -18.63 18.12 -3.46
C ARG A 5 -17.22 18.57 -3.12
N GLN A 6 -16.25 17.72 -3.46
CA GLN A 6 -14.85 18.05 -3.35
C GLN A 6 -14.19 17.82 -4.69
N HIS A 7 -14.19 16.56 -5.11
CA HIS A 7 -13.71 16.16 -6.44
C HIS A 7 -14.34 14.82 -6.81
N SER A 8 -14.47 13.96 -5.81
CA SER A 8 -15.22 12.71 -5.90
C SER A 8 -14.62 11.69 -6.87
N SER A 9 -13.48 12.00 -7.46
CA SER A 9 -12.79 11.06 -8.32
C SER A 9 -11.29 11.12 -8.10
N GLN A 10 -10.89 11.27 -6.85
CA GLN A 10 -9.48 11.41 -6.50
C GLN A 10 -8.82 10.06 -6.31
N ASP A 11 -9.63 9.05 -5.99
CA ASP A 11 -9.20 7.65 -5.79
C ASP A 11 -8.09 7.49 -4.75
N VAL A 12 -7.93 6.26 -4.26
CA VAL A 12 -6.79 5.91 -3.45
C VAL A 12 -5.95 4.86 -4.14
N HIS A 13 -4.76 5.27 -4.53
CA HIS A 13 -3.76 4.34 -4.98
C HIS A 13 -2.75 4.21 -3.86
N VAL A 14 -2.86 3.11 -3.14
CA VAL A 14 -2.07 2.94 -1.94
C VAL A 14 -0.99 1.90 -2.15
N VAL A 15 0.23 2.37 -2.28
CA VAL A 15 1.37 1.49 -2.32
C VAL A 15 1.64 0.95 -0.93
N LEU A 16 1.61 -0.35 -0.81
CA LEU A 16 1.88 -0.99 0.45
C LEU A 16 3.27 -1.58 0.42
N LYS A 17 4.13 -1.05 1.26
CA LYS A 17 5.47 -1.54 1.36
C LYS A 17 5.59 -2.39 2.64
N LEU A 18 6.16 -3.55 2.49
CA LEU A 18 6.24 -4.55 3.53
C LEU A 18 7.63 -4.46 4.16
N TRP A 19 7.68 -4.27 5.47
CA TRP A 19 8.94 -4.00 6.14
C TRP A 19 9.32 -5.09 7.13
N LYS A 20 10.34 -4.82 7.93
CA LYS A 20 10.80 -5.77 8.94
C LYS A 20 9.89 -5.77 10.17
N SER A 21 9.39 -4.62 10.56
CA SER A 21 8.54 -4.52 11.75
C SER A 21 7.06 -4.45 11.37
N GLY A 22 6.77 -3.87 10.22
CA GLY A 22 5.38 -3.66 9.84
C GLY A 22 5.24 -3.30 8.38
N PHE A 23 4.21 -2.53 8.07
CA PHE A 23 3.89 -2.19 6.69
C PHE A 23 3.40 -0.75 6.58
N SER A 24 3.70 -0.10 5.45
CA SER A 24 3.27 1.26 5.19
C SER A 24 2.52 1.36 3.88
N LEU A 25 1.44 2.14 3.89
CA LEU A 25 0.64 2.38 2.70
C LEU A 25 0.62 3.89 2.43
N ASP A 26 -0.02 4.32 1.36
CA ASP A 26 0.00 5.75 0.99
C ASP A 26 -0.49 6.64 2.13
N ASN A 27 -1.38 6.10 2.94
CA ASN A 27 -2.03 6.85 4.02
C ASN A 27 -1.27 6.72 5.34
N GLY A 28 -0.56 5.61 5.53
CA GLY A 28 -0.02 5.32 6.84
C GLY A 28 1.42 4.86 6.80
N GLU A 29 2.18 5.25 7.80
CA GLU A 29 3.60 4.91 7.92
C GLU A 29 3.79 3.43 8.27
N LEU A 30 5.05 3.06 8.51
CA LEU A 30 5.42 1.72 8.93
C LEU A 30 4.76 1.40 10.26
N ARG A 31 3.66 0.67 10.21
CA ARG A 31 3.00 0.20 11.42
C ARG A 31 3.37 -1.24 11.68
N SER A 32 3.95 -1.50 12.85
CA SER A 32 4.41 -2.82 13.22
C SER A 32 3.24 -3.78 13.32
N TYR A 33 3.39 -4.97 12.73
CA TYR A 33 2.31 -5.96 12.62
C TYR A 33 1.77 -6.33 13.99
N GLN A 34 2.56 -6.05 15.02
CA GLN A 34 2.19 -6.35 16.40
C GLN A 34 1.05 -5.44 16.88
N ASP A 35 0.98 -4.26 16.29
CA ASP A 35 -0.04 -3.28 16.67
C ASP A 35 -1.43 -3.73 16.17
N PRO A 36 -2.42 -3.75 17.07
CA PRO A 36 -3.78 -4.21 16.75
C PRO A 36 -4.58 -3.22 15.88
N SER A 37 -4.01 -2.06 15.60
CA SER A 37 -4.73 -1.06 14.80
C SER A 37 -4.45 -1.27 13.32
N ASN A 38 -3.21 -1.61 12.99
CA ASN A 38 -2.88 -1.94 11.61
C ASN A 38 -3.27 -3.39 11.31
N ALA A 39 -3.54 -4.13 12.37
CA ALA A 39 -4.14 -5.46 12.25
C ALA A 39 -5.42 -5.40 11.40
N GLN A 40 -6.09 -4.24 11.42
CA GLN A 40 -7.22 -3.96 10.56
C GLN A 40 -6.82 -4.18 9.11
N PHE A 41 -5.72 -3.53 8.72
CA PHE A 41 -5.20 -3.66 7.37
C PHE A 41 -4.85 -5.10 7.07
N LEU A 42 -4.00 -5.67 7.94
CA LEU A 42 -3.55 -7.06 7.78
C LEU A 42 -4.74 -8.00 7.54
N GLU A 43 -5.81 -7.78 8.31
CA GLU A 43 -7.00 -8.60 8.18
C GLU A 43 -7.69 -8.34 6.83
N SER A 44 -8.09 -7.11 6.60
CA SER A 44 -8.81 -6.76 5.38
C SER A 44 -8.01 -7.11 4.13
N ILE A 45 -6.72 -6.82 4.16
CA ILE A 45 -5.87 -7.01 2.99
C ILE A 45 -5.59 -8.50 2.74
N ARG A 46 -5.51 -9.30 3.81
CA ARG A 46 -5.33 -10.75 3.63
C ARG A 46 -6.63 -11.38 3.14
N ARG A 47 -7.75 -10.72 3.43
CA ARG A 47 -9.05 -11.15 2.93
C ARG A 47 -9.27 -10.69 1.49
N GLY A 48 -8.47 -9.71 1.06
CA GLY A 48 -8.63 -9.14 -0.26
C GLY A 48 -9.66 -8.04 -0.28
N GLU A 49 -9.99 -7.54 0.90
CA GLU A 49 -11.00 -6.51 1.04
C GLU A 49 -10.36 -5.15 1.23
N VAL A 50 -11.17 -4.11 1.21
CA VAL A 50 -10.69 -2.74 1.33
C VAL A 50 -10.63 -2.29 2.78
N PRO A 51 -9.45 -1.82 3.23
CA PRO A 51 -9.30 -1.15 4.52
C PRO A 51 -9.98 0.22 4.50
N ALA A 52 -10.69 0.54 5.58
CA ALA A 52 -11.47 1.77 5.66
C ALA A 52 -10.58 3.00 5.65
N GLU A 53 -9.30 2.81 5.94
CA GLU A 53 -8.34 3.91 5.94
C GLU A 53 -8.13 4.47 4.55
N LEU A 54 -8.30 3.62 3.53
CA LEU A 54 -8.13 4.07 2.15
C LEU A 54 -9.45 4.63 1.66
N ARG A 55 -10.50 3.87 1.92
CA ARG A 55 -11.84 4.21 1.49
C ARG A 55 -12.30 5.51 2.13
N ARG A 56 -12.27 5.58 3.45
CA ARG A 56 -12.56 6.82 4.14
C ARG A 56 -11.32 7.70 4.18
N LEU A 57 -10.72 7.87 3.02
CA LEU A 57 -9.67 8.85 2.82
C LEU A 57 -9.84 9.47 1.46
N ALA A 58 -9.83 8.61 0.44
CA ALA A 58 -10.08 9.04 -0.92
C ALA A 58 -11.49 9.58 -1.09
N HIS A 59 -11.61 10.61 -1.90
CA HIS A 59 -12.90 11.09 -2.32
C HIS A 59 -13.25 10.45 -3.66
N GLY A 60 -14.08 9.42 -3.61
CA GLY A 60 -14.45 8.71 -4.82
C GLY A 60 -14.80 7.26 -4.56
N GLY A 61 -14.02 6.63 -3.69
CA GLY A 61 -14.30 5.26 -3.30
C GLY A 61 -13.55 4.24 -4.12
N GLN A 62 -12.78 4.72 -5.08
CA GLN A 62 -11.93 3.86 -5.89
C GLN A 62 -10.66 3.53 -5.11
N VAL A 63 -10.50 2.25 -4.79
CA VAL A 63 -9.39 1.82 -3.95
C VAL A 63 -8.53 0.77 -4.65
N ASN A 64 -7.28 1.12 -4.92
CA ASN A 64 -6.32 0.21 -5.51
C ASN A 64 -5.06 0.14 -4.65
N LEU A 65 -4.65 -1.08 -4.30
CA LEU A 65 -3.47 -1.28 -3.47
C LEU A 65 -2.44 -2.15 -4.19
N ASP A 66 -1.18 -1.75 -4.09
CA ASP A 66 -0.08 -2.53 -4.65
C ASP A 66 0.90 -2.87 -3.54
N MET A 67 1.68 -3.93 -3.71
CA MET A 67 2.61 -4.35 -2.66
C MET A 67 4.04 -4.38 -3.14
N GLU A 68 4.94 -4.04 -2.23
CA GLU A 68 6.38 -4.19 -2.43
C GLU A 68 6.97 -4.78 -1.17
N ASP A 69 7.80 -5.79 -1.29
CA ASP A 69 8.41 -6.38 -0.11
C ASP A 69 9.87 -5.93 0.03
N HIS A 70 10.11 -5.12 1.06
CA HIS A 70 11.45 -4.59 1.33
C HIS A 70 11.99 -5.26 2.58
N ARG A 71 11.18 -5.18 3.64
CA ARG A 71 11.42 -5.85 4.93
C ARG A 71 12.81 -5.64 5.51
N ASP A 72 13.80 -6.38 5.04
CA ASP A 72 15.16 -6.27 5.55
C ASP A 72 15.74 -4.87 5.35
N GLU A 73 15.03 -4.04 4.61
CA GLU A 73 15.35 -2.64 4.50
C GLU A 73 15.05 -1.91 5.82
N ASP A 74 13.89 -1.25 5.90
CA ASP A 74 13.48 -0.56 7.13
C ASP A 74 12.11 0.07 6.96
N PHE A 75 12.11 1.36 6.68
CA PHE A 75 10.93 2.10 6.26
C PHE A 75 11.32 3.35 5.48
N VAL A 76 10.60 3.60 4.41
CA VAL A 76 10.82 4.77 3.60
C VAL A 76 9.63 5.03 2.68
N LYS A 77 9.01 6.19 2.84
CA LYS A 77 7.98 6.65 1.91
C LYS A 77 7.54 8.10 2.23
N PRO A 78 6.81 8.34 3.34
CA PRO A 78 6.53 9.70 3.80
C PRO A 78 7.83 10.42 4.15
N LYS A 79 8.72 9.66 4.78
CA LYS A 79 10.07 10.11 5.04
C LYS A 79 11.02 9.57 3.97
N GLY A 80 10.96 10.15 2.78
CA GLY A 80 11.85 9.75 1.72
C GLY A 80 12.33 10.94 0.92
N ALA A 81 12.97 10.68 -0.20
CA ALA A 81 13.40 11.75 -1.09
C ALA A 81 12.31 12.05 -2.09
N PHE A 82 11.96 11.05 -2.89
CA PHE A 82 10.86 11.17 -3.83
C PHE A 82 10.27 9.79 -4.14
N LYS A 83 11.08 8.93 -4.73
CA LYS A 83 10.65 7.58 -5.05
C LYS A 83 11.28 6.58 -4.09
N ALA A 84 10.49 6.12 -3.14
CA ALA A 84 10.96 5.25 -2.08
C ALA A 84 10.97 3.79 -2.52
N PHE A 85 11.56 3.53 -3.69
CA PHE A 85 11.67 2.18 -4.23
C PHE A 85 12.52 2.19 -5.49
N THR A 86 13.39 1.21 -5.60
CA THR A 86 14.17 1.02 -6.82
C THR A 86 13.43 0.05 -7.74
N GLY A 87 12.65 -0.84 -7.13
CA GLY A 87 11.83 -1.77 -7.88
C GLY A 87 12.59 -3.00 -8.32
N GLU A 88 13.67 -2.80 -9.05
CA GLU A 88 14.45 -3.90 -9.62
C GLU A 88 15.32 -4.57 -8.56
N GLY A 89 15.53 -5.86 -8.71
CA GLY A 89 16.45 -6.60 -7.85
C GLY A 89 15.77 -7.37 -6.74
N GLN A 90 14.46 -7.30 -6.67
CA GLN A 90 13.74 -7.97 -5.59
C GLN A 90 12.78 -9.03 -6.12
N LYS A 91 12.04 -8.68 -7.17
CA LYS A 91 11.04 -9.57 -7.73
C LYS A 91 11.54 -10.10 -9.08
N LEU A 92 12.53 -9.41 -9.63
CA LEU A 92 13.16 -9.78 -10.91
C LEU A 92 12.24 -9.53 -12.10
N GLY A 93 11.02 -10.03 -12.03
CA GLY A 93 10.04 -9.75 -13.06
C GLY A 93 9.35 -11.00 -13.58
N SER A 94 8.03 -10.95 -13.64
CA SER A 94 7.25 -12.00 -14.26
C SER A 94 6.73 -11.51 -15.61
N THR A 95 7.56 -10.70 -16.26
CA THR A 95 7.18 -10.02 -17.49
C THR A 95 7.17 -10.93 -18.71
N ALA A 96 8.23 -11.72 -18.86
CA ALA A 96 8.41 -12.54 -20.04
C ALA A 96 7.73 -13.90 -19.90
N PRO A 97 6.73 -14.18 -20.76
CA PRO A 97 6.08 -15.49 -20.82
C PRO A 97 7.01 -16.54 -21.42
N GLN A 98 7.18 -17.64 -20.68
CA GLN A 98 8.16 -18.68 -21.01
C GLN A 98 9.57 -18.12 -20.92
N VAL A 99 9.98 -17.39 -21.96
CA VAL A 99 11.31 -16.80 -22.01
C VAL A 99 11.33 -15.59 -22.94
N LEU A 100 10.42 -15.57 -23.92
CA LEU A 100 10.36 -14.48 -24.89
C LEU A 100 9.60 -13.29 -24.32
N SER A 101 9.79 -12.11 -24.89
CA SER A 101 9.09 -10.91 -24.41
C SER A 101 7.58 -11.07 -24.61
N THR A 102 7.19 -11.45 -25.82
CA THR A 102 5.80 -11.72 -26.12
C THR A 102 5.70 -12.80 -27.20
N GLY A 1 8.35 -20.97 -12.34
CA GLY A 1 9.82 -21.04 -12.20
C GLY A 1 10.48 -19.70 -12.37
N SER A 2 11.80 -19.66 -12.37
CA SER A 2 12.53 -18.41 -12.53
C SER A 2 13.93 -18.69 -13.08
N GLU A 3 14.24 -18.09 -14.23
CA GLU A 3 15.58 -18.15 -14.77
C GLU A 3 16.34 -16.89 -14.39
N LYS A 4 15.61 -15.99 -13.73
CA LYS A 4 16.16 -14.74 -13.20
C LYS A 4 16.64 -13.85 -14.34
N ARG A 5 15.87 -13.87 -15.43
CA ARG A 5 16.16 -13.05 -16.60
C ARG A 5 15.38 -11.75 -16.54
N GLN A 6 15.50 -10.93 -17.58
CA GLN A 6 14.82 -9.64 -17.68
C GLN A 6 15.48 -8.62 -16.76
N HIS A 7 15.88 -7.49 -17.33
CA HIS A 7 16.54 -6.43 -16.59
C HIS A 7 15.50 -5.63 -15.80
N SER A 8 15.01 -6.23 -14.72
CA SER A 8 13.91 -5.67 -13.96
C SER A 8 14.39 -4.67 -12.92
N SER A 9 15.17 -3.69 -13.34
CA SER A 9 15.64 -2.65 -12.43
C SER A 9 14.88 -1.35 -12.68
N GLN A 10 13.70 -1.50 -13.27
CA GLN A 10 12.82 -0.37 -13.57
C GLN A 10 12.36 0.32 -12.30
N ASP A 11 12.16 -0.48 -11.26
CA ASP A 11 11.72 -0.01 -9.93
C ASP A 11 10.29 0.55 -9.96
N VAL A 12 9.46 0.02 -9.06
CA VAL A 12 8.06 0.39 -8.96
C VAL A 12 7.74 0.92 -7.57
N HIS A 13 6.59 1.54 -7.42
CA HIS A 13 6.16 2.06 -6.12
C HIS A 13 4.95 1.29 -5.62
N VAL A 14 5.10 0.73 -4.42
CA VAL A 14 4.02 -0.01 -3.79
C VAL A 14 3.37 0.86 -2.74
N VAL A 15 2.19 1.34 -3.04
CA VAL A 15 1.52 2.31 -2.20
C VAL A 15 1.03 1.70 -0.91
N LEU A 16 1.49 2.26 0.18
CA LEU A 16 1.06 1.86 1.49
C LEU A 16 0.12 2.92 2.04
N LYS A 17 -1.03 2.47 2.48
CA LYS A 17 -2.03 3.38 2.98
C LYS A 17 -2.07 3.29 4.50
N LEU A 18 -2.13 4.46 5.11
CA LEU A 18 -2.12 4.60 6.55
C LEU A 18 -3.54 4.85 7.01
N TRP A 19 -4.15 3.83 7.61
CA TRP A 19 -5.53 3.90 8.02
C TRP A 19 -5.61 4.15 9.52
N LYS A 20 -6.80 4.00 10.10
CA LYS A 20 -6.95 4.17 11.54
C LYS A 20 -6.55 2.90 12.29
N SER A 21 -6.84 1.75 11.70
CA SER A 21 -6.54 0.48 12.33
C SER A 21 -5.16 -0.02 11.94
N GLY A 22 -4.82 0.09 10.67
CA GLY A 22 -3.57 -0.44 10.20
C GLY A 22 -3.13 0.16 8.89
N PHE A 23 -2.39 -0.62 8.13
CA PHE A 23 -1.87 -0.16 6.85
C PHE A 23 -2.16 -1.18 5.76
N SER A 24 -2.37 -0.70 4.56
CA SER A 24 -2.54 -1.56 3.40
C SER A 24 -1.46 -1.25 2.39
N LEU A 25 -0.79 -2.26 1.93
CA LEU A 25 0.30 -2.11 1.00
C LEU A 25 -0.11 -2.72 -0.31
N ASP A 26 0.24 -2.09 -1.42
CA ASP A 26 -0.31 -2.46 -2.72
C ASP A 26 0.16 -3.85 -3.15
N ASN A 27 -0.59 -4.84 -2.70
CA ASN A 27 -0.31 -6.26 -2.90
C ASN A 27 -1.35 -7.05 -2.09
N GLY A 28 -1.80 -6.44 -1.01
CA GLY A 28 -2.81 -7.04 -0.16
C GLY A 28 -3.70 -5.99 0.49
N GLU A 29 -4.32 -6.35 1.60
CA GLU A 29 -5.31 -5.49 2.23
C GLU A 29 -4.75 -4.78 3.47
N LEU A 30 -5.66 -4.30 4.32
CA LEU A 30 -5.31 -3.55 5.52
C LEU A 30 -4.92 -4.52 6.64
N ARG A 31 -3.77 -4.27 7.25
CA ARG A 31 -3.31 -5.02 8.40
C ARG A 31 -3.00 -4.05 9.55
N SER A 32 -3.56 -4.34 10.73
CA SER A 32 -3.56 -3.39 11.85
C SER A 32 -2.19 -3.25 12.52
N TYR A 33 -1.97 -2.09 13.16
CA TYR A 33 -0.67 -1.73 13.74
C TYR A 33 -0.42 -2.44 15.07
N GLN A 34 -0.75 -3.72 15.14
CA GLN A 34 -0.57 -4.47 16.39
C GLN A 34 -0.11 -5.90 16.11
N ASP A 35 -0.65 -6.49 15.05
CA ASP A 35 -0.32 -7.87 14.68
C ASP A 35 1.19 -8.03 14.47
N PRO A 36 1.77 -9.07 15.09
CA PRO A 36 3.21 -9.33 15.06
C PRO A 36 3.78 -9.52 13.65
N SER A 37 2.95 -9.88 12.67
CA SER A 37 3.43 -10.09 11.32
C SER A 37 3.49 -8.74 10.62
N ASN A 38 2.61 -7.85 11.02
CA ASN A 38 2.57 -6.51 10.46
C ASN A 38 3.72 -5.69 11.00
N ALA A 39 4.20 -6.08 12.18
CA ALA A 39 5.37 -5.45 12.78
C ALA A 39 6.59 -5.54 11.87
N GLN A 40 6.63 -6.60 11.06
CA GLN A 40 7.71 -6.78 10.08
C GLN A 40 7.76 -5.60 9.12
N PHE A 41 6.59 -5.23 8.62
CA PHE A 41 6.48 -4.11 7.70
C PHE A 41 6.83 -2.82 8.41
N LEU A 42 6.16 -2.58 9.53
CA LEU A 42 6.41 -1.39 10.34
C LEU A 42 7.90 -1.19 10.58
N GLU A 43 8.57 -2.29 10.89
CA GLU A 43 10.02 -2.27 11.07
C GLU A 43 10.74 -1.80 9.83
N SER A 44 10.73 -2.60 8.78
CA SER A 44 11.47 -2.30 7.56
C SER A 44 11.07 -0.95 6.99
N ILE A 45 9.79 -0.64 7.07
CA ILE A 45 9.25 0.59 6.50
C ILE A 45 9.70 1.81 7.32
N ARG A 46 9.85 1.64 8.62
CA ARG A 46 10.33 2.73 9.48
C ARG A 46 11.84 2.91 9.30
N ARG A 47 12.52 1.82 8.95
CA ARG A 47 13.96 1.86 8.69
C ARG A 47 14.25 2.46 7.31
N GLY A 48 13.24 2.45 6.46
CA GLY A 48 13.39 2.95 5.11
C GLY A 48 13.75 1.85 4.13
N GLU A 49 13.57 0.62 4.57
CA GLU A 49 13.90 -0.55 3.76
C GLU A 49 12.66 -1.08 3.08
N VAL A 50 12.85 -2.02 2.16
CA VAL A 50 11.75 -2.60 1.42
C VAL A 50 11.33 -3.95 2.01
N PRO A 51 10.11 -4.02 2.57
CA PRO A 51 9.55 -5.27 3.09
C PRO A 51 9.52 -6.38 2.04
N ALA A 52 9.77 -7.61 2.50
CA ALA A 52 9.85 -8.78 1.62
C ALA A 52 8.53 -9.02 0.89
N GLU A 53 7.45 -8.50 1.47
CA GLU A 53 6.13 -8.58 0.84
C GLU A 53 6.15 -7.99 -0.56
N LEU A 54 6.78 -6.83 -0.67
CA LEU A 54 6.82 -6.09 -1.92
C LEU A 54 7.91 -6.68 -2.79
N ARG A 55 8.91 -7.25 -2.12
CA ARG A 55 10.00 -7.94 -2.78
C ARG A 55 9.49 -9.18 -3.50
N ARG A 56 8.46 -9.80 -2.91
CA ARG A 56 7.81 -10.94 -3.52
C ARG A 56 6.73 -10.48 -4.50
N LEU A 57 7.04 -9.39 -5.19
CA LEU A 57 6.18 -8.84 -6.22
C LEU A 57 7.05 -8.21 -7.28
N ALA A 58 7.83 -7.22 -6.85
CA ALA A 58 8.77 -6.54 -7.72
C ALA A 58 10.12 -7.23 -7.69
N HIS A 59 10.77 -7.30 -8.84
CA HIS A 59 11.95 -8.15 -9.02
C HIS A 59 13.24 -7.33 -8.93
N GLY A 60 14.26 -7.93 -8.32
CA GLY A 60 15.60 -7.37 -8.34
C GLY A 60 15.76 -6.08 -7.55
N GLY A 61 14.67 -5.55 -7.04
CA GLY A 61 14.72 -4.28 -6.35
C GLY A 61 13.94 -3.22 -7.09
N GLN A 62 13.21 -3.66 -8.10
CA GLN A 62 12.23 -2.85 -8.80
C GLN A 62 11.07 -2.50 -7.87
N VAL A 63 11.38 -2.13 -6.65
CA VAL A 63 10.35 -1.93 -5.65
C VAL A 63 10.76 -0.94 -4.57
N ASN A 64 9.94 0.08 -4.40
CA ASN A 64 10.00 0.94 -3.24
C ASN A 64 8.58 1.14 -2.74
N LEU A 65 8.43 1.55 -1.50
CA LEU A 65 7.11 1.67 -0.91
C LEU A 65 6.69 3.13 -0.88
N ASP A 66 5.39 3.36 -0.87
CA ASP A 66 4.86 4.71 -0.88
C ASP A 66 3.96 4.91 0.34
N MET A 67 3.66 6.16 0.69
CA MET A 67 2.84 6.43 1.86
C MET A 67 1.65 7.31 1.50
N GLU A 68 0.46 6.90 1.95
CA GLU A 68 -0.76 7.63 1.70
C GLU A 68 -1.61 7.63 2.97
N ASP A 69 -2.24 8.75 3.29
CA ASP A 69 -3.00 8.88 4.54
C ASP A 69 -4.50 8.75 4.30
N HIS A 70 -5.12 7.82 5.02
CA HIS A 70 -6.57 7.62 4.98
C HIS A 70 -7.05 7.14 6.34
N ARG A 71 -6.42 7.63 7.39
CA ARG A 71 -6.78 7.25 8.75
C ARG A 71 -8.22 7.63 9.08
N ASP A 72 -8.65 8.73 8.48
CA ASP A 72 -10.00 9.23 8.68
C ASP A 72 -11.00 8.49 7.78
N GLU A 73 -10.46 7.66 6.91
CA GLU A 73 -11.25 6.91 5.95
C GLU A 73 -11.41 5.45 6.37
N ASP A 74 -10.28 4.84 6.73
CA ASP A 74 -10.16 3.40 6.95
C ASP A 74 -10.25 2.66 5.61
N PHE A 75 -10.14 1.35 5.65
CA PHE A 75 -9.83 0.55 4.48
C PHE A 75 -10.84 0.77 3.35
N VAL A 76 -10.34 0.90 2.12
CA VAL A 76 -11.21 1.21 1.01
C VAL A 76 -10.56 1.01 -0.36
N LYS A 77 -9.25 0.86 -0.41
CA LYS A 77 -8.56 0.93 -1.69
C LYS A 77 -8.57 -0.42 -2.45
N PRO A 78 -7.84 -1.44 -2.00
CA PRO A 78 -7.86 -2.78 -2.62
C PRO A 78 -9.16 -3.55 -2.36
N LYS A 79 -10.30 -2.89 -2.56
CA LYS A 79 -11.60 -3.54 -2.36
C LYS A 79 -12.37 -3.63 -3.67
N GLY A 80 -11.96 -2.87 -4.68
CA GLY A 80 -12.57 -2.98 -5.98
C GLY A 80 -13.25 -1.69 -6.42
N ALA A 81 -14.12 -1.15 -5.57
CA ALA A 81 -14.81 0.09 -5.88
C ALA A 81 -13.82 1.23 -6.04
N PHE A 82 -14.18 2.23 -6.84
CA PHE A 82 -13.27 3.32 -7.10
C PHE A 82 -13.78 4.63 -6.52
N LYS A 83 -13.71 4.75 -5.21
CA LYS A 83 -13.97 6.01 -4.53
C LYS A 83 -12.73 6.42 -3.76
N ALA A 84 -11.76 5.51 -3.73
CA ALA A 84 -10.54 5.70 -2.99
C ALA A 84 -9.71 6.83 -3.59
N PHE A 85 -9.52 7.87 -2.81
CA PHE A 85 -8.74 9.01 -3.24
C PHE A 85 -7.24 8.67 -3.16
N THR A 86 -6.40 9.57 -3.64
CA THR A 86 -4.96 9.33 -3.65
C THR A 86 -4.15 10.62 -3.80
N GLY A 87 -3.54 11.06 -2.69
CA GLY A 87 -2.58 12.14 -2.72
C GLY A 87 -3.22 13.52 -2.88
N GLU A 88 -3.62 13.83 -4.10
CA GLU A 88 -4.16 15.15 -4.42
C GLU A 88 -5.59 15.31 -3.92
N GLY A 89 -5.73 15.44 -2.62
CA GLY A 89 -7.04 15.59 -2.02
C GLY A 89 -7.60 14.27 -1.53
N GLN A 90 -7.55 14.04 -0.23
CA GLN A 90 -8.05 12.80 0.35
C GLN A 90 -9.50 12.97 0.77
N LYS A 91 -9.84 14.17 1.24
CA LYS A 91 -11.21 14.51 1.60
C LYS A 91 -11.34 16.01 1.83
N LEU A 92 -11.93 16.68 0.86
CA LEU A 92 -12.22 18.09 0.99
C LEU A 92 -13.73 18.31 0.98
N GLY A 93 -14.45 17.35 0.42
CA GLY A 93 -15.89 17.45 0.31
C GLY A 93 -16.46 16.38 -0.59
N SER A 94 -17.46 15.66 -0.10
CA SER A 94 -18.03 14.54 -0.83
C SER A 94 -19.35 14.95 -1.47
N THR A 95 -19.42 16.18 -1.94
CA THR A 95 -20.62 16.68 -2.60
C THR A 95 -20.89 15.90 -3.89
N ALA A 96 -19.81 15.47 -4.53
CA ALA A 96 -19.90 14.59 -5.68
C ALA A 96 -19.06 13.34 -5.42
N PRO A 97 -19.70 12.27 -4.94
CA PRO A 97 -19.02 11.02 -4.55
C PRO A 97 -18.19 10.43 -5.68
N GLN A 98 -18.83 10.17 -6.82
CA GLN A 98 -18.14 9.65 -8.00
C GLN A 98 -19.13 9.43 -9.14
N VAL A 99 -19.82 8.30 -9.09
CA VAL A 99 -20.78 7.94 -10.13
C VAL A 99 -21.71 6.84 -9.63
N LEU A 100 -21.18 5.99 -8.73
CA LEU A 100 -21.97 4.93 -8.11
C LEU A 100 -23.22 5.50 -7.44
N SER A 101 -23.04 6.15 -6.30
CA SER A 101 -24.14 6.80 -5.61
C SER A 101 -24.19 8.27 -6.02
N THR A 102 -24.33 8.50 -7.32
CA THR A 102 -24.35 9.85 -7.85
C THR A 102 -25.29 9.92 -9.05
N GLY A 1 25.31 -20.82 8.29
CA GLY A 1 24.39 -20.57 7.15
C GLY A 1 23.12 -19.86 7.59
N SER A 2 23.25 -18.86 8.44
CA SER A 2 22.10 -18.09 8.90
C SER A 2 22.29 -16.63 8.55
N GLU A 3 23.47 -16.09 8.87
CA GLU A 3 23.81 -14.72 8.51
C GLU A 3 23.70 -14.55 7.00
N LYS A 4 24.27 -15.50 6.27
CA LYS A 4 24.10 -15.58 4.84
C LYS A 4 23.39 -16.88 4.49
N ARG A 5 22.08 -16.88 4.66
CA ARG A 5 21.26 -18.05 4.36
C ARG A 5 21.56 -18.55 2.94
N GLN A 6 21.64 -17.60 2.03
CA GLN A 6 22.05 -17.83 0.66
C GLN A 6 22.09 -16.50 -0.08
N HIS A 7 20.89 -16.02 -0.37
CA HIS A 7 20.68 -14.72 -1.00
C HIS A 7 19.19 -14.56 -1.25
N SER A 8 18.66 -13.39 -0.91
CA SER A 8 17.25 -13.12 -1.11
C SER A 8 16.38 -14.08 -0.30
N SER A 9 16.34 -13.87 1.01
CA SER A 9 15.62 -14.76 1.90
C SER A 9 14.76 -14.00 2.92
N GLN A 10 14.83 -12.67 2.88
CA GLN A 10 14.11 -11.87 3.86
C GLN A 10 12.75 -11.38 3.34
N ASP A 11 12.39 -11.81 2.12
CA ASP A 11 11.07 -11.54 1.55
C ASP A 11 10.69 -10.07 1.64
N VAL A 12 9.39 -9.77 1.59
CA VAL A 12 8.94 -8.39 1.77
C VAL A 12 7.44 -8.31 2.09
N HIS A 13 7.12 -7.43 3.01
CA HIS A 13 5.74 -7.05 3.28
C HIS A 13 5.53 -5.60 2.86
N VAL A 14 4.85 -5.40 1.75
CA VAL A 14 4.60 -4.06 1.25
C VAL A 14 3.15 -3.66 1.53
N VAL A 15 2.97 -2.43 1.99
CA VAL A 15 1.65 -1.95 2.34
C VAL A 15 1.16 -0.94 1.34
N LEU A 16 -0.03 -1.18 0.83
CA LEU A 16 -0.67 -0.25 -0.04
C LEU A 16 -1.76 0.48 0.70
N LYS A 17 -1.73 1.79 0.64
CA LYS A 17 -2.69 2.61 1.32
C LYS A 17 -3.61 3.29 0.30
N LEU A 18 -4.89 3.31 0.63
CA LEU A 18 -5.90 3.89 -0.24
C LEU A 18 -6.22 5.28 0.25
N TRP A 19 -6.04 6.25 -0.62
CA TRP A 19 -6.25 7.64 -0.28
C TRP A 19 -7.44 8.18 -1.06
N LYS A 20 -7.82 9.43 -0.80
CA LYS A 20 -8.96 10.01 -1.48
C LYS A 20 -8.62 10.41 -2.91
N SER A 21 -7.33 10.47 -3.20
CA SER A 21 -6.87 10.79 -4.53
C SER A 21 -5.57 10.05 -4.81
N GLY A 22 -5.62 8.74 -4.75
CA GLY A 22 -4.47 7.94 -5.12
C GLY A 22 -4.15 6.87 -4.10
N PHE A 23 -3.03 6.17 -4.32
CA PHE A 23 -2.59 5.13 -3.41
C PHE A 23 -1.07 5.19 -3.26
N SER A 24 -0.58 4.66 -2.16
CA SER A 24 0.86 4.59 -1.92
C SER A 24 1.23 3.21 -1.42
N LEU A 25 2.49 2.86 -1.55
CA LEU A 25 2.95 1.54 -1.16
C LEU A 25 4.19 1.66 -0.29
N ASP A 26 4.73 0.54 0.14
CA ASP A 26 5.96 0.53 0.92
C ASP A 26 7.09 1.12 0.07
N ASN A 27 7.01 0.88 -1.22
CA ASN A 27 8.03 1.30 -2.17
C ASN A 27 7.81 2.72 -2.70
N GLY A 28 6.56 3.12 -2.85
CA GLY A 28 6.26 4.35 -3.56
C GLY A 28 5.27 5.24 -2.84
N GLU A 29 5.27 6.52 -3.21
CA GLU A 29 4.42 7.50 -2.58
C GLU A 29 3.01 7.50 -3.18
N LEU A 30 2.19 8.44 -2.73
CA LEU A 30 0.80 8.56 -3.17
C LEU A 30 0.75 9.02 -4.62
N ARG A 31 0.19 8.18 -5.47
CA ARG A 31 -0.05 8.52 -6.87
C ARG A 31 -1.55 8.41 -7.14
N SER A 32 -2.15 9.48 -7.66
CA SER A 32 -3.60 9.57 -7.78
C SER A 32 -4.14 8.63 -8.86
N TYR A 33 -5.32 8.07 -8.57
CA TYR A 33 -5.91 6.99 -9.39
C TYR A 33 -6.18 7.42 -10.84
N GLN A 34 -6.05 8.70 -11.12
CA GLN A 34 -6.29 9.21 -12.47
C GLN A 34 -5.01 9.22 -13.28
N ASP A 35 -3.89 9.31 -12.58
CA ASP A 35 -2.56 9.30 -13.20
C ASP A 35 -2.28 7.96 -13.87
N PRO A 36 -1.87 7.98 -15.16
CA PRO A 36 -1.59 6.76 -15.92
C PRO A 36 -0.22 6.16 -15.61
N SER A 37 0.45 6.66 -14.59
CA SER A 37 1.76 6.14 -14.23
C SER A 37 1.64 5.12 -13.11
N ASN A 38 0.67 5.33 -12.22
CA ASN A 38 0.36 4.36 -11.19
C ASN A 38 -0.68 3.38 -11.70
N ALA A 39 -1.30 3.76 -12.81
CA ALA A 39 -2.27 2.91 -13.51
C ALA A 39 -1.75 1.48 -13.67
N GLN A 40 -0.45 1.32 -13.93
CA GLN A 40 0.16 0.00 -14.01
C GLN A 40 -0.15 -0.83 -12.78
N PHE A 41 0.28 -0.31 -11.63
CA PHE A 41 -0.04 -0.88 -10.34
C PHE A 41 -1.51 -1.27 -10.27
N LEU A 42 -2.36 -0.27 -10.41
CA LEU A 42 -3.82 -0.45 -10.31
C LEU A 42 -4.29 -1.63 -11.14
N GLU A 43 -3.86 -1.68 -12.39
CA GLU A 43 -4.25 -2.73 -13.30
C GLU A 43 -3.71 -4.08 -12.84
N SER A 44 -2.42 -4.13 -12.59
CA SER A 44 -1.76 -5.37 -12.18
C SER A 44 -2.35 -5.89 -10.89
N ILE A 45 -2.59 -4.99 -9.93
CA ILE A 45 -3.10 -5.37 -8.62
C ILE A 45 -4.57 -5.77 -8.73
N ARG A 46 -5.25 -5.18 -9.71
CA ARG A 46 -6.63 -5.53 -10.02
C ARG A 46 -6.69 -6.94 -10.61
N ARG A 47 -5.78 -7.21 -11.53
CA ARG A 47 -5.65 -8.54 -12.14
C ARG A 47 -5.26 -9.60 -11.12
N GLY A 48 -4.42 -9.20 -10.16
CA GLY A 48 -3.94 -10.15 -9.17
C GLY A 48 -2.45 -10.41 -9.35
N GLU A 49 -1.84 -9.62 -10.22
CA GLU A 49 -0.43 -9.74 -10.51
C GLU A 49 0.37 -8.75 -9.68
N VAL A 50 1.68 -8.95 -9.64
CA VAL A 50 2.53 -8.10 -8.83
C VAL A 50 3.26 -7.05 -9.67
N PRO A 51 3.07 -5.76 -9.32
CA PRO A 51 3.85 -4.66 -9.89
C PRO A 51 5.35 -4.87 -9.63
N ALA A 52 6.15 -4.62 -10.67
CA ALA A 52 7.59 -4.84 -10.61
C ALA A 52 8.25 -3.99 -9.54
N GLU A 53 7.60 -2.87 -9.21
CA GLU A 53 8.09 -1.96 -8.19
C GLU A 53 8.27 -2.67 -6.86
N LEU A 54 7.28 -3.48 -6.49
CA LEU A 54 7.30 -4.18 -5.21
C LEU A 54 8.08 -5.47 -5.36
N ARG A 55 8.29 -5.88 -6.60
CA ARG A 55 9.11 -7.05 -6.88
C ARG A 55 10.59 -6.68 -6.77
N ARG A 56 10.90 -5.44 -7.13
CA ARG A 56 12.24 -4.92 -6.96
C ARG A 56 12.50 -4.53 -5.51
N LEU A 57 11.48 -4.67 -4.69
CA LEU A 57 11.62 -4.50 -3.26
C LEU A 57 11.61 -5.88 -2.62
N ALA A 58 10.83 -6.77 -3.21
CA ALA A 58 10.79 -8.16 -2.80
C ALA A 58 12.15 -8.79 -2.88
N HIS A 59 12.58 -9.26 -1.74
CA HIS A 59 13.89 -9.86 -1.59
C HIS A 59 13.83 -11.35 -1.88
N GLY A 60 13.19 -12.10 -1.00
CA GLY A 60 13.11 -13.54 -1.16
C GLY A 60 12.26 -13.94 -2.33
N GLY A 61 11.24 -13.14 -2.60
CA GLY A 61 10.31 -13.44 -3.66
C GLY A 61 8.89 -13.42 -3.17
N GLN A 62 8.75 -13.58 -1.88
CA GLN A 62 7.48 -13.41 -1.23
C GLN A 62 7.12 -11.94 -1.18
N VAL A 63 6.43 -11.49 -2.20
CA VAL A 63 5.93 -10.13 -2.21
C VAL A 63 4.50 -10.11 -1.69
N ASN A 64 4.35 -9.70 -0.45
CA ASN A 64 3.03 -9.63 0.18
C ASN A 64 2.57 -8.20 0.30
N LEU A 65 1.54 -7.84 -0.45
CA LEU A 65 1.02 -6.48 -0.39
C LEU A 65 -0.29 -6.48 0.40
N ASP A 66 -0.46 -5.46 1.21
CA ASP A 66 -1.66 -5.31 2.01
C ASP A 66 -2.35 -4.02 1.62
N MET A 67 -3.59 -3.83 2.05
CA MET A 67 -4.35 -2.65 1.67
C MET A 67 -4.97 -1.99 2.89
N GLU A 68 -4.87 -0.66 2.94
CA GLU A 68 -5.42 0.11 4.04
C GLU A 68 -6.36 1.15 3.50
N ASP A 69 -7.45 1.35 4.19
CA ASP A 69 -8.48 2.26 3.75
C ASP A 69 -8.42 3.57 4.54
N HIS A 70 -7.75 4.58 4.00
CA HIS A 70 -7.64 5.88 4.66
C HIS A 70 -8.54 6.91 3.96
N ARG A 71 -8.33 7.03 2.66
CA ARG A 71 -9.08 7.95 1.81
C ARG A 71 -8.98 9.40 2.28
N ASP A 72 -9.98 9.88 3.01
CA ASP A 72 -10.05 11.29 3.38
C ASP A 72 -9.04 11.62 4.48
N GLU A 73 -8.32 10.61 4.93
CA GLU A 73 -7.22 10.80 5.87
C GLU A 73 -6.04 11.50 5.17
N ASP A 74 -6.04 11.39 3.85
CA ASP A 74 -4.98 11.93 2.98
C ASP A 74 -3.63 11.27 3.27
N PHE A 75 -2.62 11.64 2.49
CA PHE A 75 -1.36 10.90 2.43
C PHE A 75 -0.55 10.99 3.73
N VAL A 76 -0.14 9.81 4.22
CA VAL A 76 0.76 9.68 5.37
C VAL A 76 1.45 8.31 5.42
N LYS A 77 2.70 8.24 4.96
CA LYS A 77 3.57 7.11 5.29
C LYS A 77 5.06 7.41 5.05
N PRO A 78 5.51 7.55 3.79
CA PRO A 78 6.93 7.74 3.46
C PRO A 78 7.46 9.10 3.91
N LYS A 79 6.60 10.10 3.75
CA LYS A 79 6.94 11.50 4.00
C LYS A 79 7.59 11.70 5.37
N GLY A 80 7.06 11.06 6.39
CA GLY A 80 7.66 11.11 7.70
C GLY A 80 6.88 10.29 8.70
N ALA A 81 6.28 9.20 8.19
CA ALA A 81 5.35 8.38 8.96
C ALA A 81 4.13 9.19 9.37
N PHE A 82 4.30 10.00 10.43
CA PHE A 82 3.26 10.85 10.98
C PHE A 82 2.13 10.02 11.58
N LYS A 83 1.37 9.37 10.72
CA LYS A 83 0.29 8.48 11.13
C LYS A 83 -0.03 7.51 10.01
N ALA A 84 0.93 6.65 9.69
CA ALA A 84 0.78 5.66 8.62
C ALA A 84 -0.45 4.82 8.88
N PHE A 85 -0.70 4.54 10.15
CA PHE A 85 -1.93 3.93 10.59
C PHE A 85 -2.27 4.48 11.97
N THR A 86 -3.49 4.94 12.15
CA THR A 86 -3.87 5.58 13.38
C THR A 86 -5.16 5.00 13.95
N GLY A 87 -6.19 4.89 13.11
CA GLY A 87 -7.48 4.37 13.57
C GLY A 87 -8.26 5.39 14.37
N GLU A 88 -7.58 5.99 15.35
CA GLU A 88 -8.20 6.96 16.26
C GLU A 88 -8.89 8.08 15.48
N GLY A 89 -8.17 8.68 14.55
CA GLY A 89 -8.73 9.75 13.74
C GLY A 89 -9.09 9.28 12.35
N GLN A 90 -9.43 8.01 12.23
CA GLN A 90 -9.82 7.44 10.95
C GLN A 90 -11.16 6.75 11.07
N LYS A 91 -11.18 5.68 11.84
CA LYS A 91 -12.39 4.92 12.06
C LYS A 91 -12.20 4.07 13.31
N LEU A 92 -12.57 4.63 14.44
CA LEU A 92 -12.44 3.94 15.72
C LEU A 92 -13.39 2.75 15.73
N GLY A 93 -14.58 2.95 15.18
CA GLY A 93 -15.55 1.89 15.10
C GLY A 93 -16.29 1.89 13.79
N SER A 94 -17.31 2.71 13.69
CA SER A 94 -18.13 2.78 12.50
C SER A 94 -18.74 4.16 12.33
N THR A 95 -19.56 4.57 13.30
CA THR A 95 -20.30 5.82 13.23
C THR A 95 -21.21 5.81 12.00
N ALA A 96 -22.05 4.78 11.94
CA ALA A 96 -22.97 4.59 10.84
C ALA A 96 -24.31 4.08 11.36
N PRO A 97 -25.08 4.94 12.05
CA PRO A 97 -26.33 4.54 12.70
C PRO A 97 -27.40 4.08 11.71
N GLN A 98 -27.89 5.00 10.89
CA GLN A 98 -28.92 4.69 9.93
C GLN A 98 -28.80 5.63 8.73
N VAL A 99 -29.20 5.13 7.55
CA VAL A 99 -29.07 5.86 6.29
C VAL A 99 -27.61 5.96 5.88
N LEU A 100 -26.80 6.55 6.73
CA LEU A 100 -25.36 6.60 6.53
C LEU A 100 -24.75 5.28 6.93
N SER A 101 -24.16 4.58 5.97
CA SER A 101 -23.58 3.29 6.21
C SER A 101 -22.13 3.27 5.74
N THR A 102 -21.24 2.89 6.62
CA THR A 102 -19.83 2.79 6.29
C THR A 102 -19.57 1.59 5.40
N GLY A 1 -0.02 13.67 -8.69
CA GLY A 1 -0.47 14.82 -9.51
C GLY A 1 0.39 15.03 -10.73
N SER A 2 -0.21 14.93 -11.92
CA SER A 2 0.50 15.12 -13.17
C SER A 2 -0.48 14.99 -14.34
N GLU A 3 -0.94 13.76 -14.56
CA GLU A 3 -1.91 13.48 -15.60
C GLU A 3 -2.97 12.52 -15.09
N LYS A 4 -2.60 11.70 -14.12
CA LYS A 4 -3.56 10.86 -13.42
C LYS A 4 -4.31 11.72 -12.40
N ARG A 5 -5.35 12.39 -12.86
CA ARG A 5 -6.17 13.24 -12.00
C ARG A 5 -7.39 12.50 -11.48
N GLN A 6 -8.24 13.21 -10.76
CA GLN A 6 -9.45 12.64 -10.15
C GLN A 6 -9.08 11.57 -9.13
N HIS A 7 -10.10 10.87 -8.66
CA HIS A 7 -9.91 9.72 -7.79
C HIS A 7 -10.92 8.65 -8.19
N SER A 8 -10.48 7.39 -8.14
CA SER A 8 -11.32 6.27 -8.54
C SER A 8 -12.66 6.34 -7.80
N SER A 9 -13.74 6.43 -8.57
CA SER A 9 -15.06 6.68 -8.01
C SER A 9 -16.12 5.76 -8.61
N GLN A 10 -15.80 4.48 -8.69
CA GLN A 10 -16.79 3.48 -9.10
C GLN A 10 -16.58 2.19 -8.33
N ASP A 11 -16.53 2.30 -6.99
CA ASP A 11 -16.27 1.17 -6.11
C ASP A 11 -14.86 0.62 -6.37
N VAL A 12 -13.93 0.91 -5.46
CA VAL A 12 -12.51 0.80 -5.78
C VAL A 12 -11.75 -0.22 -4.93
N HIS A 13 -10.56 -0.54 -5.40
CA HIS A 13 -9.65 -1.42 -4.71
C HIS A 13 -8.41 -0.65 -4.28
N VAL A 14 -8.21 -0.55 -2.98
CA VAL A 14 -7.05 0.13 -2.41
C VAL A 14 -6.06 -0.91 -1.90
N VAL A 15 -4.79 -0.59 -1.91
CA VAL A 15 -3.79 -1.54 -1.48
C VAL A 15 -2.84 -0.94 -0.45
N LEU A 16 -2.49 -1.74 0.54
CA LEU A 16 -1.58 -1.32 1.60
C LEU A 16 -0.21 -1.92 1.34
N LYS A 17 0.76 -1.07 1.13
CA LYS A 17 2.12 -1.51 0.87
C LYS A 17 2.97 -1.28 2.12
N LEU A 18 3.68 -2.29 2.56
CA LEU A 18 4.47 -2.21 3.77
C LEU A 18 5.92 -1.96 3.42
N TRP A 19 6.59 -1.13 4.19
CA TRP A 19 7.98 -0.79 3.93
C TRP A 19 8.78 -0.86 5.23
N LYS A 20 10.04 -0.47 5.16
CA LYS A 20 10.91 -0.51 6.32
C LYS A 20 10.64 0.65 7.27
N SER A 21 10.12 1.76 6.75
CA SER A 21 9.80 2.91 7.58
C SER A 21 8.33 2.88 8.01
N GLY A 22 7.46 2.57 7.05
CA GLY A 22 6.05 2.58 7.31
C GLY A 22 5.27 1.90 6.23
N PHE A 23 4.11 2.43 5.91
CA PHE A 23 3.23 1.82 4.94
C PHE A 23 2.66 2.87 3.99
N SER A 24 2.44 2.47 2.75
CA SER A 24 1.83 3.31 1.74
C SER A 24 0.53 2.69 1.29
N LEU A 25 -0.41 3.53 0.94
CA LEU A 25 -1.68 3.06 0.44
C LEU A 25 -1.69 3.25 -1.06
N ASP A 26 -2.83 3.09 -1.70
CA ASP A 26 -2.91 3.43 -3.11
C ASP A 26 -3.36 4.88 -3.24
N ASN A 27 -3.68 5.46 -2.09
CA ASN A 27 -4.09 6.86 -1.99
C ASN A 27 -2.96 7.73 -1.47
N GLY A 28 -2.16 7.18 -0.56
CA GLY A 28 -1.12 7.96 0.09
C GLY A 28 0.22 7.28 0.00
N GLU A 29 1.26 8.05 0.24
CA GLU A 29 2.64 7.57 0.10
C GLU A 29 3.07 6.78 1.33
N LEU A 30 4.36 6.45 1.36
CA LEU A 30 4.96 5.74 2.47
C LEU A 30 4.85 6.60 3.73
N ARG A 31 4.08 6.10 4.67
CA ARG A 31 3.89 6.76 5.94
C ARG A 31 4.47 5.90 7.06
N SER A 32 5.56 6.38 7.67
CA SER A 32 6.24 5.67 8.75
C SER A 32 5.28 5.32 9.88
N TYR A 33 5.45 4.11 10.43
CA TYR A 33 4.51 3.55 11.41
C TYR A 33 4.45 4.40 12.69
N GLN A 34 5.45 5.24 12.89
CA GLN A 34 5.58 6.01 14.12
C GLN A 34 4.65 7.23 14.13
N ASP A 35 4.41 7.80 12.97
CA ASP A 35 3.62 9.02 12.85
C ASP A 35 2.18 8.80 13.30
N PRO A 36 1.67 9.71 14.15
CA PRO A 36 0.34 9.60 14.78
C PRO A 36 -0.82 9.49 13.78
N SER A 37 -0.65 10.03 12.58
CA SER A 37 -1.72 10.01 11.59
C SER A 37 -1.75 8.64 10.93
N ASN A 38 -0.60 8.02 10.93
CA ASN A 38 -0.43 6.72 10.32
C ASN A 38 -0.88 5.64 11.29
N ALA A 39 -0.82 5.96 12.59
CA ALA A 39 -1.38 5.11 13.62
C ALA A 39 -2.88 4.93 13.42
N GLN A 40 -3.51 5.97 12.84
CA GLN A 40 -4.93 5.92 12.49
C GLN A 40 -5.20 4.74 11.56
N PHE A 41 -4.39 4.64 10.51
CA PHE A 41 -4.50 3.52 9.58
C PHE A 41 -4.24 2.22 10.31
N LEU A 42 -3.04 2.10 10.88
CA LEU A 42 -2.58 0.89 11.53
C LEU A 42 -3.62 0.34 12.50
N GLU A 43 -4.21 1.23 13.28
CA GLU A 43 -5.25 0.84 14.22
C GLU A 43 -6.47 0.28 13.48
N SER A 44 -7.09 1.09 12.65
CA SER A 44 -8.29 0.67 11.94
C SER A 44 -8.02 -0.58 11.09
N ILE A 45 -6.86 -0.64 10.47
CA ILE A 45 -6.49 -1.75 9.60
C ILE A 45 -6.31 -3.05 10.40
N ARG A 46 -5.87 -2.94 11.65
CA ARG A 46 -5.71 -4.12 12.50
C ARG A 46 -7.02 -4.49 13.20
N ARG A 47 -7.86 -3.49 13.47
CA ARG A 47 -9.13 -3.71 14.14
C ARG A 47 -10.16 -4.31 13.18
N GLY A 48 -10.01 -4.03 11.90
CA GLY A 48 -10.96 -4.49 10.92
C GLY A 48 -11.84 -3.38 10.41
N GLU A 49 -11.44 -2.15 10.70
CA GLU A 49 -12.19 -0.96 10.31
C GLU A 49 -11.69 -0.45 8.97
N VAL A 50 -12.22 0.70 8.55
CA VAL A 50 -11.82 1.30 7.30
C VAL A 50 -11.28 2.71 7.53
N PRO A 51 -9.97 2.91 7.34
CA PRO A 51 -9.33 4.22 7.45
C PRO A 51 -9.98 5.27 6.55
N ALA A 52 -10.18 6.46 7.13
CA ALA A 52 -10.87 7.55 6.46
C ALA A 52 -10.18 7.96 5.17
N GLU A 53 -8.87 7.82 5.13
CA GLU A 53 -8.11 8.16 3.93
C GLU A 53 -8.52 7.32 2.74
N LEU A 54 -8.90 6.06 3.00
CA LEU A 54 -9.32 5.17 1.93
C LEU A 54 -10.80 5.38 1.63
N ARG A 55 -11.56 5.58 2.71
CA ARG A 55 -13.00 5.79 2.60
C ARG A 55 -13.30 7.09 1.86
N ARG A 56 -12.53 8.13 2.18
CA ARG A 56 -12.68 9.43 1.54
C ARG A 56 -11.85 9.48 0.26
N LEU A 57 -11.63 8.31 -0.33
CA LEU A 57 -10.96 8.20 -1.62
C LEU A 57 -11.87 7.42 -2.56
N ALA A 58 -12.44 6.35 -2.02
CA ALA A 58 -13.41 5.55 -2.76
C ALA A 58 -14.77 6.21 -2.75
N HIS A 59 -15.39 6.21 -3.90
CA HIS A 59 -16.75 6.67 -4.03
C HIS A 59 -17.65 5.46 -4.26
N GLY A 60 -18.80 5.47 -3.61
CA GLY A 60 -19.68 4.31 -3.65
C GLY A 60 -19.66 3.58 -2.34
N GLY A 61 -18.51 3.61 -1.68
CA GLY A 61 -18.39 3.01 -0.37
C GLY A 61 -17.61 1.73 -0.38
N GLN A 62 -17.56 1.07 -1.53
CA GLN A 62 -16.79 -0.15 -1.67
C GLN A 62 -15.31 0.17 -1.74
N VAL A 63 -14.66 0.11 -0.60
CA VAL A 63 -13.23 0.28 -0.54
C VAL A 63 -12.59 -1.02 -0.05
N ASN A 64 -11.97 -1.73 -0.98
CA ASN A 64 -11.35 -3.01 -0.64
C ASN A 64 -9.85 -2.85 -0.52
N LEU A 65 -9.32 -3.12 0.66
CA LEU A 65 -7.91 -2.90 0.94
C LEU A 65 -7.14 -4.23 0.92
N ASP A 66 -6.10 -4.26 0.09
CA ASP A 66 -5.23 -5.43 -0.02
C ASP A 66 -3.92 -5.15 0.71
N MET A 67 -3.11 -6.17 0.96
CA MET A 67 -1.89 -5.97 1.74
C MET A 67 -0.66 -6.54 1.04
N GLU A 68 0.33 -5.69 0.83
CA GLU A 68 1.61 -6.08 0.27
C GLU A 68 2.71 -5.93 1.32
N ASP A 69 3.83 -6.58 1.10
CA ASP A 69 4.99 -6.40 1.98
C ASP A 69 6.23 -6.13 1.16
N HIS A 70 6.84 -4.98 1.40
CA HIS A 70 8.08 -4.60 0.74
C HIS A 70 8.98 -3.92 1.77
N ARG A 71 8.95 -4.43 2.99
CA ARG A 71 9.63 -3.81 4.12
C ARG A 71 11.14 -4.06 4.05
N ASP A 72 11.72 -3.54 3.00
CA ASP A 72 13.14 -3.70 2.72
C ASP A 72 13.47 -2.95 1.43
N GLU A 73 12.54 -3.06 0.47
CA GLU A 73 12.61 -2.35 -0.79
C GLU A 73 12.53 -0.84 -0.60
N ASP A 74 11.62 -0.44 0.28
CA ASP A 74 11.29 0.98 0.53
C ASP A 74 10.39 1.53 -0.57
N PHE A 75 9.79 2.68 -0.27
CA PHE A 75 8.70 3.24 -1.07
C PHE A 75 9.01 3.30 -2.56
N VAL A 76 8.13 2.72 -3.37
CA VAL A 76 8.37 2.65 -4.80
C VAL A 76 7.08 2.38 -5.59
N LYS A 77 6.07 1.82 -4.92
CA LYS A 77 4.87 1.34 -5.60
C LYS A 77 4.09 2.45 -6.34
N PRO A 78 3.52 3.42 -5.62
CA PRO A 78 2.76 4.55 -6.22
C PRO A 78 3.59 5.34 -7.23
N LYS A 79 4.87 5.49 -6.94
CA LYS A 79 5.80 6.19 -7.83
C LYS A 79 5.68 5.72 -9.27
N GLY A 80 5.90 4.42 -9.48
CA GLY A 80 5.85 3.87 -10.81
C GLY A 80 6.94 2.84 -11.00
N ALA A 81 7.33 2.60 -12.25
CA ALA A 81 8.39 1.65 -12.61
C ALA A 81 7.97 0.19 -12.38
N PHE A 82 7.33 -0.06 -11.24
CA PHE A 82 6.78 -1.39 -10.92
C PHE A 82 7.87 -2.46 -10.95
N LYS A 83 8.89 -2.27 -10.13
CA LYS A 83 9.91 -3.28 -9.92
C LYS A 83 9.69 -3.97 -8.58
N ALA A 84 8.74 -3.43 -7.82
CA ALA A 84 8.45 -3.91 -6.48
C ALA A 84 8.10 -5.39 -6.50
N PHE A 85 8.77 -6.16 -5.66
CA PHE A 85 8.62 -7.60 -5.67
C PHE A 85 7.46 -8.03 -4.78
N THR A 86 6.25 -7.95 -5.32
CA THR A 86 5.06 -8.39 -4.61
C THR A 86 4.93 -9.91 -4.70
N GLY A 87 5.64 -10.60 -3.82
CA GLY A 87 5.61 -12.05 -3.83
C GLY A 87 5.96 -12.64 -2.49
N GLU A 88 5.92 -13.97 -2.41
CA GLU A 88 6.22 -14.68 -1.18
C GLU A 88 7.72 -14.93 -1.07
N GLY A 89 8.34 -15.26 -2.20
CA GLY A 89 9.75 -15.58 -2.24
C GLY A 89 10.63 -14.34 -2.26
N GLN A 90 10.29 -13.38 -1.41
CA GLN A 90 11.04 -12.14 -1.32
C GLN A 90 12.14 -12.27 -0.26
N LYS A 91 13.33 -11.78 -0.61
CA LYS A 91 14.51 -11.80 0.29
C LYS A 91 15.12 -13.21 0.38
N LEU A 92 14.28 -14.23 0.48
CA LEU A 92 14.75 -15.60 0.38
C LEU A 92 15.04 -15.91 -1.09
N GLY A 93 14.52 -15.04 -1.95
CA GLY A 93 14.84 -15.08 -3.35
C GLY A 93 15.11 -13.68 -3.86
N SER A 94 16.18 -13.51 -4.62
CA SER A 94 16.56 -12.19 -5.09
C SER A 94 17.57 -12.28 -6.22
N THR A 95 18.48 -13.26 -6.12
CA THR A 95 19.51 -13.44 -7.12
C THR A 95 18.93 -13.91 -8.45
N ALA A 96 17.73 -14.46 -8.40
CA ALA A 96 17.01 -14.85 -9.61
C ALA A 96 15.65 -14.14 -9.65
N PRO A 97 15.65 -12.87 -10.10
CA PRO A 97 14.44 -12.03 -10.12
C PRO A 97 13.31 -12.65 -10.94
N GLN A 98 12.25 -13.07 -10.24
CA GLN A 98 11.07 -13.66 -10.86
C GLN A 98 11.45 -14.92 -11.67
N VAL A 99 12.58 -15.53 -11.26
CA VAL A 99 13.17 -16.69 -11.93
C VAL A 99 13.10 -16.59 -13.46
N LEU A 100 13.25 -15.38 -13.98
CA LEU A 100 13.23 -15.15 -15.41
C LEU A 100 14.49 -14.41 -15.85
N SER A 101 14.59 -13.15 -15.47
CA SER A 101 15.74 -12.34 -15.81
C SER A 101 15.95 -11.25 -14.77
N THR A 102 15.16 -10.19 -14.86
CA THR A 102 15.23 -9.08 -13.94
C THR A 102 13.85 -8.43 -13.78
N GLY A 1 -25.47 22.62 9.87
CA GLY A 1 -26.27 22.97 8.67
C GLY A 1 -26.99 21.76 8.11
N SER A 2 -26.99 21.63 6.78
CA SER A 2 -27.63 20.51 6.13
C SER A 2 -26.77 19.25 6.29
N GLU A 3 -27.38 18.20 6.84
CA GLU A 3 -26.66 16.96 7.07
C GLU A 3 -26.87 16.00 5.91
N LYS A 4 -27.72 16.41 4.97
CA LYS A 4 -27.94 15.62 3.77
C LYS A 4 -26.85 15.91 2.76
N ARG A 5 -25.63 15.54 3.09
CA ARG A 5 -24.47 15.86 2.27
C ARG A 5 -23.84 14.59 1.72
N GLN A 6 -22.93 14.76 0.77
CA GLN A 6 -22.22 13.64 0.18
C GLN A 6 -21.11 13.20 1.12
N HIS A 7 -21.08 11.92 1.43
CA HIS A 7 -20.13 11.37 2.39
C HIS A 7 -18.82 11.00 1.72
N SER A 8 -18.67 11.41 0.45
CA SER A 8 -17.53 11.03 -0.36
C SER A 8 -17.48 9.50 -0.49
N SER A 9 -18.62 8.93 -0.84
CA SER A 9 -18.78 7.48 -0.93
C SER A 9 -18.30 6.97 -2.29
N GLN A 10 -17.09 7.34 -2.66
CA GLN A 10 -16.54 6.94 -3.94
C GLN A 10 -15.29 6.10 -3.75
N ASP A 11 -15.37 5.16 -2.80
CA ASP A 11 -14.32 4.17 -2.50
C ASP A 11 -12.95 4.82 -2.24
N VAL A 12 -11.96 3.98 -2.03
CA VAL A 12 -10.58 4.40 -2.02
C VAL A 12 -9.69 3.19 -2.22
N HIS A 13 -8.95 3.21 -3.32
CA HIS A 13 -8.05 2.12 -3.62
C HIS A 13 -6.60 2.56 -3.40
N VAL A 14 -5.93 1.83 -2.54
CA VAL A 14 -4.58 2.19 -2.15
C VAL A 14 -3.57 1.29 -2.83
N VAL A 15 -2.72 1.89 -3.65
CA VAL A 15 -1.63 1.18 -4.29
C VAL A 15 -0.47 1.07 -3.33
N LEU A 16 -0.20 -0.13 -2.89
CA LEU A 16 0.85 -0.35 -1.94
C LEU A 16 1.91 -1.27 -2.53
N LYS A 17 3.12 -0.77 -2.58
CA LYS A 17 4.22 -1.54 -3.11
C LYS A 17 5.18 -1.91 -1.98
N LEU A 18 5.70 -3.12 -2.04
CA LEU A 18 6.57 -3.69 -1.02
C LEU A 18 8.01 -3.57 -1.49
N TRP A 19 8.77 -2.75 -0.81
CA TRP A 19 10.14 -2.48 -1.19
C TRP A 19 11.09 -3.27 -0.32
N LYS A 20 12.38 -2.96 -0.39
CA LYS A 20 13.34 -3.61 0.47
C LYS A 20 13.44 -2.89 1.82
N SER A 21 13.16 -1.60 1.81
CA SER A 21 13.26 -0.79 3.01
C SER A 21 11.91 -0.62 3.68
N GLY A 22 10.88 -0.40 2.88
CA GLY A 22 9.57 -0.18 3.43
C GLY A 22 8.47 -0.39 2.41
N PHE A 23 7.39 0.34 2.56
CA PHE A 23 6.25 0.22 1.68
C PHE A 23 5.70 1.60 1.33
N SER A 24 5.16 1.73 0.14
CA SER A 24 4.56 2.98 -0.28
C SER A 24 3.11 2.77 -0.65
N LEU A 25 2.30 3.73 -0.32
CA LEU A 25 0.88 3.63 -0.53
C LEU A 25 0.44 4.75 -1.47
N ASP A 26 -0.85 4.90 -1.67
CA ASP A 26 -1.34 6.01 -2.46
C ASP A 26 -1.28 7.30 -1.66
N ASN A 27 -1.69 7.20 -0.39
CA ASN A 27 -1.74 8.35 0.52
C ASN A 27 -0.36 9.00 0.70
N GLY A 28 0.69 8.19 0.71
CA GLY A 28 2.02 8.71 0.94
C GLY A 28 3.05 8.02 0.08
N GLU A 29 4.30 8.03 0.51
CA GLU A 29 5.38 7.41 -0.25
C GLU A 29 6.03 6.28 0.56
N LEU A 30 7.23 5.88 0.16
CA LEU A 30 7.92 4.75 0.80
C LEU A 30 8.23 5.06 2.26
N ARG A 31 7.65 4.27 3.15
CA ARG A 31 7.95 4.34 4.57
C ARG A 31 8.58 3.03 5.01
N SER A 32 9.74 3.10 5.64
CA SER A 32 10.52 1.92 5.99
C SER A 32 9.83 1.08 7.07
N TYR A 33 10.11 -0.22 7.07
CA TYR A 33 9.45 -1.16 7.98
C TYR A 33 10.00 -1.07 9.40
N GLN A 34 10.04 0.14 9.96
CA GLN A 34 10.53 0.36 11.31
C GLN A 34 9.75 1.49 12.02
N ASP A 35 9.54 2.59 11.30
CA ASP A 35 8.93 3.80 11.87
C ASP A 35 7.56 3.52 12.50
N PRO A 36 7.31 4.12 13.67
CA PRO A 36 6.07 3.94 14.45
C PRO A 36 4.78 4.23 13.67
N SER A 37 4.86 5.08 12.64
CA SER A 37 3.69 5.40 11.85
C SER A 37 3.39 4.24 10.91
N ASN A 38 4.46 3.59 10.49
CA ASN A 38 4.37 2.53 9.50
C ASN A 38 3.97 1.23 10.16
N ALA A 39 4.37 1.07 11.41
CA ALA A 39 3.99 -0.10 12.20
C ALA A 39 2.47 -0.20 12.33
N GLN A 40 1.81 0.96 12.32
CA GLN A 40 0.36 1.03 12.40
C GLN A 40 -0.27 0.31 11.21
N PHE A 41 0.15 0.66 10.00
CA PHE A 41 -0.32 -0.03 8.81
C PHE A 41 -0.02 -1.50 8.94
N LEU A 42 1.27 -1.79 9.06
CA LEU A 42 1.78 -3.15 9.13
C LEU A 42 0.94 -4.06 9.98
N GLU A 43 0.84 -3.72 11.26
CA GLU A 43 0.12 -4.55 12.22
C GLU A 43 -1.37 -4.64 11.88
N SER A 44 -1.98 -3.54 11.47
CA SER A 44 -3.39 -3.57 11.10
C SER A 44 -3.58 -4.44 9.87
N ILE A 45 -2.69 -4.28 8.90
CA ILE A 45 -2.76 -5.02 7.65
C ILE A 45 -2.39 -6.49 7.90
N ARG A 46 -1.64 -6.70 8.97
CA ARG A 46 -1.29 -8.04 9.44
C ARG A 46 -2.52 -8.76 9.97
N ARG A 47 -3.28 -8.08 10.81
CA ARG A 47 -4.52 -8.64 11.36
C ARG A 47 -5.57 -8.78 10.26
N GLY A 48 -5.45 -7.95 9.23
CA GLY A 48 -6.39 -7.97 8.14
C GLY A 48 -7.32 -6.77 8.18
N GLU A 49 -7.02 -5.84 9.08
CA GLU A 49 -7.82 -4.64 9.27
C GLU A 49 -7.40 -3.54 8.31
N VAL A 50 -8.23 -2.52 8.23
CA VAL A 50 -7.98 -1.41 7.32
C VAL A 50 -7.30 -0.26 8.05
N PRO A 51 -6.14 0.19 7.54
CA PRO A 51 -5.42 1.34 8.08
C PRO A 51 -6.27 2.62 8.02
N ALA A 52 -6.16 3.42 9.09
CA ALA A 52 -7.04 4.57 9.26
C ALA A 52 -6.73 5.67 8.26
N GLU A 53 -5.52 5.66 7.72
CA GLU A 53 -5.08 6.65 6.75
C GLU A 53 -5.98 6.64 5.53
N LEU A 54 -6.38 5.43 5.12
CA LEU A 54 -7.19 5.25 3.93
C LEU A 54 -8.67 5.34 4.28
N ARG A 55 -8.98 4.86 5.48
CA ARG A 55 -10.34 4.90 5.98
C ARG A 55 -10.73 6.33 6.33
N ARG A 56 -9.76 7.15 6.71
CA ARG A 56 -9.95 8.58 6.82
C ARG A 56 -9.70 9.29 5.49
N LEU A 57 -10.13 8.65 4.41
CA LEU A 57 -10.14 9.26 3.09
C LEU A 57 -11.50 8.98 2.45
N ALA A 58 -11.81 7.70 2.32
CA ALA A 58 -13.16 7.28 1.96
C ALA A 58 -14.01 7.27 3.22
N HIS A 59 -15.33 7.32 3.05
CA HIS A 59 -16.25 7.38 4.21
C HIS A 59 -16.32 6.04 4.96
N GLY A 60 -15.21 5.34 5.03
CA GLY A 60 -15.21 4.00 5.57
C GLY A 60 -15.82 3.02 4.60
N GLY A 61 -15.95 3.44 3.35
CA GLY A 61 -16.53 2.61 2.33
C GLY A 61 -15.55 2.27 1.24
N GLN A 62 -15.80 1.15 0.55
CA GLN A 62 -14.87 0.48 -0.35
C GLN A 62 -13.43 0.97 -0.18
N VAL A 63 -12.93 0.83 1.03
CA VAL A 63 -11.59 1.25 1.38
C VAL A 63 -10.66 0.04 1.35
N ASN A 64 -9.84 -0.07 0.31
CA ASN A 64 -9.00 -1.23 0.15
C ASN A 64 -7.62 -0.86 -0.38
N LEU A 65 -6.69 -1.79 -0.26
CA LEU A 65 -5.35 -1.62 -0.76
C LEU A 65 -4.96 -2.84 -1.59
N ASP A 66 -3.93 -2.68 -2.40
CA ASP A 66 -3.35 -3.81 -3.12
C ASP A 66 -1.87 -3.85 -2.87
N MET A 67 -1.30 -5.06 -2.83
CA MET A 67 0.10 -5.22 -2.47
C MET A 67 0.92 -5.70 -3.66
N GLU A 68 1.95 -4.93 -3.99
CA GLU A 68 2.89 -5.29 -5.04
C GLU A 68 4.23 -5.65 -4.42
N ASP A 69 5.06 -6.35 -5.17
CA ASP A 69 6.43 -6.64 -4.74
C ASP A 69 7.41 -5.90 -5.62
N HIS A 70 8.22 -5.06 -5.02
CA HIS A 70 9.28 -4.34 -5.72
C HIS A 70 10.47 -4.19 -4.80
N ARG A 71 10.76 -5.25 -4.05
CA ARG A 71 11.84 -5.23 -3.07
C ARG A 71 13.19 -5.04 -3.74
N ASP A 72 13.47 -5.87 -4.74
CA ASP A 72 14.72 -5.81 -5.49
C ASP A 72 14.62 -4.73 -6.57
N GLU A 73 13.63 -3.87 -6.40
CA GLU A 73 13.35 -2.80 -7.35
C GLU A 73 13.69 -1.44 -6.76
N ASP A 74 13.60 -1.36 -5.44
CA ASP A 74 13.75 -0.12 -4.67
C ASP A 74 12.63 0.86 -5.04
N PHE A 75 12.60 2.01 -4.39
CA PHE A 75 11.46 2.92 -4.47
C PHE A 75 11.21 3.46 -5.88
N VAL A 76 10.06 3.08 -6.41
CA VAL A 76 9.56 3.57 -7.68
C VAL A 76 8.04 3.57 -7.67
N LYS A 77 7.45 4.24 -6.68
CA LYS A 77 6.00 4.27 -6.57
C LYS A 77 5.42 5.20 -7.63
N PRO A 78 4.08 5.32 -7.70
CA PRO A 78 3.40 6.25 -8.61
C PRO A 78 3.65 7.72 -8.25
N LYS A 79 4.94 8.09 -8.13
CA LYS A 79 5.35 9.47 -7.92
C LYS A 79 6.27 9.92 -9.06
N GLY A 80 7.43 9.29 -9.16
CA GLY A 80 8.39 9.68 -10.17
C GLY A 80 8.41 8.68 -11.31
N ALA A 81 7.24 8.21 -11.67
CA ALA A 81 7.10 7.18 -12.69
C ALA A 81 5.68 7.15 -13.21
N PHE A 82 4.72 7.08 -12.29
CA PHE A 82 3.31 7.01 -12.64
C PHE A 82 3.04 5.87 -13.63
N LYS A 83 3.48 4.69 -13.26
CA LYS A 83 3.28 3.52 -14.10
C LYS A 83 3.44 2.24 -13.29
N ALA A 84 2.45 1.37 -13.36
CA ALA A 84 2.51 0.07 -12.72
C ALA A 84 2.51 -1.02 -13.78
N PHE A 85 3.55 -1.00 -14.61
CA PHE A 85 3.66 -1.93 -15.73
C PHE A 85 3.98 -3.34 -15.26
N THR A 86 4.56 -3.45 -14.07
CA THR A 86 4.80 -4.75 -13.47
C THR A 86 3.82 -4.97 -12.32
N GLY A 87 2.68 -5.57 -12.64
CA GLY A 87 1.63 -5.73 -11.66
C GLY A 87 1.60 -7.11 -11.04
N GLU A 88 0.41 -7.57 -10.70
CA GLU A 88 0.21 -8.85 -10.02
C GLU A 88 0.97 -10.00 -10.71
N GLY A 89 1.73 -10.74 -9.93
CA GLY A 89 2.50 -11.85 -10.47
C GLY A 89 3.98 -11.52 -10.54
N GLN A 90 4.46 -10.81 -9.53
CA GLN A 90 5.85 -10.37 -9.49
C GLN A 90 6.76 -11.44 -8.90
N LYS A 91 7.36 -12.22 -9.80
CA LYS A 91 8.32 -13.27 -9.44
C LYS A 91 7.69 -14.33 -8.55
N LEU A 92 6.40 -14.56 -8.71
CA LEU A 92 5.71 -15.58 -7.94
C LEU A 92 5.65 -16.89 -8.73
N GLY A 93 6.74 -17.63 -8.67
CA GLY A 93 6.81 -18.89 -9.38
C GLY A 93 8.22 -19.24 -9.78
N SER A 94 8.36 -20.32 -10.55
CA SER A 94 9.66 -20.80 -11.04
C SER A 94 10.54 -21.32 -9.91
N THR A 95 9.98 -21.39 -8.70
CA THR A 95 10.69 -21.87 -7.52
C THR A 95 11.93 -21.01 -7.21
N ALA A 96 11.75 -20.05 -6.32
CA ALA A 96 12.86 -19.20 -5.90
C ALA A 96 13.08 -19.30 -4.40
N PRO A 97 13.86 -20.30 -3.95
CA PRO A 97 14.15 -20.52 -2.53
C PRO A 97 15.04 -19.42 -1.96
N GLN A 98 16.27 -19.36 -2.47
CA GLN A 98 17.23 -18.34 -2.07
C GLN A 98 17.95 -17.80 -3.29
N VAL A 99 17.79 -16.51 -3.54
CA VAL A 99 18.43 -15.87 -4.69
C VAL A 99 19.90 -15.59 -4.38
N LEU A 100 20.70 -16.63 -4.47
CA LEU A 100 22.13 -16.56 -4.21
C LEU A 100 22.79 -17.79 -4.80
N SER A 101 22.44 -18.96 -4.26
CA SER A 101 22.94 -20.22 -4.78
C SER A 101 22.16 -20.60 -6.04
N THR A 102 20.85 -20.69 -5.89
CA THR A 102 19.96 -21.04 -6.99
C THR A 102 20.34 -22.41 -7.58
N GLY A 1 2.81 -5.15 -19.32
CA GLY A 1 2.94 -3.68 -19.40
C GLY A 1 3.60 -3.11 -18.15
N SER A 2 3.18 -1.92 -17.76
CA SER A 2 3.73 -1.28 -16.57
C SER A 2 2.81 -1.50 -15.38
N GLU A 3 1.79 -2.34 -15.58
CA GLU A 3 0.84 -2.71 -14.54
C GLU A 3 -0.08 -1.56 -14.16
N LYS A 4 0.44 -0.61 -13.40
CA LYS A 4 -0.37 0.50 -12.91
C LYS A 4 -0.20 1.73 -13.80
N ARG A 5 0.01 1.51 -15.10
CA ARG A 5 0.20 2.59 -16.05
C ARG A 5 -1.03 3.49 -16.11
N GLN A 6 -2.18 2.89 -16.43
CA GLN A 6 -3.42 3.63 -16.53
C GLN A 6 -4.15 3.63 -15.20
N HIS A 7 -4.34 4.81 -14.65
CA HIS A 7 -5.02 4.96 -13.37
C HIS A 7 -5.80 6.26 -13.34
N SER A 8 -6.32 6.60 -12.17
CA SER A 8 -7.04 7.87 -11.94
C SER A 8 -8.44 7.83 -12.57
N SER A 9 -8.49 7.59 -13.87
CA SER A 9 -9.76 7.53 -14.58
C SER A 9 -10.04 6.11 -15.05
N GLN A 10 -9.06 5.24 -14.88
CA GLN A 10 -9.15 3.86 -15.33
C GLN A 10 -8.70 2.90 -14.25
N ASP A 11 -9.34 3.01 -13.09
CA ASP A 11 -9.10 2.10 -11.96
C ASP A 11 -7.81 2.41 -11.23
N VAL A 12 -7.78 2.08 -9.96
CA VAL A 12 -6.56 2.14 -9.17
C VAL A 12 -6.65 1.16 -8.00
N HIS A 13 -5.70 0.26 -7.95
CA HIS A 13 -5.55 -0.61 -6.80
C HIS A 13 -4.37 -0.13 -5.99
N VAL A 14 -4.64 0.32 -4.77
CA VAL A 14 -3.62 0.95 -3.96
C VAL A 14 -3.09 -0.01 -2.91
N VAL A 15 -1.77 -0.16 -2.91
CA VAL A 15 -1.09 -1.05 -2.00
C VAL A 15 -1.06 -0.49 -0.60
N LEU A 16 -1.53 -1.29 0.34
CA LEU A 16 -1.43 -0.95 1.73
C LEU A 16 -0.98 -2.17 2.51
N LYS A 17 0.20 -2.09 3.09
CA LYS A 17 0.76 -3.21 3.82
C LYS A 17 0.67 -2.94 5.33
N LEU A 18 0.38 -4.00 6.07
CA LEU A 18 0.16 -3.91 7.51
C LEU A 18 1.42 -4.36 8.24
N TRP A 19 1.92 -3.50 9.12
CA TRP A 19 3.14 -3.77 9.85
C TRP A 19 2.88 -3.86 11.35
N LYS A 20 3.94 -3.98 12.13
CA LYS A 20 3.79 -4.06 13.58
C LYS A 20 3.50 -2.69 14.20
N SER A 21 3.95 -1.64 13.53
CA SER A 21 3.79 -0.30 14.05
C SER A 21 2.65 0.42 13.35
N GLY A 22 2.58 0.30 12.04
CA GLY A 22 1.56 0.97 11.28
C GLY A 22 1.34 0.35 9.93
N PHE A 23 0.98 1.19 8.97
CA PHE A 23 0.71 0.72 7.61
C PHE A 23 1.40 1.62 6.60
N SER A 24 1.75 1.06 5.46
CA SER A 24 2.30 1.85 4.38
C SER A 24 1.45 1.67 3.14
N LEU A 25 1.48 2.67 2.32
CA LEU A 25 0.55 2.79 1.22
C LEU A 25 1.22 3.53 0.09
N ASP A 26 0.57 3.62 -1.07
CA ASP A 26 1.18 4.32 -2.20
C ASP A 26 1.38 5.79 -1.85
N ASN A 27 0.57 6.26 -0.92
CA ASN A 27 0.52 7.67 -0.55
C ASN A 27 1.65 8.04 0.43
N GLY A 28 2.24 7.04 1.06
CA GLY A 28 3.28 7.29 2.04
C GLY A 28 3.86 6.03 2.62
N GLU A 29 4.99 6.15 3.30
CA GLU A 29 5.65 5.00 3.88
C GLU A 29 4.95 4.51 5.14
N LEU A 30 5.65 3.70 5.93
CA LEU A 30 5.07 3.07 7.11
C LEU A 30 4.64 4.13 8.13
N ARG A 31 3.33 4.26 8.30
CA ARG A 31 2.74 5.18 9.26
C ARG A 31 2.08 4.42 10.40
N SER A 32 2.59 4.63 11.61
CA SER A 32 2.10 3.94 12.82
C SER A 32 0.59 4.14 13.04
N TYR A 33 -0.04 3.10 13.60
CA TYR A 33 -1.48 3.09 13.86
C TYR A 33 -1.84 4.01 15.02
N GLN A 34 -0.84 4.47 15.74
CA GLN A 34 -1.05 5.33 16.89
C GLN A 34 -1.37 6.76 16.45
N ASP A 35 -0.85 7.13 15.29
CA ASP A 35 -1.00 8.48 14.76
C ASP A 35 -2.44 8.75 14.32
N PRO A 36 -3.00 9.90 14.75
CA PRO A 36 -4.41 10.25 14.50
C PRO A 36 -4.69 10.69 13.06
N SER A 37 -3.64 10.92 12.27
CA SER A 37 -3.82 11.30 10.88
C SER A 37 -3.99 10.04 10.05
N ASN A 38 -3.37 8.98 10.56
CA ASN A 38 -3.45 7.67 9.94
C ASN A 38 -4.76 7.00 10.33
N ALA A 39 -5.32 7.47 11.43
CA ALA A 39 -6.65 7.05 11.86
C ALA A 39 -7.69 7.34 10.78
N GLN A 40 -7.43 8.40 9.99
CA GLN A 40 -8.27 8.74 8.84
C GLN A 40 -8.42 7.54 7.92
N PHE A 41 -7.28 6.96 7.54
CA PHE A 41 -7.26 5.76 6.72
C PHE A 41 -7.97 4.64 7.45
N LEU A 42 -7.45 4.30 8.63
CA LEU A 42 -7.96 3.17 9.40
C LEU A 42 -9.48 3.16 9.46
N GLU A 43 -10.07 4.26 9.93
CA GLU A 43 -11.51 4.33 10.13
C GLU A 43 -12.26 4.29 8.79
N SER A 44 -11.84 5.13 7.83
CA SER A 44 -12.50 5.17 6.52
C SER A 44 -12.42 3.80 5.85
N ILE A 45 -11.28 3.15 5.97
CA ILE A 45 -11.07 1.84 5.39
C ILE A 45 -11.96 0.80 6.10
N ARG A 46 -12.06 0.92 7.43
CA ARG A 46 -12.94 0.05 8.22
C ARG A 46 -14.40 0.25 7.84
N ARG A 47 -14.80 1.51 7.64
CA ARG A 47 -16.17 1.84 7.25
C ARG A 47 -16.52 1.27 5.89
N GLY A 48 -15.51 0.92 5.11
CA GLY A 48 -15.72 0.46 3.76
C GLY A 48 -15.72 1.63 2.79
N GLU A 49 -15.26 2.78 3.26
CA GLU A 49 -15.20 3.97 2.45
C GLU A 49 -13.91 3.99 1.66
N VAL A 50 -13.79 4.96 0.78
CA VAL A 50 -12.54 5.23 0.09
C VAL A 50 -11.79 6.35 0.80
N PRO A 51 -10.61 6.05 1.35
CA PRO A 51 -9.76 7.05 2.00
C PRO A 51 -9.35 8.15 1.04
N ALA A 52 -9.47 9.40 1.49
CA ALA A 52 -9.30 10.58 0.64
C ALA A 52 -8.07 10.45 -0.26
N GLU A 53 -6.96 10.05 0.34
CA GLU A 53 -5.66 9.99 -0.35
C GLU A 53 -5.72 9.14 -1.62
N LEU A 54 -6.51 8.08 -1.61
CA LEU A 54 -6.55 7.17 -2.74
C LEU A 54 -7.44 7.76 -3.82
N ARG A 55 -8.47 8.45 -3.36
CA ARG A 55 -9.37 9.17 -4.24
C ARG A 55 -8.69 10.46 -4.72
N ARG A 56 -7.61 10.85 -4.05
CA ARG A 56 -6.74 11.90 -4.54
C ARG A 56 -5.73 11.31 -5.51
N LEU A 57 -5.83 10.01 -5.75
CA LEU A 57 -5.00 9.35 -6.74
C LEU A 57 -5.87 9.10 -7.97
N ALA A 58 -6.97 8.38 -7.78
CA ALA A 58 -7.94 8.20 -8.84
C ALA A 58 -9.07 9.20 -8.70
N HIS A 59 -9.42 9.84 -9.80
CA HIS A 59 -10.33 10.97 -9.79
C HIS A 59 -11.77 10.53 -9.61
N GLY A 60 -12.10 10.05 -8.42
CA GLY A 60 -13.46 9.59 -8.14
C GLY A 60 -13.87 8.45 -9.03
N GLY A 61 -12.96 7.51 -9.21
CA GLY A 61 -13.21 6.39 -10.08
C GLY A 61 -13.27 5.10 -9.32
N GLN A 62 -12.85 4.02 -9.95
CA GLN A 62 -12.67 2.76 -9.27
C GLN A 62 -11.47 2.85 -8.34
N VAL A 63 -11.67 3.50 -7.21
CA VAL A 63 -10.61 3.70 -6.25
C VAL A 63 -10.67 2.62 -5.18
N ASN A 64 -9.77 1.67 -5.26
CA ASN A 64 -9.74 0.57 -4.31
C ASN A 64 -8.36 0.39 -3.72
N LEU A 65 -8.30 -0.26 -2.57
CA LEU A 65 -7.03 -0.52 -1.91
C LEU A 65 -6.97 -1.99 -1.51
N ASP A 66 -5.76 -2.50 -1.37
CA ASP A 66 -5.57 -3.86 -0.92
C ASP A 66 -4.67 -3.89 0.31
N MET A 67 -5.04 -4.68 1.29
CA MET A 67 -4.31 -4.72 2.54
C MET A 67 -3.54 -6.02 2.67
N GLU A 68 -2.23 -5.88 2.89
CA GLU A 68 -1.37 -7.04 3.08
C GLU A 68 -1.02 -7.18 4.54
N ASP A 69 -0.79 -8.41 4.98
CA ASP A 69 -0.41 -8.66 6.36
C ASP A 69 1.08 -9.01 6.42
N HIS A 70 1.85 -8.20 7.14
CA HIS A 70 3.28 -8.46 7.30
C HIS A 70 3.65 -8.39 8.78
N ARG A 71 3.32 -7.27 9.40
CA ARG A 71 3.49 -7.04 10.83
C ARG A 71 4.92 -7.28 11.32
N ASP A 72 5.20 -8.49 11.78
CA ASP A 72 6.52 -8.82 12.32
C ASP A 72 7.56 -8.96 11.22
N GLU A 73 7.09 -8.89 9.99
CA GLU A 73 7.98 -8.79 8.84
C GLU A 73 8.68 -7.44 8.84
N ASP A 74 8.02 -6.48 9.47
CA ASP A 74 8.48 -5.10 9.57
C ASP A 74 8.53 -4.42 8.20
N PHE A 75 8.93 -3.16 8.18
CA PHE A 75 8.79 -2.32 6.98
C PHE A 75 9.58 -2.84 5.78
N VAL A 76 8.82 -3.27 4.78
CA VAL A 76 9.35 -3.67 3.48
C VAL A 76 8.41 -3.19 2.38
N LYS A 77 8.49 -1.92 2.06
CA LYS A 77 7.57 -1.33 1.10
C LYS A 77 7.96 -1.69 -0.34
N PRO A 78 7.04 -1.45 -1.29
CA PRO A 78 7.25 -1.73 -2.72
C PRO A 78 8.38 -0.90 -3.30
N LYS A 79 8.80 0.10 -2.54
CA LYS A 79 9.88 0.99 -2.94
C LYS A 79 11.23 0.42 -2.57
N GLY A 80 11.22 -0.81 -2.05
CA GLY A 80 12.46 -1.46 -1.66
C GLY A 80 12.39 -2.97 -1.84
N ALA A 81 11.68 -3.41 -2.87
CA ALA A 81 11.56 -4.83 -3.15
C ALA A 81 11.30 -5.08 -4.63
N PHE A 82 10.02 -5.02 -5.02
CA PHE A 82 9.62 -5.22 -6.42
C PHE A 82 8.10 -5.06 -6.52
N LYS A 83 7.64 -4.37 -7.56
CA LYS A 83 6.22 -4.04 -7.76
C LYS A 83 5.53 -3.59 -6.48
N ALA A 84 4.92 -4.56 -5.82
CA ALA A 84 4.10 -4.39 -4.64
C ALA A 84 3.44 -5.71 -4.35
N PHE A 85 3.08 -6.39 -5.44
CA PHE A 85 2.41 -7.67 -5.39
C PHE A 85 3.39 -8.77 -4.98
N THR A 86 2.89 -9.73 -4.21
CA THR A 86 3.68 -10.87 -3.75
C THR A 86 4.19 -11.70 -4.92
N GLY A 87 5.48 -11.59 -5.19
CA GLY A 87 6.09 -12.39 -6.23
C GLY A 87 6.70 -13.65 -5.68
N GLU A 88 5.86 -14.70 -5.57
CA GLU A 88 6.24 -15.98 -4.95
C GLU A 88 6.34 -15.83 -3.43
N GLY A 89 7.08 -14.83 -3.00
CA GLY A 89 7.17 -14.52 -1.59
C GLY A 89 7.10 -13.03 -1.36
N GLN A 90 6.94 -12.62 -0.11
CA GLN A 90 6.88 -11.19 0.21
C GLN A 90 8.27 -10.58 0.12
N LYS A 91 9.08 -10.83 1.14
CA LYS A 91 10.49 -10.46 1.10
C LYS A 91 11.26 -11.29 2.12
N LEU A 92 11.06 -12.59 2.06
CA LEU A 92 11.74 -13.52 2.96
C LEU A 92 12.94 -14.13 2.26
N GLY A 93 13.14 -13.76 1.01
CA GLY A 93 14.23 -14.29 0.24
C GLY A 93 15.11 -13.21 -0.36
N SER A 94 16.36 -13.16 0.07
CA SER A 94 17.31 -12.20 -0.46
C SER A 94 17.98 -12.73 -1.72
N THR A 95 17.17 -13.31 -2.59
CA THR A 95 17.67 -13.91 -3.83
C THR A 95 17.77 -12.86 -4.93
N ALA A 96 18.60 -11.85 -4.70
CA ALA A 96 18.85 -10.79 -5.68
C ALA A 96 17.56 -10.14 -6.18
N PRO A 97 16.97 -9.24 -5.37
CA PRO A 97 15.73 -8.53 -5.72
C PRO A 97 15.98 -7.45 -6.77
N GLN A 98 15.36 -7.61 -7.94
CA GLN A 98 15.53 -6.67 -9.06
C GLN A 98 16.94 -6.76 -9.62
N VAL A 99 17.27 -5.86 -10.51
CA VAL A 99 18.61 -5.78 -11.07
C VAL A 99 19.29 -4.48 -10.64
N LEU A 100 18.71 -3.85 -9.63
CA LEU A 100 19.24 -2.61 -9.10
C LEU A 100 20.37 -2.88 -8.12
N SER A 101 21.56 -2.40 -8.45
CA SER A 101 22.78 -2.61 -7.67
C SER A 101 22.95 -4.08 -7.31
N THR A 102 22.66 -4.94 -8.27
CA THR A 102 22.72 -6.38 -8.06
C THR A 102 23.99 -6.95 -8.70
N GLY A 1 -30.48 15.90 -5.35
CA GLY A 1 -30.41 17.29 -4.81
C GLY A 1 -29.59 17.37 -3.54
N SER A 2 -29.89 16.51 -2.59
CA SER A 2 -29.22 16.53 -1.30
C SER A 2 -28.71 15.14 -0.93
N GLU A 3 -28.25 14.40 -1.93
CA GLU A 3 -27.77 13.05 -1.71
C GLU A 3 -26.42 12.84 -2.35
N LYS A 4 -26.41 12.57 -3.65
CA LYS A 4 -25.18 12.35 -4.38
C LYS A 4 -24.51 13.69 -4.66
N ARG A 5 -23.63 14.09 -3.76
CA ARG A 5 -23.00 15.40 -3.83
C ARG A 5 -21.66 15.32 -4.52
N GLN A 6 -20.61 15.10 -3.73
CA GLN A 6 -19.27 14.96 -4.26
C GLN A 6 -18.66 13.65 -3.81
N HIS A 7 -17.99 12.96 -4.73
CA HIS A 7 -17.34 11.71 -4.40
C HIS A 7 -15.83 11.88 -4.44
N SER A 8 -15.33 12.74 -3.58
CA SER A 8 -13.91 12.92 -3.38
C SER A 8 -13.48 12.17 -2.13
N SER A 9 -14.30 11.19 -1.74
CA SER A 9 -14.02 10.37 -0.59
C SER A 9 -12.78 9.53 -0.85
N GLN A 10 -12.75 8.87 -2.00
CA GLN A 10 -11.56 8.18 -2.50
C GLN A 10 -10.90 7.30 -1.43
N ASP A 11 -11.73 6.62 -0.67
CA ASP A 11 -11.25 5.65 0.31
C ASP A 11 -10.72 4.42 -0.43
N VAL A 12 -9.41 4.26 -0.44
CA VAL A 12 -8.77 3.30 -1.33
C VAL A 12 -7.59 2.60 -0.69
N HIS A 13 -7.28 1.41 -1.18
CA HIS A 13 -6.12 0.65 -0.73
C HIS A 13 -5.11 0.57 -1.88
N VAL A 14 -3.85 0.83 -1.57
CA VAL A 14 -2.79 0.76 -2.57
C VAL A 14 -2.00 -0.53 -2.37
N VAL A 15 -1.46 -1.05 -3.46
CA VAL A 15 -0.77 -2.34 -3.43
C VAL A 15 0.71 -2.17 -3.12
N LEU A 16 1.17 -2.90 -2.14
CA LEU A 16 2.59 -3.00 -1.88
C LEU A 16 3.02 -4.45 -2.02
N LYS A 17 3.84 -4.71 -3.00
CA LYS A 17 4.38 -6.04 -3.19
C LYS A 17 5.83 -6.07 -2.72
N LEU A 18 6.24 -7.22 -2.21
CA LEU A 18 7.59 -7.40 -1.73
C LEU A 18 8.38 -8.07 -2.83
N TRP A 19 9.61 -7.64 -3.01
CA TRP A 19 10.47 -8.18 -4.03
C TRP A 19 11.81 -8.57 -3.42
N LYS A 20 12.67 -9.21 -4.18
CA LYS A 20 13.96 -9.65 -3.66
C LYS A 20 14.84 -8.48 -3.22
N SER A 21 14.74 -7.37 -3.92
CA SER A 21 15.61 -6.23 -3.64
C SER A 21 14.80 -5.03 -3.15
N GLY A 22 13.49 -5.04 -3.38
CA GLY A 22 12.70 -3.87 -3.05
C GLY A 22 11.22 -4.15 -2.87
N PHE A 23 10.42 -3.10 -3.04
CA PHE A 23 8.98 -3.18 -2.83
C PHE A 23 8.27 -2.23 -3.79
N SER A 24 7.13 -2.66 -4.32
CA SER A 24 6.35 -1.84 -5.24
C SER A 24 5.04 -1.44 -4.59
N LEU A 25 4.81 -0.15 -4.57
CA LEU A 25 3.62 0.42 -3.96
C LEU A 25 2.76 1.10 -5.01
N ASP A 26 2.60 0.42 -6.15
CA ASP A 26 1.90 0.94 -7.32
C ASP A 26 2.55 2.22 -7.89
N ASN A 27 2.51 3.29 -7.11
CA ASN A 27 2.89 4.63 -7.53
C ASN A 27 4.28 4.70 -8.16
N GLY A 28 5.25 4.03 -7.56
CA GLY A 28 6.63 4.16 -8.02
C GLY A 28 7.28 2.84 -8.34
N GLU A 29 6.47 1.86 -8.68
CA GLU A 29 6.92 0.52 -9.04
C GLU A 29 7.90 -0.07 -7.99
N LEU A 30 8.75 -0.99 -8.43
CA LEU A 30 9.66 -1.71 -7.54
C LEU A 30 10.79 -0.78 -7.09
N ARG A 31 10.78 -0.48 -5.80
CA ARG A 31 11.82 0.35 -5.20
C ARG A 31 12.62 -0.47 -4.20
N SER A 32 13.92 -0.59 -4.44
CA SER A 32 14.80 -1.37 -3.58
C SER A 32 14.81 -0.83 -2.15
N TYR A 33 14.89 -1.76 -1.19
CA TYR A 33 14.84 -1.42 0.24
C TYR A 33 16.04 -0.57 0.64
N GLN A 34 17.11 -0.65 -0.14
CA GLN A 34 18.37 0.00 0.19
C GLN A 34 18.35 1.47 -0.18
N ASP A 35 17.60 1.81 -1.23
CA ASP A 35 17.52 3.18 -1.72
C ASP A 35 16.86 4.09 -0.69
N PRO A 36 17.58 5.16 -0.28
CA PRO A 36 17.15 6.05 0.81
C PRO A 36 15.82 6.74 0.56
N SER A 37 15.43 6.85 -0.69
CA SER A 37 14.20 7.54 -1.05
C SER A 37 13.00 6.67 -0.68
N ASN A 38 13.27 5.38 -0.63
CA ASN A 38 12.24 4.38 -0.40
C ASN A 38 12.15 4.06 1.09
N ALA A 39 13.17 4.44 1.84
CA ALA A 39 13.18 4.24 3.28
C ALA A 39 12.04 4.99 3.93
N GLN A 40 11.66 6.12 3.32
CA GLN A 40 10.51 6.90 3.75
C GLN A 40 9.26 6.00 3.81
N PHE A 41 8.97 5.35 2.69
CA PHE A 41 7.83 4.43 2.62
C PHE A 41 7.99 3.34 3.67
N LEU A 42 9.09 2.60 3.54
CA LEU A 42 9.41 1.48 4.40
C LEU A 42 9.04 1.75 5.85
N GLU A 43 9.72 2.70 6.46
CA GLU A 43 9.57 2.96 7.88
C GLU A 43 8.18 3.51 8.21
N SER A 44 7.66 4.44 7.41
CA SER A 44 6.35 5.00 7.69
C SER A 44 5.30 3.90 7.68
N ILE A 45 5.41 2.99 6.71
CA ILE A 45 4.45 1.91 6.58
C ILE A 45 4.66 0.88 7.70
N ARG A 46 5.88 0.83 8.21
CA ARG A 46 6.22 -0.02 9.36
C ARG A 46 5.70 0.58 10.66
N ARG A 47 5.71 1.92 10.75
CA ARG A 47 5.20 2.62 11.93
C ARG A 47 3.69 2.58 11.99
N GLY A 48 3.07 2.19 10.88
CA GLY A 48 1.62 2.22 10.79
C GLY A 48 1.13 3.58 10.34
N GLU A 49 2.01 4.32 9.69
CA GLU A 49 1.69 5.64 9.19
C GLU A 49 1.59 5.61 7.67
N VAL A 50 1.06 6.67 7.10
CA VAL A 50 0.82 6.71 5.68
C VAL A 50 1.83 7.59 4.94
N PRO A 51 2.42 7.08 3.85
CA PRO A 51 3.32 7.84 3.00
C PRO A 51 2.57 8.91 2.20
N ALA A 52 3.22 10.06 2.01
CA ALA A 52 2.60 11.21 1.37
C ALA A 52 2.25 10.91 -0.09
N GLU A 53 2.96 9.95 -0.67
CA GLU A 53 2.68 9.51 -2.04
C GLU A 53 1.23 9.04 -2.17
N LEU A 54 0.75 8.36 -1.14
CA LEU A 54 -0.59 7.80 -1.16
C LEU A 54 -1.58 8.86 -0.70
N ARG A 55 -1.15 9.69 0.23
CA ARG A 55 -1.97 10.79 0.72
C ARG A 55 -2.20 11.84 -0.37
N ARG A 56 -1.19 12.08 -1.20
CA ARG A 56 -1.36 12.91 -2.37
C ARG A 56 -1.88 12.09 -3.53
N LEU A 57 -2.82 11.20 -3.21
CA LEU A 57 -3.49 10.38 -4.19
C LEU A 57 -4.91 10.13 -3.71
N ALA A 58 -5.01 9.62 -2.48
CA ALA A 58 -6.29 9.36 -1.86
C ALA A 58 -6.72 10.54 -1.00
N HIS A 59 -8.03 10.73 -0.91
CA HIS A 59 -8.61 11.72 -0.05
C HIS A 59 -9.49 11.00 0.96
N GLY A 60 -10.35 11.73 1.67
CA GLY A 60 -11.24 11.09 2.61
C GLY A 60 -10.50 10.70 3.88
N GLY A 61 -9.58 9.76 3.75
CA GLY A 61 -8.77 9.37 4.88
C GLY A 61 -8.41 7.92 4.88
N GLN A 62 -9.24 7.08 4.30
CA GLN A 62 -8.95 5.67 4.23
C GLN A 62 -7.98 5.39 3.10
N VAL A 63 -6.84 6.05 3.16
CA VAL A 63 -5.74 5.74 2.27
C VAL A 63 -4.88 4.69 2.96
N ASN A 64 -5.03 3.46 2.53
CA ASN A 64 -4.35 2.37 3.20
C ASN A 64 -3.62 1.51 2.18
N LEU A 65 -2.75 0.65 2.67
CA LEU A 65 -1.90 -0.13 1.81
C LEU A 65 -2.01 -1.62 2.12
N ASP A 66 -2.15 -2.43 1.08
CA ASP A 66 -2.19 -3.88 1.21
C ASP A 66 -0.88 -4.47 0.77
N MET A 67 -0.49 -5.61 1.33
CA MET A 67 0.81 -6.19 1.04
C MET A 67 0.70 -7.53 0.34
N GLU A 68 1.52 -7.69 -0.70
CA GLU A 68 1.72 -8.97 -1.36
C GLU A 68 3.19 -9.32 -1.29
N ASP A 69 3.49 -10.56 -0.98
CA ASP A 69 4.88 -10.97 -0.84
C ASP A 69 5.32 -11.80 -2.04
N HIS A 70 6.20 -11.23 -2.86
CA HIS A 70 6.72 -11.91 -4.05
C HIS A 70 8.22 -11.70 -4.14
N ARG A 71 8.90 -11.87 -3.03
CA ARG A 71 10.31 -11.53 -2.95
C ARG A 71 11.17 -12.41 -3.83
N ASP A 72 10.93 -13.71 -3.81
CA ASP A 72 11.69 -14.61 -4.67
C ASP A 72 10.99 -14.76 -6.03
N GLU A 73 10.15 -13.77 -6.35
CA GLU A 73 9.36 -13.78 -7.58
C GLU A 73 9.76 -12.66 -8.53
N ASP A 74 10.52 -11.69 -8.01
CA ASP A 74 10.90 -10.44 -8.70
C ASP A 74 9.70 -9.69 -9.28
N PHE A 75 9.96 -8.51 -9.83
CA PHE A 75 8.91 -7.51 -10.10
C PHE A 75 7.80 -8.02 -11.03
N VAL A 76 6.63 -8.19 -10.44
CA VAL A 76 5.40 -8.49 -11.15
C VAL A 76 4.28 -7.59 -10.62
N LYS A 77 4.08 -6.48 -11.30
CA LYS A 77 3.24 -5.41 -10.78
C LYS A 77 1.78 -5.59 -11.16
N PRO A 78 0.85 -4.88 -10.47
CA PRO A 78 -0.58 -4.98 -10.75
C PRO A 78 -0.93 -4.17 -11.99
N LYS A 79 -0.05 -3.25 -12.32
CA LYS A 79 -0.16 -2.45 -13.51
C LYS A 79 0.47 -3.17 -14.69
N GLY A 80 -0.28 -4.11 -15.24
CA GLY A 80 0.21 -4.93 -16.33
C GLY A 80 -0.20 -6.37 -16.17
N ALA A 81 0.26 -7.01 -15.10
CA ALA A 81 -0.08 -8.41 -14.84
C ALA A 81 -1.48 -8.51 -14.24
N PHE A 82 -1.71 -7.74 -13.17
CA PHE A 82 -3.05 -7.55 -12.59
C PHE A 82 -3.57 -8.81 -11.86
N LYS A 83 -2.87 -9.93 -12.01
CA LYS A 83 -3.34 -11.20 -11.44
C LYS A 83 -3.37 -11.17 -9.91
N ALA A 84 -2.51 -10.34 -9.31
CA ALA A 84 -2.47 -10.15 -7.86
C ALA A 84 -2.13 -11.46 -7.12
N PHE A 85 -2.36 -11.46 -5.81
CA PHE A 85 -2.17 -12.64 -4.98
C PHE A 85 -2.81 -12.42 -3.62
N THR A 86 -3.76 -13.27 -3.28
CA THR A 86 -4.46 -13.15 -2.01
C THR A 86 -3.76 -13.94 -0.91
N GLY A 87 -3.67 -15.26 -1.08
CA GLY A 87 -2.96 -16.10 -0.13
C GLY A 87 -3.51 -16.01 1.28
N GLU A 88 -4.72 -16.57 1.48
CA GLU A 88 -5.41 -16.57 2.78
C GLU A 88 -5.96 -15.18 3.12
N GLY A 89 -5.15 -14.16 2.87
CA GLY A 89 -5.53 -12.79 3.17
C GLY A 89 -4.35 -11.87 3.06
N GLN A 90 -3.20 -12.37 3.52
CA GLN A 90 -1.92 -11.69 3.35
C GLN A 90 -1.95 -10.28 3.93
N LYS A 91 -2.12 -10.21 5.25
CA LYS A 91 -2.02 -8.95 5.98
C LYS A 91 -1.97 -9.25 7.47
N LEU A 92 -2.86 -10.15 7.91
CA LEU A 92 -2.83 -10.69 9.27
C LEU A 92 -2.64 -9.60 10.32
N GLY A 93 -3.43 -8.54 10.21
CA GLY A 93 -3.31 -7.43 11.12
C GLY A 93 -4.35 -6.38 10.85
N SER A 94 -3.90 -5.13 10.74
CA SER A 94 -4.80 -3.99 10.55
C SER A 94 -5.81 -3.93 11.68
N THR A 95 -5.33 -4.17 12.89
CA THR A 95 -6.17 -4.24 14.07
C THR A 95 -6.63 -2.85 14.51
N ALA A 96 -7.93 -2.60 14.36
CA ALA A 96 -8.54 -1.37 14.84
C ALA A 96 -9.92 -1.65 15.43
N PRO A 97 -10.00 -2.52 16.45
CA PRO A 97 -11.25 -2.92 17.06
C PRO A 97 -11.62 -2.03 18.24
N GLN A 98 -12.48 -2.52 19.11
CA GLN A 98 -12.90 -1.74 20.26
C GLN A 98 -12.52 -2.44 21.56
N VAL A 99 -11.28 -2.25 21.97
CA VAL A 99 -10.83 -2.70 23.27
C VAL A 99 -11.14 -1.62 24.30
N LEU A 100 -10.59 -0.44 24.05
CA LEU A 100 -10.86 0.75 24.84
C LEU A 100 -10.15 1.93 24.21
N SER A 101 -8.84 1.96 24.36
CA SER A 101 -8.01 2.97 23.72
C SER A 101 -7.36 2.39 22.48
N THR A 102 -8.09 2.41 21.38
CA THR A 102 -7.63 1.81 20.14
C THR A 102 -7.95 2.70 18.96
N GLY A 1 15.82 -7.06 -6.41
CA GLY A 1 16.05 -8.44 -6.91
C GLY A 1 17.28 -9.07 -6.29
N SER A 2 18.44 -8.69 -6.80
CA SER A 2 19.71 -9.21 -6.30
C SER A 2 20.73 -8.08 -6.20
N GLU A 3 21.26 -7.88 -5.00
CA GLU A 3 22.18 -6.78 -4.73
C GLU A 3 22.75 -6.91 -3.32
N LYS A 4 21.88 -7.27 -2.38
CA LYS A 4 22.31 -7.54 -1.02
C LYS A 4 22.59 -9.03 -0.90
N ARG A 5 23.86 -9.39 -0.70
CA ARG A 5 24.33 -10.78 -0.77
C ARG A 5 23.41 -11.75 -0.04
N GLN A 6 23.40 -11.68 1.29
CA GLN A 6 22.54 -12.58 2.06
C GLN A 6 21.38 -11.79 2.63
N HIS A 7 21.42 -10.48 2.45
CA HIS A 7 20.35 -9.60 2.91
C HIS A 7 19.26 -9.49 1.86
N SER A 8 19.07 -10.58 1.12
CA SER A 8 17.99 -10.66 0.14
C SER A 8 16.66 -10.89 0.84
N SER A 9 16.29 -9.90 1.64
CA SER A 9 15.07 -9.95 2.42
C SER A 9 14.53 -8.53 2.47
N GLN A 10 14.34 -7.96 1.29
CA GLN A 10 13.86 -6.58 1.14
C GLN A 10 12.56 -6.40 1.91
N ASP A 11 11.71 -7.43 1.84
CA ASP A 11 10.49 -7.56 2.65
C ASP A 11 9.76 -6.23 2.81
N VAL A 12 8.85 -5.97 1.88
CA VAL A 12 8.27 -4.65 1.77
C VAL A 12 6.97 -4.53 2.57
N HIS A 13 6.84 -3.41 3.25
CA HIS A 13 5.58 -2.99 3.82
C HIS A 13 5.11 -1.77 3.05
N VAL A 14 4.13 -1.95 2.20
CA VAL A 14 3.73 -0.89 1.29
C VAL A 14 2.45 -0.21 1.75
N VAL A 15 2.46 1.11 1.72
CA VAL A 15 1.31 1.90 2.08
C VAL A 15 0.46 2.18 0.87
N LEU A 16 -0.79 1.76 0.95
CA LEU A 16 -1.75 2.02 -0.08
C LEU A 16 -2.78 2.99 0.43
N LYS A 17 -3.07 4.01 -0.36
CA LYS A 17 -4.07 4.98 0.02
C LYS A 17 -5.19 4.99 -1.01
N LEU A 18 -6.40 5.19 -0.55
CA LEU A 18 -7.56 5.20 -1.40
C LEU A 18 -7.93 6.63 -1.70
N TRP A 19 -8.35 6.90 -2.92
CA TRP A 19 -8.62 8.25 -3.36
C TRP A 19 -9.99 8.33 -4.01
N LYS A 20 -10.31 9.49 -4.57
CA LYS A 20 -11.56 9.66 -5.27
C LYS A 20 -11.51 8.97 -6.64
N SER A 21 -10.36 9.03 -7.30
CA SER A 21 -10.19 8.41 -8.59
C SER A 21 -9.76 6.95 -8.46
N GLY A 22 -8.78 6.70 -7.60
CA GLY A 22 -8.26 5.36 -7.47
C GLY A 22 -7.46 5.18 -6.20
N PHE A 23 -6.27 4.60 -6.33
CA PHE A 23 -5.44 4.31 -5.17
C PHE A 23 -3.97 4.47 -5.53
N SER A 24 -3.14 4.72 -4.54
CA SER A 24 -1.70 4.84 -4.78
C SER A 24 -0.93 3.89 -3.87
N LEU A 25 0.16 3.36 -4.39
CA LEU A 25 1.00 2.44 -3.64
C LEU A 25 2.37 3.09 -3.40
N ASP A 26 3.36 2.29 -3.09
CA ASP A 26 4.73 2.80 -2.93
C ASP A 26 5.41 2.83 -4.30
N ASN A 27 5.01 1.91 -5.15
CA ASN A 27 5.61 1.74 -6.47
C ASN A 27 5.10 2.80 -7.45
N GLY A 28 3.90 3.30 -7.20
CA GLY A 28 3.26 4.18 -8.16
C GLY A 28 2.30 5.15 -7.53
N GLU A 29 1.88 6.13 -8.31
CA GLU A 29 1.00 7.17 -7.85
C GLU A 29 -0.47 6.71 -7.84
N LEU A 30 -1.37 7.67 -7.73
CA LEU A 30 -2.80 7.41 -7.77
C LEU A 30 -3.18 6.84 -9.14
N ARG A 31 -3.64 5.59 -9.15
CA ARG A 31 -4.21 4.99 -10.35
C ARG A 31 -5.71 4.86 -10.18
N SER A 32 -6.48 5.36 -11.12
CA SER A 32 -7.94 5.37 -11.01
C SER A 32 -8.51 3.97 -11.21
N TYR A 33 -9.47 3.61 -10.36
CA TYR A 33 -9.96 2.23 -10.23
C TYR A 33 -10.40 1.61 -11.57
N GLN A 34 -10.83 2.45 -12.51
CA GLN A 34 -11.31 1.96 -13.80
C GLN A 34 -10.18 1.44 -14.69
N ASP A 35 -9.00 2.01 -14.53
CA ASP A 35 -7.83 1.59 -15.32
C ASP A 35 -7.53 0.11 -15.11
N PRO A 36 -7.41 -0.65 -16.22
CA PRO A 36 -7.25 -2.11 -16.18
C PRO A 36 -5.88 -2.56 -15.67
N SER A 37 -4.96 -1.63 -15.42
CA SER A 37 -3.63 -1.99 -14.97
C SER A 37 -3.59 -2.05 -13.45
N ASN A 38 -4.35 -1.16 -12.81
CA ASN A 38 -4.44 -1.18 -11.35
C ASN A 38 -5.54 -2.13 -10.91
N ALA A 39 -6.41 -2.45 -11.83
CA ALA A 39 -7.42 -3.49 -11.61
C ALA A 39 -6.76 -4.77 -11.12
N GLN A 40 -5.53 -5.00 -11.58
CA GLN A 40 -4.71 -6.12 -11.11
C GLN A 40 -4.60 -6.10 -9.59
N PHE A 41 -4.17 -4.95 -9.05
CA PHE A 41 -4.03 -4.77 -7.60
C PHE A 41 -5.37 -5.06 -6.93
N LEU A 42 -6.36 -4.29 -7.34
CA LEU A 42 -7.71 -4.36 -6.79
C LEU A 42 -8.15 -5.79 -6.50
N GLU A 43 -8.29 -6.55 -7.57
CA GLU A 43 -8.79 -7.92 -7.49
C GLU A 43 -7.86 -8.82 -6.67
N SER A 44 -6.57 -8.80 -6.98
CA SER A 44 -5.64 -9.68 -6.27
C SER A 44 -5.59 -9.35 -4.79
N ILE A 45 -5.67 -8.07 -4.45
CA ILE A 45 -5.58 -7.64 -3.06
C ILE A 45 -6.82 -8.07 -2.27
N ARG A 46 -7.99 -7.96 -2.90
CA ARG A 46 -9.23 -8.37 -2.24
C ARG A 46 -9.34 -9.89 -2.17
N ARG A 47 -8.75 -10.59 -3.15
CA ARG A 47 -8.72 -12.05 -3.11
C ARG A 47 -7.79 -12.55 -2.01
N GLY A 48 -6.68 -11.86 -1.84
CA GLY A 48 -5.68 -12.28 -0.86
C GLY A 48 -4.38 -12.64 -1.53
N GLU A 49 -4.28 -12.34 -2.81
CA GLU A 49 -3.08 -12.59 -3.58
C GLU A 49 -2.12 -11.42 -3.45
N VAL A 50 -0.99 -11.51 -4.12
CA VAL A 50 0.04 -10.49 -4.03
C VAL A 50 0.23 -9.77 -5.35
N PRO A 51 0.22 -8.43 -5.34
CA PRO A 51 0.52 -7.62 -6.52
C PRO A 51 2.02 -7.67 -6.85
N ALA A 52 2.32 -7.90 -8.13
CA ALA A 52 3.69 -8.11 -8.59
C ALA A 52 4.56 -6.90 -8.33
N GLU A 53 3.95 -5.73 -8.34
CA GLU A 53 4.63 -4.47 -8.06
C GLU A 53 5.32 -4.54 -6.70
N LEU A 54 4.60 -5.07 -5.72
CA LEU A 54 5.09 -5.10 -4.35
C LEU A 54 5.94 -6.34 -4.14
N ARG A 55 5.55 -7.42 -4.82
CA ARG A 55 6.32 -8.66 -4.78
C ARG A 55 7.71 -8.43 -5.35
N ARG A 56 7.76 -7.66 -6.43
CA ARG A 56 9.02 -7.27 -7.05
C ARG A 56 9.58 -6.02 -6.37
N LEU A 57 9.03 -5.68 -5.22
CA LEU A 57 9.57 -4.62 -4.38
C LEU A 57 10.24 -5.28 -3.18
N ALA A 58 9.63 -6.38 -2.75
CA ALA A 58 10.27 -7.32 -1.87
C ALA A 58 11.21 -8.20 -2.70
N HIS A 59 11.96 -9.04 -2.02
CA HIS A 59 12.86 -9.97 -2.70
C HIS A 59 12.09 -11.13 -3.32
N GLY A 60 10.80 -10.96 -3.50
CA GLY A 60 9.94 -12.08 -3.78
C GLY A 60 9.66 -12.86 -2.52
N GLY A 61 9.42 -12.13 -1.44
CA GLY A 61 9.15 -12.75 -0.16
C GLY A 61 8.10 -11.99 0.61
N GLN A 62 8.43 -11.61 1.84
CA GLN A 62 7.53 -10.83 2.68
C GLN A 62 7.06 -9.58 1.95
N VAL A 63 5.80 -9.58 1.57
CA VAL A 63 5.21 -8.47 0.86
C VAL A 63 3.80 -8.20 1.40
N ASN A 64 3.67 -7.15 2.19
CA ASN A 64 2.38 -6.81 2.77
C ASN A 64 2.10 -5.33 2.65
N LEU A 65 0.83 -4.97 2.76
CA LEU A 65 0.42 -3.59 2.58
C LEU A 65 -0.57 -3.17 3.66
N ASP A 66 -0.77 -1.87 3.75
CA ASP A 66 -1.81 -1.30 4.59
C ASP A 66 -2.64 -0.35 3.74
N MET A 67 -3.95 -0.35 3.95
CA MET A 67 -4.83 0.48 3.14
C MET A 67 -5.43 1.64 3.95
N GLU A 68 -5.20 2.84 3.47
CA GLU A 68 -5.73 4.04 4.07
C GLU A 68 -6.87 4.57 3.23
N ASP A 69 -7.76 5.32 3.84
CA ASP A 69 -8.85 5.95 3.11
C ASP A 69 -8.65 7.46 3.04
N HIS A 70 -8.48 7.95 1.83
CA HIS A 70 -8.37 9.39 1.57
C HIS A 70 -9.16 9.72 0.33
N ARG A 71 -10.32 9.12 0.20
CA ARG A 71 -11.13 9.33 -0.97
C ARG A 71 -11.78 10.71 -0.91
N ASP A 72 -11.80 11.38 -2.06
CA ASP A 72 -12.24 12.78 -2.18
C ASP A 72 -11.17 13.73 -1.62
N GLU A 73 -10.09 13.16 -1.09
CA GLU A 73 -8.97 13.94 -0.56
C GLU A 73 -8.01 14.31 -1.69
N ASP A 74 -7.94 13.43 -2.69
CA ASP A 74 -7.06 13.56 -3.85
C ASP A 74 -5.63 13.15 -3.51
N PHE A 75 -4.89 12.78 -4.55
CA PHE A 75 -3.59 12.11 -4.42
C PHE A 75 -2.53 12.92 -3.68
N VAL A 76 -2.01 12.33 -2.60
CA VAL A 76 -0.89 12.88 -1.86
C VAL A 76 -0.05 11.76 -1.21
N LYS A 77 1.11 11.44 -1.81
CA LYS A 77 2.09 10.58 -1.13
C LYS A 77 3.47 10.53 -1.85
N PRO A 78 3.61 9.80 -2.96
CA PRO A 78 4.89 9.69 -3.70
C PRO A 78 5.26 10.97 -4.45
N LYS A 79 4.53 12.04 -4.21
CA LYS A 79 4.73 13.26 -4.97
C LYS A 79 5.75 14.19 -4.30
N GLY A 80 6.72 13.58 -3.62
CA GLY A 80 7.84 14.32 -3.07
C GLY A 80 7.55 15.06 -1.78
N ALA A 81 6.53 15.89 -1.80
CA ALA A 81 6.19 16.75 -0.65
C ALA A 81 6.10 15.97 0.66
N PHE A 82 5.16 15.04 0.73
CA PHE A 82 4.98 14.24 1.94
C PHE A 82 4.26 12.94 1.60
N LYS A 83 4.65 11.87 2.27
CA LYS A 83 4.06 10.55 2.00
C LYS A 83 2.75 10.38 2.76
N ALA A 84 2.36 11.43 3.48
CA ALA A 84 1.04 11.54 4.09
C ALA A 84 0.69 10.36 4.99
N PHE A 85 1.69 9.84 5.70
CA PHE A 85 1.47 8.69 6.56
C PHE A 85 1.02 9.15 7.94
N THR A 86 -0.20 8.78 8.31
CA THR A 86 -0.74 9.14 9.60
C THR A 86 -1.56 7.98 10.15
N GLY A 87 -1.54 7.83 11.47
CA GLY A 87 -2.22 6.72 12.10
C GLY A 87 -3.48 7.14 12.83
N GLU A 88 -3.45 8.31 13.44
CA GLU A 88 -4.57 8.81 14.22
C GLU A 88 -5.78 9.04 13.32
N GLY A 89 -6.89 8.38 13.65
CA GLY A 89 -8.09 8.52 12.86
C GLY A 89 -8.20 7.45 11.79
N GLN A 90 -7.06 6.90 11.40
CA GLN A 90 -7.02 5.88 10.35
C GLN A 90 -6.92 4.49 10.97
N LYS A 91 -5.83 4.26 11.70
CA LYS A 91 -5.60 2.99 12.37
C LYS A 91 -5.60 3.20 13.88
N LEU A 92 -6.61 3.92 14.35
CA LEU A 92 -6.72 4.32 15.75
C LEU A 92 -7.30 3.19 16.61
N GLY A 93 -6.68 2.03 16.53
CA GLY A 93 -7.20 0.86 17.21
C GLY A 93 -8.09 0.04 16.29
N SER A 94 -7.78 0.10 15.00
CA SER A 94 -8.55 -0.62 13.99
C SER A 94 -8.16 -2.10 13.96
N THR A 95 -7.27 -2.50 14.85
CA THR A 95 -6.80 -3.87 14.91
C THR A 95 -6.53 -4.26 16.37
N ALA A 96 -7.32 -3.69 17.27
CA ALA A 96 -7.15 -3.92 18.70
C ALA A 96 -8.49 -3.93 19.41
N PRO A 97 -8.82 -5.05 20.09
CA PRO A 97 -10.06 -5.16 20.88
C PRO A 97 -10.05 -4.23 22.08
N GLN A 98 -8.84 -3.90 22.53
CA GLN A 98 -8.65 -2.95 23.63
C GLN A 98 -8.51 -1.54 23.07
N VAL A 99 -9.52 -0.71 23.33
CA VAL A 99 -9.53 0.63 22.79
C VAL A 99 -8.74 1.59 23.68
N LEU A 100 -7.43 1.48 23.59
CA LEU A 100 -6.52 2.33 24.33
C LEU A 100 -5.42 2.81 23.40
N SER A 101 -5.88 3.34 22.27
CA SER A 101 -5.03 3.77 21.16
C SER A 101 -4.50 2.55 20.40
N THR A 102 -3.82 1.67 21.10
CA THR A 102 -3.36 0.40 20.52
C THR A 102 -3.17 -0.62 21.63
N GLY A 1 32.75 -8.74 9.40
CA GLY A 1 32.49 -10.18 9.14
C GLY A 1 31.01 -10.51 9.20
N SER A 2 30.70 -11.74 9.57
CA SER A 2 29.32 -12.21 9.58
C SER A 2 28.65 -11.90 10.92
N GLU A 3 27.89 -10.82 10.96
CA GLU A 3 27.10 -10.49 12.13
C GLU A 3 25.78 -11.26 12.08
N LYS A 4 24.99 -10.94 11.07
CA LYS A 4 23.73 -11.63 10.86
C LYS A 4 23.63 -12.10 9.42
N ARG A 5 23.34 -11.16 8.50
CA ARG A 5 23.14 -11.49 7.09
C ARG A 5 22.00 -12.49 6.92
N GLN A 6 21.83 -12.98 5.69
CA GLN A 6 20.91 -14.08 5.40
C GLN A 6 19.48 -13.75 5.84
N HIS A 7 18.83 -12.86 5.13
CA HIS A 7 17.45 -12.50 5.45
C HIS A 7 16.51 -12.95 4.33
N SER A 8 16.00 -14.16 4.47
CA SER A 8 15.07 -14.72 3.52
C SER A 8 13.87 -15.29 4.25
N SER A 9 12.88 -15.76 3.49
CA SER A 9 11.68 -16.36 4.07
C SER A 9 10.95 -15.35 4.96
N GLN A 10 11.05 -14.09 4.57
CA GLN A 10 10.46 -13.01 5.34
C GLN A 10 8.99 -12.81 4.97
N ASP A 11 8.69 -12.94 3.68
CA ASP A 11 7.32 -12.82 3.17
C ASP A 11 6.79 -11.39 3.35
N VAL A 12 6.33 -10.80 2.26
CA VAL A 12 6.01 -9.38 2.27
C VAL A 12 4.54 -9.12 2.61
N HIS A 13 4.33 -8.21 3.54
CA HIS A 13 3.00 -7.70 3.82
C HIS A 13 2.90 -6.32 3.20
N VAL A 14 2.09 -6.22 2.17
CA VAL A 14 2.02 -5.02 1.36
C VAL A 14 0.80 -4.22 1.71
N VAL A 15 1.03 -3.15 2.44
CA VAL A 15 -0.03 -2.22 2.76
C VAL A 15 -0.08 -1.15 1.68
N LEU A 16 -1.07 -1.26 0.81
CA LEU A 16 -1.15 -0.37 -0.33
C LEU A 16 -2.22 0.68 -0.09
N LYS A 17 -1.79 1.91 0.01
CA LYS A 17 -2.72 3.02 0.19
C LYS A 17 -2.85 3.78 -1.12
N LEU A 18 -4.07 4.08 -1.47
CA LEU A 18 -4.43 4.68 -2.74
C LEU A 18 -4.66 6.17 -2.52
N TRP A 19 -3.79 7.00 -3.08
CA TRP A 19 -3.82 8.43 -2.81
C TRP A 19 -4.32 9.24 -4.01
N LYS A 20 -4.16 10.55 -3.94
CA LYS A 20 -4.56 11.43 -5.02
C LYS A 20 -3.59 11.37 -6.20
N SER A 21 -2.30 11.29 -5.91
CA SER A 21 -1.28 11.32 -6.95
C SER A 21 -0.93 9.90 -7.40
N GLY A 22 -0.99 8.96 -6.47
CA GLY A 22 -0.62 7.60 -6.79
C GLY A 22 -0.96 6.63 -5.68
N PHE A 23 -0.08 5.68 -5.45
CA PHE A 23 -0.30 4.61 -4.49
C PHE A 23 0.99 4.30 -3.74
N SER A 24 0.88 3.97 -2.46
CA SER A 24 2.07 3.63 -1.67
C SER A 24 1.94 2.24 -1.09
N LEU A 25 3.05 1.52 -1.06
CA LEU A 25 3.08 0.17 -0.53
C LEU A 25 3.91 0.16 0.73
N ASP A 26 4.31 -1.02 1.20
CA ASP A 26 5.29 -1.08 2.28
C ASP A 26 6.69 -0.94 1.69
N ASN A 27 6.90 -1.65 0.60
CA ASN A 27 8.17 -1.63 -0.14
C ASN A 27 8.54 -0.22 -0.62
N GLY A 28 7.54 0.51 -1.11
CA GLY A 28 7.78 1.85 -1.61
C GLY A 28 6.74 2.82 -1.12
N GLU A 29 7.03 4.10 -1.22
CA GLU A 29 6.11 5.13 -0.76
C GLU A 29 5.17 5.56 -1.88
N LEU A 30 4.48 6.69 -1.69
CA LEU A 30 3.49 7.16 -2.66
C LEU A 30 4.14 7.33 -4.03
N ARG A 31 3.77 6.44 -4.94
CA ARG A 31 4.21 6.48 -6.32
C ARG A 31 3.04 6.85 -7.23
N SER A 32 3.21 7.91 -8.00
CA SER A 32 2.15 8.39 -8.90
C SER A 32 1.82 7.38 -9.99
N TYR A 33 0.53 7.29 -10.33
CA TYR A 33 0.03 6.29 -11.28
C TYR A 33 0.63 6.49 -12.67
N GLN A 34 1.14 7.68 -12.90
CA GLN A 34 1.59 8.09 -14.23
C GLN A 34 2.98 7.55 -14.54
N ASP A 35 3.78 7.35 -13.50
CA ASP A 35 5.15 6.91 -13.66
C ASP A 35 5.23 5.47 -14.18
N PRO A 36 6.05 5.23 -15.22
CA PRO A 36 6.16 3.92 -15.89
C PRO A 36 6.61 2.78 -14.97
N SER A 37 7.30 3.12 -13.88
CA SER A 37 7.77 2.10 -12.96
C SER A 37 6.61 1.66 -12.09
N ASN A 38 5.68 2.58 -11.91
CA ASN A 38 4.52 2.36 -11.09
C ASN A 38 3.42 1.71 -11.91
N ALA A 39 3.50 1.87 -13.22
CA ALA A 39 2.61 1.19 -14.13
C ALA A 39 2.78 -0.32 -14.00
N GLN A 40 4.00 -0.73 -13.62
CA GLN A 40 4.30 -2.12 -13.31
C GLN A 40 3.32 -2.65 -12.27
N PHE A 41 3.15 -1.89 -11.20
CA PHE A 41 2.23 -2.25 -10.12
C PHE A 41 0.81 -2.25 -10.66
N LEU A 42 0.38 -1.10 -11.15
CA LEU A 42 -0.99 -0.90 -11.59
C LEU A 42 -1.44 -1.97 -12.57
N GLU A 43 -0.57 -2.32 -13.51
CA GLU A 43 -0.92 -3.30 -14.53
C GLU A 43 -1.00 -4.71 -13.93
N SER A 44 0.03 -5.10 -13.19
CA SER A 44 0.06 -6.42 -12.58
C SER A 44 -1.10 -6.60 -11.62
N ILE A 45 -1.36 -5.58 -10.81
CA ILE A 45 -2.42 -5.64 -9.81
C ILE A 45 -3.79 -5.57 -10.49
N ARG A 46 -3.82 -4.92 -11.65
CA ARG A 46 -5.00 -4.86 -12.49
C ARG A 46 -5.38 -6.25 -12.99
N ARG A 47 -4.38 -6.97 -13.50
CA ARG A 47 -4.59 -8.30 -14.04
C ARG A 47 -4.91 -9.29 -12.93
N GLY A 48 -4.16 -9.17 -11.83
CA GLY A 48 -4.25 -10.14 -10.76
C GLY A 48 -2.96 -10.90 -10.63
N GLU A 49 -1.87 -10.23 -10.99
CA GLU A 49 -0.54 -10.81 -10.95
C GLU A 49 0.26 -10.18 -9.81
N VAL A 50 1.44 -10.71 -9.57
CA VAL A 50 2.30 -10.20 -8.51
C VAL A 50 3.29 -9.17 -9.06
N PRO A 51 3.23 -7.93 -8.54
CA PRO A 51 4.24 -6.91 -8.83
C PRO A 51 5.63 -7.41 -8.45
N ALA A 52 6.56 -7.34 -9.40
CA ALA A 52 7.90 -7.86 -9.23
C ALA A 52 8.59 -7.22 -8.03
N GLU A 53 8.24 -5.96 -7.77
CA GLU A 53 8.79 -5.23 -6.64
C GLU A 53 8.56 -5.96 -5.32
N LEU A 54 7.49 -6.74 -5.25
CA LEU A 54 7.17 -7.48 -4.03
C LEU A 54 8.10 -8.68 -3.90
N ARG A 55 8.41 -9.31 -5.02
CA ARG A 55 9.37 -10.41 -5.05
C ARG A 55 10.79 -9.87 -4.89
N ARG A 56 10.99 -8.62 -5.31
CA ARG A 56 12.27 -7.95 -5.14
C ARG A 56 12.43 -7.45 -3.71
N LEU A 57 11.41 -7.70 -2.91
CA LEU A 57 11.44 -7.34 -1.50
C LEU A 57 11.46 -8.60 -0.65
N ALA A 58 10.44 -9.43 -0.81
CA ALA A 58 10.34 -10.66 -0.05
C ALA A 58 10.82 -11.85 -0.85
N HIS A 59 11.59 -12.70 -0.20
CA HIS A 59 12.07 -13.93 -0.82
C HIS A 59 11.49 -15.10 -0.06
N GLY A 60 10.28 -15.48 -0.46
CA GLY A 60 9.55 -16.54 0.21
C GLY A 60 8.36 -16.93 -0.61
N GLY A 61 7.71 -15.91 -1.17
CA GLY A 61 6.62 -16.14 -2.09
C GLY A 61 5.30 -15.62 -1.59
N GLN A 62 5.22 -15.33 -0.32
CA GLN A 62 4.01 -14.80 0.25
C GLN A 62 3.90 -13.31 -0.03
N VAL A 63 2.85 -12.92 -0.73
CA VAL A 63 2.59 -11.52 -1.02
C VAL A 63 1.16 -11.15 -0.62
N ASN A 64 1.04 -10.46 0.51
CA ASN A 64 -0.25 -10.02 1.01
C ASN A 64 -0.44 -8.53 0.78
N LEU A 65 -1.23 -8.18 -0.22
CA LEU A 65 -1.43 -6.78 -0.57
C LEU A 65 -2.86 -6.35 -0.28
N ASP A 66 -3.00 -5.35 0.57
CA ASP A 66 -4.31 -4.80 0.92
C ASP A 66 -4.44 -3.38 0.39
N MET A 67 -5.51 -3.12 -0.35
CA MET A 67 -5.77 -1.77 -0.86
C MET A 67 -6.58 -0.95 0.12
N GLU A 68 -6.10 0.25 0.39
CA GLU A 68 -6.84 1.23 1.18
C GLU A 68 -7.05 2.48 0.34
N ASP A 69 -8.16 3.16 0.53
CA ASP A 69 -8.44 4.37 -0.22
C ASP A 69 -8.21 5.61 0.64
N HIS A 70 -7.16 6.34 0.30
CA HIS A 70 -6.79 7.57 1.01
C HIS A 70 -6.61 8.70 0.02
N ARG A 71 -7.34 8.65 -1.08
CA ARG A 71 -7.22 9.67 -2.11
C ARG A 71 -7.77 10.98 -1.59
N ASP A 72 -7.15 12.07 -2.02
CA ASP A 72 -7.47 13.42 -1.57
C ASP A 72 -7.01 13.65 -0.12
N GLU A 73 -6.58 12.58 0.55
CA GLU A 73 -6.00 12.67 1.88
C GLU A 73 -4.53 13.06 1.79
N ASP A 74 -3.88 12.57 0.73
CA ASP A 74 -2.44 12.76 0.49
C ASP A 74 -1.61 11.87 1.41
N PHE A 75 -0.38 11.64 1.00
CA PHE A 75 0.44 10.55 1.52
C PHE A 75 0.89 10.72 2.97
N VAL A 76 0.94 9.59 3.66
CA VAL A 76 1.50 9.48 4.99
C VAL A 76 2.01 8.05 5.20
N LYS A 77 1.21 7.08 4.72
CA LYS A 77 1.47 5.64 4.81
C LYS A 77 1.73 5.19 6.27
N PRO A 78 1.89 3.88 6.51
CA PRO A 78 2.19 3.37 7.85
C PRO A 78 3.58 3.78 8.31
N LYS A 79 4.57 3.54 7.43
CA LYS A 79 5.98 3.88 7.68
C LYS A 79 6.59 2.99 8.76
N GLY A 80 5.93 2.95 9.91
CA GLY A 80 6.41 2.16 11.01
C GLY A 80 5.84 2.66 12.34
N ALA A 81 5.21 3.82 12.29
CA ALA A 81 4.59 4.40 13.47
C ALA A 81 3.20 3.81 13.70
N PHE A 82 2.26 4.17 12.84
CA PHE A 82 0.89 3.69 12.95
C PHE A 82 0.29 3.52 11.56
N LYS A 83 -0.67 2.64 11.44
CA LYS A 83 -1.35 2.41 10.18
C LYS A 83 -2.59 3.30 10.07
N ALA A 84 -2.41 4.45 9.45
CA ALA A 84 -3.50 5.42 9.25
C ALA A 84 -4.71 4.78 8.58
N PHE A 85 -5.87 4.94 9.21
CA PHE A 85 -7.12 4.35 8.70
C PHE A 85 -7.97 5.41 8.01
N THR A 86 -8.94 4.96 7.23
CA THR A 86 -9.93 5.84 6.65
C THR A 86 -11.33 5.29 6.88
N GLY A 87 -12.14 6.03 7.62
CA GLY A 87 -13.50 5.65 7.88
C GLY A 87 -14.34 6.84 8.27
N GLU A 88 -13.77 7.68 9.13
CA GLU A 88 -14.43 8.89 9.58
C GLU A 88 -14.51 9.91 8.44
N GLY A 89 -13.45 9.95 7.62
CA GLY A 89 -13.42 10.84 6.48
C GLY A 89 -14.29 10.34 5.34
N GLN A 90 -14.74 9.10 5.45
CA GLN A 90 -15.62 8.52 4.44
C GLN A 90 -17.08 8.72 4.81
N LYS A 91 -17.51 8.11 5.91
CA LYS A 91 -18.90 8.22 6.34
C LYS A 91 -18.99 8.53 7.83
N LEU A 92 -17.96 8.15 8.58
CA LEU A 92 -17.88 8.36 10.04
C LEU A 92 -18.86 7.43 10.77
N GLY A 93 -20.14 7.59 10.49
CA GLY A 93 -21.16 6.81 11.14
C GLY A 93 -22.46 7.57 11.18
N SER A 94 -23.54 6.91 10.77
CA SER A 94 -24.84 7.56 10.69
C SER A 94 -25.57 7.53 12.03
N THR A 95 -24.80 7.48 13.11
CA THR A 95 -25.34 7.55 14.46
C THR A 95 -25.89 8.95 14.71
N ALA A 96 -25.37 9.91 13.94
CA ALA A 96 -25.90 11.27 13.93
C ALA A 96 -26.17 11.68 12.49
N PRO A 97 -27.37 11.35 11.97
CA PRO A 97 -27.74 11.59 10.57
C PRO A 97 -27.63 13.06 10.18
N GLN A 98 -28.05 13.93 11.08
CA GLN A 98 -28.04 15.37 10.84
C GLN A 98 -27.12 16.07 11.83
N VAL A 99 -26.26 16.95 11.32
CA VAL A 99 -25.39 17.74 12.19
C VAL A 99 -26.18 18.92 12.78
N LEU A 100 -27.18 18.58 13.57
CA LEU A 100 -28.06 19.56 14.20
C LEU A 100 -28.89 18.88 15.28
N SER A 101 -29.61 17.85 14.87
CA SER A 101 -30.50 17.14 15.76
C SER A 101 -29.74 16.32 16.79
N THR A 102 -30.32 16.23 17.98
CA THR A 102 -29.78 15.44 19.06
C THR A 102 -30.88 15.09 20.05
N GLY A 1 18.66 -18.30 -12.03
CA GLY A 1 19.59 -17.47 -11.23
C GLY A 1 19.69 -16.06 -11.76
N SER A 2 20.90 -15.51 -11.78
CA SER A 2 21.12 -14.15 -12.25
C SER A 2 21.31 -14.13 -13.78
N GLU A 3 21.93 -15.18 -14.29
CA GLU A 3 22.25 -15.28 -15.71
C GLU A 3 20.98 -15.59 -16.49
N LYS A 4 20.23 -16.55 -15.99
CA LYS A 4 18.93 -16.88 -16.54
C LYS A 4 17.86 -16.73 -15.47
N ARG A 5 17.19 -15.60 -15.49
CA ARG A 5 16.25 -15.24 -14.45
C ARG A 5 14.81 -15.23 -14.93
N GLN A 6 13.90 -15.23 -13.98
CA GLN A 6 12.47 -15.19 -14.25
C GLN A 6 11.75 -14.45 -13.13
N HIS A 7 12.24 -14.60 -11.91
CA HIS A 7 11.63 -13.95 -10.75
C HIS A 7 12.69 -13.24 -9.92
N SER A 8 13.15 -12.11 -10.43
CA SER A 8 14.15 -11.30 -9.75
C SER A 8 13.87 -9.83 -10.03
N SER A 9 14.36 -8.95 -9.14
CA SER A 9 14.03 -7.54 -9.20
C SER A 9 12.51 -7.38 -9.14
N GLN A 10 11.91 -8.13 -8.23
CA GLN A 10 10.46 -8.18 -8.09
C GLN A 10 10.01 -7.14 -7.07
N ASP A 11 10.57 -5.95 -7.25
CA ASP A 11 10.21 -4.75 -6.50
C ASP A 11 8.81 -4.78 -5.92
N VAL A 12 8.71 -4.45 -4.63
CA VAL A 12 7.41 -4.21 -4.05
C VAL A 12 7.02 -2.77 -4.29
N HIS A 13 5.96 -2.60 -5.02
CA HIS A 13 5.38 -1.31 -5.19
C HIS A 13 4.22 -1.26 -4.25
N VAL A 14 4.40 -0.54 -3.17
CA VAL A 14 3.52 -0.68 -2.05
C VAL A 14 2.53 0.45 -2.08
N VAL A 15 1.34 0.14 -2.52
CA VAL A 15 0.27 1.08 -2.54
C VAL A 15 -0.35 1.14 -1.16
N LEU A 16 -0.16 2.26 -0.50
CA LEU A 16 -0.68 2.43 0.83
C LEU A 16 -1.90 3.31 0.75
N LYS A 17 -3.04 2.72 1.01
CA LYS A 17 -4.26 3.48 1.05
C LYS A 17 -4.65 3.70 2.50
N LEU A 18 -5.01 4.93 2.81
CA LEU A 18 -5.30 5.37 4.16
C LEU A 18 -6.82 5.39 4.32
N TRP A 19 -7.32 4.62 5.28
CA TRP A 19 -8.74 4.43 5.44
C TRP A 19 -9.23 5.13 6.70
N LYS A 20 -10.46 4.88 7.10
CA LYS A 20 -11.01 5.54 8.27
C LYS A 20 -10.54 4.86 9.56
N SER A 21 -10.42 3.55 9.53
CA SER A 21 -10.03 2.80 10.70
C SER A 21 -8.53 2.52 10.71
N GLY A 22 -7.95 2.36 9.53
CA GLY A 22 -6.54 2.05 9.45
C GLY A 22 -5.98 2.21 8.05
N PHE A 23 -4.90 1.51 7.75
CA PHE A 23 -4.22 1.62 6.47
C PHE A 23 -3.97 0.22 5.90
N SER A 24 -3.73 0.15 4.60
CA SER A 24 -3.46 -1.11 3.95
C SER A 24 -2.33 -0.95 2.95
N LEU A 25 -1.50 -1.98 2.83
CA LEU A 25 -0.37 -1.98 1.93
C LEU A 25 -0.67 -2.85 0.72
N ASP A 26 0.27 -2.97 -0.20
CA ASP A 26 0.16 -3.91 -1.31
C ASP A 26 0.21 -5.36 -0.80
N ASN A 27 0.73 -5.51 0.41
CA ASN A 27 0.99 -6.83 0.99
C ASN A 27 -0.26 -7.46 1.62
N GLY A 28 -1.29 -6.67 1.87
CA GLY A 28 -2.44 -7.18 2.58
C GLY A 28 -3.58 -6.20 2.69
N GLU A 29 -4.37 -6.35 3.75
CA GLU A 29 -5.61 -5.61 3.90
C GLU A 29 -5.52 -4.47 4.91
N LEU A 30 -6.66 -3.90 5.24
CA LEU A 30 -6.79 -2.73 6.09
C LEU A 30 -6.65 -3.13 7.57
N ARG A 31 -5.62 -2.57 8.22
CA ARG A 31 -5.44 -2.75 9.66
C ARG A 31 -5.69 -1.43 10.39
N SER A 32 -6.54 -1.47 11.41
CA SER A 32 -6.88 -0.29 12.19
C SER A 32 -5.67 0.18 13.00
N TYR A 33 -5.41 1.50 12.96
CA TYR A 33 -4.19 2.08 13.50
C TYR A 33 -3.98 1.72 14.99
N GLN A 34 -5.05 1.33 15.65
CA GLN A 34 -4.99 0.94 17.07
C GLN A 34 -4.24 -0.37 17.23
N ASP A 35 -4.40 -1.27 16.27
CA ASP A 35 -3.76 -2.59 16.31
C ASP A 35 -2.24 -2.47 16.37
N PRO A 36 -1.62 -3.06 17.41
CA PRO A 36 -0.18 -2.96 17.65
C PRO A 36 0.67 -3.58 16.54
N SER A 37 0.05 -4.38 15.68
CA SER A 37 0.78 -5.04 14.62
C SER A 37 1.05 -4.07 13.47
N ASN A 38 0.11 -3.16 13.22
CA ASN A 38 0.29 -2.18 12.15
C ASN A 38 0.91 -0.91 12.68
N ALA A 39 0.79 -0.68 13.97
CA ALA A 39 1.47 0.44 14.64
C ALA A 39 2.94 0.48 14.22
N GLN A 40 3.52 -0.69 14.00
CA GLN A 40 4.87 -0.83 13.47
C GLN A 40 5.02 -0.02 12.19
N PHE A 41 4.19 -0.35 11.20
CA PHE A 41 4.25 0.30 9.90
C PHE A 41 4.14 1.80 10.05
N LEU A 42 3.11 2.24 10.78
CA LEU A 42 2.89 3.67 11.02
C LEU A 42 4.18 4.37 11.38
N GLU A 43 4.82 3.86 12.41
CA GLU A 43 6.06 4.41 12.93
C GLU A 43 7.19 4.29 11.93
N SER A 44 7.47 3.07 11.48
CA SER A 44 8.59 2.85 10.56
C SER A 44 8.45 3.70 9.30
N ILE A 45 7.23 3.76 8.77
CA ILE A 45 7.02 4.42 7.49
C ILE A 45 7.05 5.95 7.64
N ARG A 46 6.61 6.46 8.79
CA ARG A 46 6.70 7.89 9.06
C ARG A 46 8.15 8.30 9.27
N ARG A 47 8.96 7.34 9.71
CA ARG A 47 10.39 7.56 9.90
C ARG A 47 11.18 7.38 8.60
N GLY A 48 10.52 6.82 7.60
CA GLY A 48 11.17 6.60 6.32
C GLY A 48 11.83 5.24 6.23
N GLU A 49 11.51 4.38 7.19
CA GLU A 49 12.03 3.04 7.20
C GLU A 49 11.10 2.10 6.46
N VAL A 50 11.58 0.91 6.16
CA VAL A 50 10.79 -0.05 5.40
C VAL A 50 10.43 -1.26 6.24
N PRO A 51 9.13 -1.49 6.47
CA PRO A 51 8.65 -2.66 7.20
C PRO A 51 8.95 -3.96 6.47
N ALA A 52 9.27 -5.01 7.25
CA ALA A 52 9.71 -6.29 6.70
C ALA A 52 8.57 -7.01 6.01
N GLU A 53 7.35 -6.56 6.24
CA GLU A 53 6.18 -7.14 5.61
C GLU A 53 6.24 -6.97 4.10
N LEU A 54 6.56 -5.76 3.67
CA LEU A 54 6.64 -5.43 2.26
C LEU A 54 8.04 -5.70 1.74
N ARG A 55 9.03 -5.35 2.56
CA ARG A 55 10.43 -5.56 2.18
C ARG A 55 10.72 -7.03 1.97
N ARG A 56 10.47 -7.84 2.99
CA ARG A 56 10.58 -9.28 2.85
C ARG A 56 9.30 -9.83 2.21
N LEU A 57 8.91 -9.18 1.14
CA LEU A 57 7.87 -9.67 0.25
C LEU A 57 8.40 -9.61 -1.17
N ALA A 58 8.89 -8.44 -1.54
CA ALA A 58 9.59 -8.25 -2.82
C ALA A 58 10.79 -9.17 -2.95
N HIS A 59 10.95 -9.73 -4.13
CA HIS A 59 12.12 -10.54 -4.45
C HIS A 59 13.12 -9.70 -5.23
N GLY A 60 13.85 -8.86 -4.49
CA GLY A 60 14.79 -7.96 -5.12
C GLY A 60 15.26 -6.88 -4.17
N GLY A 61 14.37 -6.45 -3.28
CA GLY A 61 14.74 -5.50 -2.25
C GLY A 61 14.27 -4.10 -2.53
N GLN A 62 13.87 -3.86 -3.77
CA GLN A 62 13.36 -2.57 -4.15
C GLN A 62 11.97 -2.35 -3.56
N VAL A 63 11.80 -1.24 -2.85
CA VAL A 63 10.54 -0.94 -2.17
C VAL A 63 10.08 0.48 -2.47
N ASN A 64 9.05 0.61 -3.29
CA ASN A 64 8.48 1.91 -3.60
C ASN A 64 7.05 2.00 -3.07
N LEU A 65 6.86 2.79 -2.02
CA LEU A 65 5.57 2.92 -1.38
C LEU A 65 4.93 4.27 -1.70
N ASP A 66 3.67 4.23 -2.11
CA ASP A 66 2.89 5.43 -2.41
C ASP A 66 1.71 5.52 -1.48
N MET A 67 1.34 6.72 -1.07
CA MET A 67 0.23 6.90 -0.13
C MET A 67 -0.99 7.52 -0.81
N GLU A 68 -2.15 6.94 -0.53
CA GLU A 68 -3.42 7.46 -1.01
C GLU A 68 -4.32 7.84 0.17
N ASP A 69 -5.25 8.75 -0.07
CA ASP A 69 -6.21 9.16 0.94
C ASP A 69 -7.62 8.76 0.51
N HIS A 70 -8.24 7.87 1.27
CA HIS A 70 -9.61 7.44 0.97
C HIS A 70 -10.48 7.57 2.21
N ARG A 71 -9.99 6.95 3.29
CA ARG A 71 -10.59 7.02 4.62
C ARG A 71 -12.08 6.67 4.65
N ASP A 72 -12.95 7.65 4.40
CA ASP A 72 -14.38 7.44 4.50
C ASP A 72 -14.91 6.58 3.35
N GLU A 73 -14.01 6.19 2.47
CA GLU A 73 -14.31 5.26 1.38
C GLU A 73 -14.35 3.82 1.87
N ASP A 74 -13.72 3.59 3.03
CA ASP A 74 -13.51 2.24 3.59
C ASP A 74 -12.61 1.43 2.67
N PHE A 75 -12.31 0.20 3.07
CA PHE A 75 -11.22 -0.55 2.46
C PHE A 75 -11.61 -1.17 1.12
N VAL A 76 -10.67 -1.11 0.19
CA VAL A 76 -10.82 -1.71 -1.13
C VAL A 76 -9.50 -1.63 -1.89
N LYS A 77 -8.87 -2.79 -2.11
CA LYS A 77 -7.66 -2.84 -2.91
C LYS A 77 -7.33 -4.25 -3.44
N PRO A 78 -6.62 -5.13 -2.67
CA PRO A 78 -6.29 -6.48 -3.13
C PRO A 78 -7.53 -7.34 -3.33
N LYS A 79 -8.62 -6.87 -2.75
CA LYS A 79 -9.91 -7.51 -2.92
C LYS A 79 -10.36 -7.37 -4.37
N GLY A 80 -10.19 -6.17 -4.90
CA GLY A 80 -10.53 -5.89 -6.28
C GLY A 80 -9.33 -6.00 -7.19
N ALA A 81 -8.86 -7.23 -7.38
CA ALA A 81 -7.74 -7.53 -8.28
C ALA A 81 -6.41 -7.03 -7.73
N PHE A 82 -6.14 -5.74 -7.88
CA PHE A 82 -4.84 -5.19 -7.50
C PHE A 82 -4.98 -3.86 -6.77
N LYS A 83 -5.08 -2.75 -7.52
CA LYS A 83 -5.08 -1.43 -6.92
C LYS A 83 -6.51 -0.93 -6.69
N ALA A 84 -7.48 -1.67 -7.24
CA ALA A 84 -8.89 -1.31 -7.16
C ALA A 84 -9.16 0.04 -7.84
N PHE A 85 -10.35 0.57 -7.64
CA PHE A 85 -10.76 1.84 -8.21
C PHE A 85 -12.03 2.35 -7.55
N THR A 86 -12.09 3.65 -7.30
CA THR A 86 -13.26 4.28 -6.73
C THR A 86 -14.36 4.43 -7.78
N GLY A 87 -13.96 4.49 -9.05
CA GLY A 87 -14.90 4.57 -10.15
C GLY A 87 -15.43 5.98 -10.35
N GLU A 88 -16.23 6.45 -9.40
CA GLU A 88 -16.85 7.77 -9.49
C GLU A 88 -15.80 8.87 -9.52
N GLY A 89 -14.74 8.66 -8.75
CA GLY A 89 -13.69 9.63 -8.66
C GLY A 89 -13.59 10.25 -7.28
N GLN A 90 -12.38 10.50 -6.83
CA GLN A 90 -12.17 11.11 -5.52
C GLN A 90 -11.81 12.57 -5.67
N LYS A 91 -11.46 12.95 -6.89
CA LYS A 91 -11.19 14.34 -7.20
C LYS A 91 -12.49 15.05 -7.52
N LEU A 92 -13.26 14.48 -8.44
CA LEU A 92 -14.56 15.02 -8.84
C LEU A 92 -14.44 16.51 -9.16
N GLY A 93 -13.48 16.81 -10.02
CA GLY A 93 -13.15 18.18 -10.37
C GLY A 93 -11.88 18.19 -11.17
N SER A 94 -12.03 18.08 -12.49
CA SER A 94 -10.94 17.72 -13.38
C SER A 94 -10.64 16.23 -13.21
N THR A 95 -10.66 15.49 -14.32
CA THR A 95 -10.69 14.03 -14.31
C THR A 95 -9.60 13.41 -13.44
N ALA A 96 -8.38 13.97 -13.52
CA ALA A 96 -7.20 13.43 -12.85
C ALA A 96 -6.72 12.16 -13.54
N PRO A 97 -5.43 12.13 -13.93
CA PRO A 97 -4.84 10.99 -14.64
C PRO A 97 -4.81 9.75 -13.78
N GLN A 98 -4.70 8.59 -14.43
CA GLN A 98 -4.69 7.33 -13.71
C GLN A 98 -3.37 7.14 -12.95
N VAL A 99 -2.45 6.39 -13.56
CA VAL A 99 -1.16 6.06 -12.95
C VAL A 99 -1.32 5.66 -11.48
N LEU A 100 -1.11 6.63 -10.58
CA LEU A 100 -1.29 6.44 -9.14
C LEU A 100 -0.86 7.70 -8.39
N SER A 101 0.41 8.05 -8.54
CA SER A 101 1.02 9.12 -7.76
C SER A 101 0.83 10.49 -8.43
N THR A 102 -0.34 10.71 -9.00
CA THR A 102 -0.63 11.95 -9.73
C THR A 102 0.22 12.06 -10.99
#